data_2OJX
# 
_entry.id   2OJX 
# 
_audit_conform.dict_name       mmcif_pdbx.dic 
_audit_conform.dict_version    5.377 
_audit_conform.dict_location   http://mmcif.pdb.org/dictionaries/ascii/mmcif_pdbx.dic 
# 
loop_
_database_2.database_id 
_database_2.database_code 
_database_2.pdbx_database_accession 
_database_2.pdbx_DOI 
PDB   2OJX         pdb_00002ojx 10.2210/pdb2ojx/pdb 
RCSB  RCSB041228   ?            ?                   
WWPDB D_1000041228 ?            ?                   
# 
loop_
_pdbx_database_related.db_name 
_pdbx_database_related.db_id 
_pdbx_database_related.details 
_pdbx_database_related.content_type 
PDB 2OGQ 'Molecular and structural basis of Plk1 substrate recognition: Implications in centrosomal localization'               
unspecified 
PDB 2OJS 'Molecular and structural basis of polo-like kinase 1 substrate recognition: Implications in centrosomal localization' 
unspecified 
# 
_pdbx_database_status.status_code                     REL 
_pdbx_database_status.entry_id                        2OJX 
_pdbx_database_status.recvd_initial_deposition_date   2007-01-15 
_pdbx_database_status.deposit_site                    RCSB 
_pdbx_database_status.process_site                    RCSB 
_pdbx_database_status.status_code_sf                  REL 
_pdbx_database_status.status_code_mr                  ? 
_pdbx_database_status.SG_entry                        ? 
_pdbx_database_status.pdb_format_compatible           Y 
_pdbx_database_status.status_code_cs                  ? 
_pdbx_database_status.status_code_nmr_data            ? 
_pdbx_database_status.methods_development_category    ? 
# 
loop_
_audit_author.name 
_audit_author.pdbx_ordinal 
'Garcia-Alvarez, B.'  1 
'de Carcer, G.'       2 
'Ibanez, S.'          3 
'Bragado-Nilsson, E.' 4 
'Montoya, G.'         5 
# 
_citation.id                        primary 
_citation.title                     
'Molecular and structural basis of polo-like kinase 1 substrate recognition: Implications in centrosomal localization.' 
_citation.journal_abbrev            Proc.Natl.Acad.Sci.Usa 
_citation.journal_volume            104 
_citation.page_first                3107 
_citation.page_last                 3112 
_citation.year                      2007 
_citation.journal_id_ASTM           PNASA6 
_citation.country                   US 
_citation.journal_id_ISSN           0027-8424 
_citation.journal_id_CSD            0040 
_citation.book_publisher            ? 
_citation.pdbx_database_id_PubMed   17307877 
_citation.pdbx_database_id_DOI      10.1073/pnas.0609131104 
# 
loop_
_citation_author.citation_id 
_citation_author.name 
_citation_author.ordinal 
_citation_author.identifier_ORCID 
primary 'Garcia-Alvarez, B.'  1 ? 
primary 'de Carcer, G.'       2 ? 
primary 'Ibanez, S.'          3 ? 
primary 'Bragado-Nilsson, E.' 4 ? 
primary 'Montoya, G.'         5 ? 
# 
_cell.entry_id           2OJX 
_cell.length_a           40.186 
_cell.length_b           49.178 
_cell.length_c           56.234 
_cell.angle_alpha        90.00 
_cell.angle_beta         109.48 
_cell.angle_gamma        90.00 
_cell.Z_PDB              2 
_cell.pdbx_unique_axis   ? 
_cell.length_a_esd       ? 
_cell.length_b_esd       ? 
_cell.length_c_esd       ? 
_cell.angle_alpha_esd    ? 
_cell.angle_beta_esd     ? 
_cell.angle_gamma_esd    ? 
# 
_symmetry.entry_id                         2OJX 
_symmetry.space_group_name_H-M             'P 1 21 1' 
_symmetry.pdbx_full_space_group_name_H-M   ? 
_symmetry.cell_setting                     ? 
_symmetry.Int_Tables_number                4 
_symmetry.space_group_name_Hall            ? 
# 
loop_
_entity.id 
_entity.type 
_entity.src_method 
_entity.pdbx_description 
_entity.formula_weight 
_entity.pdbx_number_of_molecules 
_entity.pdbx_ec 
_entity.pdbx_mutation 
_entity.pdbx_fragment 
_entity.details 
1 polymer man 'Serine/threonine-protein kinase PLK1' 27502.334 1  2.7.11.21 ? 'residues 365-603' ? 
2 polymer syn 'Synthetic peptide'                    917.082   1  ?         ? ?                  ? 
3 water   nat water                                  18.015    10 ?         ? ?                  ? 
# 
_entity_name_com.entity_id   1 
_entity_name_com.name        'Polo-like kinase 1, PLK-1, Serine/threonine-protein kinase 13, STPK13' 
# 
loop_
_entity_poly.entity_id 
_entity_poly.type 
_entity_poly.nstd_linkage 
_entity_poly.nstd_monomer 
_entity_poly.pdbx_seq_one_letter_code 
_entity_poly.pdbx_seq_one_letter_code_can 
_entity_poly.pdbx_strand_id 
_entity_poly.pdbx_target_identifier 
1 'polypeptide(L)' no no 
;ETGEVVDCHLSDMLQQLHSVNASKPSERGLVRQEEAEDPACIPIFWVSKWVDYSDKYGLGYQLCDNSVGVLFNDSTRLIL
YNDGDSLQYIERDGTESYLTVSSHPNSLMKKITLLKYFRNYMSEHLLKAGANITPREGDELARLPYLRTWFRTRSAIILH
LSNGSVQINFFQDHTKLILCPLMAAVTYIDEKRDFRTYRLSLLEEYGCCKELASRLRYARTMVDKLLSSRSASNRLKAS
;
;ETGEVVDCHLSDMLQQLHSVNASKPSERGLVRQEEAEDPACIPIFWVSKWVDYSDKYGLGYQLCDNSVGVLFNDSTRLIL
YNDGDSLQYIERDGTESYLTVSSHPNSLMKKITLLKYFRNYMSEHLLKAGANITPREGDELARLPYLRTWFRTRSAIILH
LSNGSVQINFFQDHTKLILCPLMAAVTYIDEKRDFRTYRLSLLEEYGCCKELASRLRYARTMVDKLLSSRSASNRLKAS
;
A ? 
2 'polypeptide(L)' no no LLCSTPNGL LLCSTPNGL E ? 
# 
loop_
_entity_poly_seq.entity_id 
_entity_poly_seq.num 
_entity_poly_seq.mon_id 
_entity_poly_seq.hetero 
1 1   GLU n 
1 2   THR n 
1 3   GLY n 
1 4   GLU n 
1 5   VAL n 
1 6   VAL n 
1 7   ASP n 
1 8   CYS n 
1 9   HIS n 
1 10  LEU n 
1 11  SER n 
1 12  ASP n 
1 13  MET n 
1 14  LEU n 
1 15  GLN n 
1 16  GLN n 
1 17  LEU n 
1 18  HIS n 
1 19  SER n 
1 20  VAL n 
1 21  ASN n 
1 22  ALA n 
1 23  SER n 
1 24  LYS n 
1 25  PRO n 
1 26  SER n 
1 27  GLU n 
1 28  ARG n 
1 29  GLY n 
1 30  LEU n 
1 31  VAL n 
1 32  ARG n 
1 33  GLN n 
1 34  GLU n 
1 35  GLU n 
1 36  ALA n 
1 37  GLU n 
1 38  ASP n 
1 39  PRO n 
1 40  ALA n 
1 41  CYS n 
1 42  ILE n 
1 43  PRO n 
1 44  ILE n 
1 45  PHE n 
1 46  TRP n 
1 47  VAL n 
1 48  SER n 
1 49  LYS n 
1 50  TRP n 
1 51  VAL n 
1 52  ASP n 
1 53  TYR n 
1 54  SER n 
1 55  ASP n 
1 56  LYS n 
1 57  TYR n 
1 58  GLY n 
1 59  LEU n 
1 60  GLY n 
1 61  TYR n 
1 62  GLN n 
1 63  LEU n 
1 64  CYS n 
1 65  ASP n 
1 66  ASN n 
1 67  SER n 
1 68  VAL n 
1 69  GLY n 
1 70  VAL n 
1 71  LEU n 
1 72  PHE n 
1 73  ASN n 
1 74  ASP n 
1 75  SER n 
1 76  THR n 
1 77  ARG n 
1 78  LEU n 
1 79  ILE n 
1 80  LEU n 
1 81  TYR n 
1 82  ASN n 
1 83  ASP n 
1 84  GLY n 
1 85  ASP n 
1 86  SER n 
1 87  LEU n 
1 88  GLN n 
1 89  TYR n 
1 90  ILE n 
1 91  GLU n 
1 92  ARG n 
1 93  ASP n 
1 94  GLY n 
1 95  THR n 
1 96  GLU n 
1 97  SER n 
1 98  TYR n 
1 99  LEU n 
1 100 THR n 
1 101 VAL n 
1 102 SER n 
1 103 SER n 
1 104 HIS n 
1 105 PRO n 
1 106 ASN n 
1 107 SER n 
1 108 LEU n 
1 109 MET n 
1 110 LYS n 
1 111 LYS n 
1 112 ILE n 
1 113 THR n 
1 114 LEU n 
1 115 LEU n 
1 116 LYS n 
1 117 TYR n 
1 118 PHE n 
1 119 ARG n 
1 120 ASN n 
1 121 TYR n 
1 122 MET n 
1 123 SER n 
1 124 GLU n 
1 125 HIS n 
1 126 LEU n 
1 127 LEU n 
1 128 LYS n 
1 129 ALA n 
1 130 GLY n 
1 131 ALA n 
1 132 ASN n 
1 133 ILE n 
1 134 THR n 
1 135 PRO n 
1 136 ARG n 
1 137 GLU n 
1 138 GLY n 
1 139 ASP n 
1 140 GLU n 
1 141 LEU n 
1 142 ALA n 
1 143 ARG n 
1 144 LEU n 
1 145 PRO n 
1 146 TYR n 
1 147 LEU n 
1 148 ARG n 
1 149 THR n 
1 150 TRP n 
1 151 PHE n 
1 152 ARG n 
1 153 THR n 
1 154 ARG n 
1 155 SER n 
1 156 ALA n 
1 157 ILE n 
1 158 ILE n 
1 159 LEU n 
1 160 HIS n 
1 161 LEU n 
1 162 SER n 
1 163 ASN n 
1 164 GLY n 
1 165 SER n 
1 166 VAL n 
1 167 GLN n 
1 168 ILE n 
1 169 ASN n 
1 170 PHE n 
1 171 PHE n 
1 172 GLN n 
1 173 ASP n 
1 174 HIS n 
1 175 THR n 
1 176 LYS n 
1 177 LEU n 
1 178 ILE n 
1 179 LEU n 
1 180 CYS n 
1 181 PRO n 
1 182 LEU n 
1 183 MET n 
1 184 ALA n 
1 185 ALA n 
1 186 VAL n 
1 187 THR n 
1 188 TYR n 
1 189 ILE n 
1 190 ASP n 
1 191 GLU n 
1 192 LYS n 
1 193 ARG n 
1 194 ASP n 
1 195 PHE n 
1 196 ARG n 
1 197 THR n 
1 198 TYR n 
1 199 ARG n 
1 200 LEU n 
1 201 SER n 
1 202 LEU n 
1 203 LEU n 
1 204 GLU n 
1 205 GLU n 
1 206 TYR n 
1 207 GLY n 
1 208 CYS n 
1 209 CYS n 
1 210 LYS n 
1 211 GLU n 
1 212 LEU n 
1 213 ALA n 
1 214 SER n 
1 215 ARG n 
1 216 LEU n 
1 217 ARG n 
1 218 TYR n 
1 219 ALA n 
1 220 ARG n 
1 221 THR n 
1 222 MET n 
1 223 VAL n 
1 224 ASP n 
1 225 LYS n 
1 226 LEU n 
1 227 LEU n 
1 228 SER n 
1 229 SER n 
1 230 ARG n 
1 231 SER n 
1 232 ALA n 
1 233 SER n 
1 234 ASN n 
1 235 ARG n 
1 236 LEU n 
1 237 LYS n 
1 238 ALA n 
1 239 SER n 
2 1   LEU n 
2 2   LEU n 
2 3   CYS n 
2 4   SER n 
2 5   THR n 
2 6   PRO n 
2 7   ASN n 
2 8   GLY n 
2 9   LEU n 
# 
_entity_src_gen.entity_id                          1 
_entity_src_gen.pdbx_src_id                        1 
_entity_src_gen.pdbx_alt_source_flag               sample 
_entity_src_gen.pdbx_seq_type                      ? 
_entity_src_gen.pdbx_beg_seq_num                   ? 
_entity_src_gen.pdbx_end_seq_num                   ? 
_entity_src_gen.gene_src_common_name               human 
_entity_src_gen.gene_src_genus                     Homo 
_entity_src_gen.pdbx_gene_src_gene                 'PLK1, PLK' 
_entity_src_gen.gene_src_species                   ? 
_entity_src_gen.gene_src_strain                    ? 
_entity_src_gen.gene_src_tissue                    ? 
_entity_src_gen.gene_src_tissue_fraction           ? 
_entity_src_gen.gene_src_details                   ? 
_entity_src_gen.pdbx_gene_src_fragment             ? 
_entity_src_gen.pdbx_gene_src_scientific_name      'Homo sapiens' 
_entity_src_gen.pdbx_gene_src_ncbi_taxonomy_id     9606 
_entity_src_gen.pdbx_gene_src_variant              ? 
_entity_src_gen.pdbx_gene_src_cell_line            ? 
_entity_src_gen.pdbx_gene_src_atcc                 ? 
_entity_src_gen.pdbx_gene_src_organ                ? 
_entity_src_gen.pdbx_gene_src_organelle            ? 
_entity_src_gen.pdbx_gene_src_cell                 ? 
_entity_src_gen.pdbx_gene_src_cellular_location    ? 
_entity_src_gen.host_org_common_name               ? 
_entity_src_gen.pdbx_host_org_scientific_name      'Escherichia coli' 
_entity_src_gen.pdbx_host_org_ncbi_taxonomy_id     562 
_entity_src_gen.host_org_genus                     Escherichia 
_entity_src_gen.pdbx_host_org_gene                 ? 
_entity_src_gen.pdbx_host_org_organ                ? 
_entity_src_gen.host_org_species                   ? 
_entity_src_gen.pdbx_host_org_tissue               ? 
_entity_src_gen.pdbx_host_org_tissue_fraction      ? 
_entity_src_gen.pdbx_host_org_strain               BL21-pLys 
_entity_src_gen.pdbx_host_org_variant              ? 
_entity_src_gen.pdbx_host_org_cell_line            ? 
_entity_src_gen.pdbx_host_org_atcc                 ? 
_entity_src_gen.pdbx_host_org_culture_collection   ? 
_entity_src_gen.pdbx_host_org_cell                 ? 
_entity_src_gen.pdbx_host_org_organelle            ? 
_entity_src_gen.pdbx_host_org_cellular_location    ? 
_entity_src_gen.pdbx_host_org_vector_type          PLASMID 
_entity_src_gen.pdbx_host_org_vector               ? 
_entity_src_gen.host_org_details                   ? 
_entity_src_gen.expression_system_id               ? 
_entity_src_gen.plasmid_name                       PGEX-6P-2 
_entity_src_gen.plasmid_details                    ? 
_entity_src_gen.pdbx_description                   ? 
# 
_pdbx_entity_src_syn.entity_id              2 
_pdbx_entity_src_syn.pdbx_src_id            1 
_pdbx_entity_src_syn.pdbx_alt_source_flag   sample 
_pdbx_entity_src_syn.pdbx_beg_seq_num       ? 
_pdbx_entity_src_syn.pdbx_end_seq_num       ? 
_pdbx_entity_src_syn.organism_scientific    ? 
_pdbx_entity_src_syn.organism_common_name   ? 
_pdbx_entity_src_syn.ncbi_taxonomy_id       ? 
_pdbx_entity_src_syn.details                'Synthetic peptide' 
# 
loop_
_struct_ref.id 
_struct_ref.db_name 
_struct_ref.db_code 
_struct_ref.pdbx_db_accession 
_struct_ref.entity_id 
_struct_ref.pdbx_seq_one_letter_code 
_struct_ref.pdbx_align_begin 
_struct_ref.pdbx_db_isoform 
1 UNP PLK1_HUMAN P53350 1 
;ETGEVVDCHLSDMLQQLHSVNASKPSERGLVRQEEAEDPACIPIFWVSKWVDYSDKYGLGYQLCDNSVGVLFNDSTRLIL
YNDGDSLQYIERDGTESYLTVSSHPNSLMKKITLLKYFRNYMSEHLLKAGANITPREGDELARLPYLRTWFRTRSAIILH
LSNGSVQINFFQDHTKLILCPLMAAVTYIDEKRDFRTYRLSLLEEYGCCKELASRLRYARTMVDKLLSSRSASNRLKAS
;
365 ? 
2 PDB 2OJX       2OJX   2 ? ?   ? 
# 
loop_
_struct_ref_seq.align_id 
_struct_ref_seq.ref_id 
_struct_ref_seq.pdbx_PDB_id_code 
_struct_ref_seq.pdbx_strand_id 
_struct_ref_seq.seq_align_beg 
_struct_ref_seq.pdbx_seq_align_beg_ins_code 
_struct_ref_seq.seq_align_end 
_struct_ref_seq.pdbx_seq_align_end_ins_code 
_struct_ref_seq.pdbx_db_accession 
_struct_ref_seq.db_align_beg 
_struct_ref_seq.pdbx_db_align_beg_ins_code 
_struct_ref_seq.db_align_end 
_struct_ref_seq.pdbx_db_align_end_ins_code 
_struct_ref_seq.pdbx_auth_seq_align_beg 
_struct_ref_seq.pdbx_auth_seq_align_end 
1 1 2OJX A 1 ? 239 ? P53350 365 ? 603 ? 365 603 
2 2 2OJX E 1 ? 9   ? 2OJX   1   ? 9   ? 1   9   
# 
loop_
_chem_comp.id 
_chem_comp.type 
_chem_comp.mon_nstd_flag 
_chem_comp.name 
_chem_comp.pdbx_synonyms 
_chem_comp.formula 
_chem_comp.formula_weight 
ALA 'L-peptide linking' y ALANINE         ? 'C3 H7 N O2'     89.093  
ARG 'L-peptide linking' y ARGININE        ? 'C6 H15 N4 O2 1' 175.209 
ASN 'L-peptide linking' y ASPARAGINE      ? 'C4 H8 N2 O3'    132.118 
ASP 'L-peptide linking' y 'ASPARTIC ACID' ? 'C4 H7 N O4'     133.103 
CYS 'L-peptide linking' y CYSTEINE        ? 'C3 H7 N O2 S'   121.158 
GLN 'L-peptide linking' y GLUTAMINE       ? 'C5 H10 N2 O3'   146.144 
GLU 'L-peptide linking' y 'GLUTAMIC ACID' ? 'C5 H9 N O4'     147.129 
GLY 'peptide linking'   y GLYCINE         ? 'C2 H5 N O2'     75.067  
HIS 'L-peptide linking' y HISTIDINE       ? 'C6 H10 N3 O2 1' 156.162 
HOH non-polymer         . WATER           ? 'H2 O'           18.015  
ILE 'L-peptide linking' y ISOLEUCINE      ? 'C6 H13 N O2'    131.173 
LEU 'L-peptide linking' y LEUCINE         ? 'C6 H13 N O2'    131.173 
LYS 'L-peptide linking' y LYSINE          ? 'C6 H15 N2 O2 1' 147.195 
MET 'L-peptide linking' y METHIONINE      ? 'C5 H11 N O2 S'  149.211 
PHE 'L-peptide linking' y PHENYLALANINE   ? 'C9 H11 N O2'    165.189 
PRO 'L-peptide linking' y PROLINE         ? 'C5 H9 N O2'     115.130 
SER 'L-peptide linking' y SERINE          ? 'C3 H7 N O3'     105.093 
THR 'L-peptide linking' y THREONINE       ? 'C4 H9 N O3'     119.119 
TRP 'L-peptide linking' y TRYPTOPHAN      ? 'C11 H12 N2 O2'  204.225 
TYR 'L-peptide linking' y TYROSINE        ? 'C9 H11 N O3'    181.189 
VAL 'L-peptide linking' y VALINE          ? 'C5 H11 N O2'    117.146 
# 
_exptl.entry_id          2OJX 
_exptl.method            'X-RAY DIFFRACTION' 
_exptl.crystals_number   1 
# 
_exptl_crystal.id                    1 
_exptl_crystal.density_meas          ? 
_exptl_crystal.density_Matthews      1.84 
_exptl_crystal.density_percent_sol   33.25 
_exptl_crystal.description           ? 
_exptl_crystal.F_000                 ? 
_exptl_crystal.preparation           ? 
# 
_exptl_crystal_grow.crystal_id      1 
_exptl_crystal_grow.method          'VAPOR DIFFUSION, HANGING DROP' 
_exptl_crystal_grow.temp            289 
_exptl_crystal_grow.temp_details    ? 
_exptl_crystal_grow.pH              7.5 
_exptl_crystal_grow.pdbx_details    '20 % PEG 10000, pH 7.5, VAPOR DIFFUSION, HANGING DROP, temperature 289K' 
_exptl_crystal_grow.pdbx_pH_range   . 
# 
_diffrn.id                     1 
_diffrn.ambient_temp           100 
_diffrn.ambient_temp_details   ? 
_diffrn.crystal_id             1 
# 
_diffrn_detector.diffrn_id              1 
_diffrn_detector.detector               CCD 
_diffrn_detector.type                   'MARMOSAIC 225 mm CCD' 
_diffrn_detector.pdbx_collection_date   2005-07-01 
_diffrn_detector.details                ? 
# 
_diffrn_radiation.diffrn_id                        1 
_diffrn_radiation.wavelength_id                    1 
_diffrn_radiation.pdbx_monochromatic_or_laue_m_l   M 
_diffrn_radiation.monochromator                    ? 
_diffrn_radiation.pdbx_diffrn_protocol             'SINGLE WAVELENGTH' 
_diffrn_radiation.pdbx_scattering_type             x-ray 
# 
_diffrn_radiation_wavelength.id           1 
_diffrn_radiation_wavelength.wavelength   . 
_diffrn_radiation_wavelength.wt           1.0 
# 
_diffrn_source.diffrn_id                   1 
_diffrn_source.source                      SYNCHROTRON 
_diffrn_source.type                        'SLS BEAMLINE X06SA' 
_diffrn_source.pdbx_synchrotron_site       SLS 
_diffrn_source.pdbx_synchrotron_beamline   X06SA 
_diffrn_source.pdbx_wavelength             ? 
_diffrn_source.pdbx_wavelength_list        ? 
# 
_reflns.entry_id                     2OJX 
_reflns.observed_criterion_sigma_F   ? 
_reflns.observed_criterion_sigma_I   1 
_reflns.d_resolution_high            2.85 
_reflns.d_resolution_low             50 
_reflns.number_all                   ? 
_reflns.number_obs                   4971 
_reflns.percent_possible_obs         96.3 
_reflns.pdbx_Rmerge_I_obs            ? 
_reflns.pdbx_Rsym_value              0.09 
_reflns.pdbx_netI_over_sigmaI        4.8 
_reflns.B_iso_Wilson_estimate        ? 
_reflns.pdbx_redundancy              2.6 
_reflns.R_free_details               ? 
_reflns.limit_h_max                  ? 
_reflns.limit_h_min                  ? 
_reflns.limit_k_max                  ? 
_reflns.limit_k_min                  ? 
_reflns.limit_l_max                  ? 
_reflns.limit_l_min                  ? 
_reflns.observed_criterion_F_max     ? 
_reflns.observed_criterion_F_min     ? 
_reflns.pdbx_chi_squared             ? 
_reflns.pdbx_scaling_rejects         ? 
_reflns.pdbx_diffrn_id               1 
_reflns.pdbx_ordinal                 1 
# 
_reflns_shell.d_res_high             2.85 
_reflns_shell.d_res_low              3.00 
_reflns_shell.percent_possible_all   96.3 
_reflns_shell.Rmerge_I_obs           ? 
_reflns_shell.pdbx_Rsym_value        0.31 
_reflns_shell.meanI_over_sigI_obs    1.9 
_reflns_shell.pdbx_redundancy        2.6 
_reflns_shell.percent_possible_obs   ? 
_reflns_shell.number_unique_all      618 
_reflns_shell.number_measured_all    ? 
_reflns_shell.number_measured_obs    ? 
_reflns_shell.number_unique_obs      ? 
_reflns_shell.pdbx_chi_squared       ? 
_reflns_shell.pdbx_diffrn_id         ? 
_reflns_shell.pdbx_ordinal           1 
# 
_refine.entry_id                                 2OJX 
_refine.ls_d_res_high                            2.85 
_refine.ls_d_res_low                             18.94 
_refine.pdbx_ls_sigma_F                          ? 
_refine.pdbx_ls_sigma_I                          1 
_refine.ls_number_reflns_all                     ? 
_refine.ls_number_reflns_obs                     4225 
_refine.ls_number_reflns_R_free                  ? 
_refine.ls_percent_reflns_obs                    96.3 
_refine.ls_R_factor_all                          ? 
_refine.ls_R_factor_obs                          0.23 
_refine.ls_R_factor_R_work                       0.23 
_refine.ls_R_factor_R_free                       0.27 
_refine.ls_redundancy_reflns_obs                 ? 
_refine.pdbx_data_cutoff_high_absF               ? 
_refine.pdbx_data_cutoff_low_absF                ? 
_refine.ls_number_parameters                     ? 
_refine.ls_number_restraints                     ? 
_refine.ls_percent_reflns_R_free                 ? 
_refine.ls_R_factor_R_free_error                 ? 
_refine.ls_R_factor_R_free_error_details         ? 
_refine.pdbx_method_to_determine_struct          'MOLECULAR REPLACEMENT' 
_refine.pdbx_starting_model                      'PDB ENTRY 1UMW' 
_refine.pdbx_ls_cross_valid_method               THROUGHOUT 
_refine.pdbx_R_Free_selection_details            ? 
_refine.pdbx_stereochem_target_val_spec_case     ? 
_refine.pdbx_stereochemistry_target_values       ? 
_refine.solvent_model_details                    ? 
_refine.solvent_model_param_bsol                 ? 
_refine.solvent_model_param_ksol                 ? 
_refine.occupancy_max                            ? 
_refine.occupancy_min                            ? 
_refine.pdbx_isotropic_thermal_model             Isotropic 
_refine.B_iso_mean                               ? 
_refine.aniso_B[1][1]                            ? 
_refine.aniso_B[1][2]                            ? 
_refine.aniso_B[1][3]                            ? 
_refine.aniso_B[2][2]                            ? 
_refine.aniso_B[2][3]                            ? 
_refine.aniso_B[3][3]                            ? 
_refine.details                                  ? 
_refine.B_iso_min                                ? 
_refine.B_iso_max                                ? 
_refine.correlation_coeff_Fo_to_Fc               ? 
_refine.correlation_coeff_Fo_to_Fc_free          ? 
_refine.pdbx_solvent_vdw_probe_radii             ? 
_refine.pdbx_solvent_ion_probe_radii             ? 
_refine.pdbx_solvent_shrinkage_radii             ? 
_refine.overall_SU_R_Cruickshank_DPI             ? 
_refine.overall_SU_R_free                        ? 
_refine.overall_SU_ML                            ? 
_refine.overall_SU_B                             ? 
_refine.pdbx_overall_ESU_R_Free                  ? 
_refine.pdbx_data_cutoff_high_rms_absF           ? 
_refine.pdbx_overall_ESU_R                       ? 
_refine.ls_wR_factor_R_free                      ? 
_refine.ls_wR_factor_R_work                      ? 
_refine.overall_FOM_free_R_set                   ? 
_refine.overall_FOM_work_R_set                   ? 
_refine.pdbx_refine_id                           'X-RAY DIFFRACTION' 
_refine.pdbx_diffrn_id                           1 
_refine.pdbx_TLS_residual_ADP_flag               ? 
_refine.pdbx_overall_phase_error                 ? 
_refine.pdbx_overall_SU_R_free_Cruickshank_DPI   ? 
_refine.pdbx_overall_SU_R_Blow_DPI               ? 
_refine.pdbx_overall_SU_R_free_Blow_DPI          ? 
# 
_refine_hist.pdbx_refine_id                   'X-RAY DIFFRACTION' 
_refine_hist.cycle_id                         LAST 
_refine_hist.pdbx_number_atoms_protein        1725 
_refine_hist.pdbx_number_atoms_nucleic_acid   0 
_refine_hist.pdbx_number_atoms_ligand         0 
_refine_hist.number_atoms_solvent             10 
_refine_hist.number_atoms_total               1735 
_refine_hist.d_res_high                       2.85 
_refine_hist.d_res_low                        18.94 
# 
_struct.entry_id                  2OJX 
_struct.title                     
'Molecular and structural basis of polo-like kinase 1 substrate recognition: Implications in centrosomal localization' 
_struct.pdbx_model_details        ? 
_struct.pdbx_CASP_flag            ? 
_struct.pdbx_model_type_details   ? 
# 
_struct_keywords.entry_id        2OJX 
_struct_keywords.pdbx_keywords   TRANSFERASE 
_struct_keywords.text            'POLO BOX DOMAIN, KINASE, centrosome, TRANSFERASE' 
# 
loop_
_struct_asym.id 
_struct_asym.pdbx_blank_PDB_chainid_flag 
_struct_asym.pdbx_modified 
_struct_asym.entity_id 
_struct_asym.details 
A N N 1 ? 
B N N 2 ? 
C N N 3 ? 
D N N 3 ? 
# 
loop_
_struct_conf.conf_type_id 
_struct_conf.id 
_struct_conf.pdbx_PDB_helix_id 
_struct_conf.beg_label_comp_id 
_struct_conf.beg_label_asym_id 
_struct_conf.beg_label_seq_id 
_struct_conf.pdbx_beg_PDB_ins_code 
_struct_conf.end_label_comp_id 
_struct_conf.end_label_asym_id 
_struct_conf.end_label_seq_id 
_struct_conf.pdbx_end_PDB_ins_code 
_struct_conf.beg_auth_comp_id 
_struct_conf.beg_auth_asym_id 
_struct_conf.beg_auth_seq_id 
_struct_conf.end_auth_comp_id 
_struct_conf.end_auth_asym_id 
_struct_conf.end_auth_seq_id 
_struct_conf.pdbx_PDB_helix_class 
_struct_conf.details 
_struct_conf.pdbx_PDB_helix_length 
HELX_P HELX_P1 1 HIS A 9   ? SER A 23  ? HIS A 373 SER A 387 1 ? 15 
HELX_P HELX_P2 2 ARG A 32  ? GLU A 37  ? ARG A 396 GLU A 401 5 ? 6  
HELX_P HELX_P3 3 PRO A 105 ? SER A 107 ? PRO A 469 SER A 471 5 ? 3  
HELX_P HELX_P4 4 LEU A 108 ? GLU A 124 ? LEU A 472 GLU A 488 1 ? 17 
HELX_P HELX_P5 5 LEU A 202 ? GLY A 207 ? LEU A 566 GLY A 571 1 ? 6  
HELX_P HELX_P6 6 GLU A 211 ? SER A 229 ? GLU A 575 SER A 593 1 ? 19 
# 
_struct_conf_type.id          HELX_P 
_struct_conf_type.criteria    ? 
_struct_conf_type.reference   ? 
# 
loop_
_struct_sheet.id 
_struct_sheet.type 
_struct_sheet.number_strands 
_struct_sheet.details 
A ? 6 ? 
B ? 6 ? 
# 
loop_
_struct_sheet_order.sheet_id 
_struct_sheet_order.range_id_1 
_struct_sheet_order.range_id_2 
_struct_sheet_order.offset 
_struct_sheet_order.sense 
A 1 2 ? anti-parallel 
A 2 3 ? anti-parallel 
A 3 4 ? anti-parallel 
A 4 5 ? anti-parallel 
A 5 6 ? anti-parallel 
B 1 2 ? anti-parallel 
B 2 3 ? anti-parallel 
B 3 4 ? anti-parallel 
B 4 5 ? anti-parallel 
B 5 6 ? anti-parallel 
# 
loop_
_struct_sheet_range.sheet_id 
_struct_sheet_range.id 
_struct_sheet_range.beg_label_comp_id 
_struct_sheet_range.beg_label_asym_id 
_struct_sheet_range.beg_label_seq_id 
_struct_sheet_range.pdbx_beg_PDB_ins_code 
_struct_sheet_range.end_label_comp_id 
_struct_sheet_range.end_label_asym_id 
_struct_sheet_range.end_label_seq_id 
_struct_sheet_range.pdbx_end_PDB_ins_code 
_struct_sheet_range.beg_auth_comp_id 
_struct_sheet_range.beg_auth_asym_id 
_struct_sheet_range.beg_auth_seq_id 
_struct_sheet_range.end_auth_comp_id 
_struct_sheet_range.end_auth_asym_id 
_struct_sheet_range.end_auth_seq_id 
A 1 VAL A 47  ? TYR A 53  ? VAL A 411 TYR A 417 
A 2 GLY A 58  ? LEU A 63  ? GLY A 422 LEU A 427 
A 3 VAL A 68  ? PHE A 72  ? VAL A 432 PHE A 436 
A 4 ARG A 77  ? LEU A 80  ? ARG A 441 LEU A 444 
A 5 SER A 86  ? ILE A 90  ? SER A 450 ILE A 454 
A 6 GLU A 96  ? THR A 100 ? GLU A 460 THR A 464 
B 1 LEU A 147 ? ARG A 152 ? LEU A 511 ARG A 516 
B 2 ALA A 156 ? LEU A 161 ? ALA A 520 LEU A 525 
B 3 VAL A 166 ? PHE A 170 ? VAL A 530 PHE A 534 
B 4 LYS A 176 ? CYS A 180 ? LYS A 540 CYS A 544 
B 5 ALA A 185 ? ILE A 189 ? ALA A 549 ILE A 553 
B 6 PHE A 195 ? ARG A 199 ? PHE A 559 ARG A 563 
# 
loop_
_pdbx_struct_sheet_hbond.sheet_id 
_pdbx_struct_sheet_hbond.range_id_1 
_pdbx_struct_sheet_hbond.range_id_2 
_pdbx_struct_sheet_hbond.range_1_label_atom_id 
_pdbx_struct_sheet_hbond.range_1_label_comp_id 
_pdbx_struct_sheet_hbond.range_1_label_asym_id 
_pdbx_struct_sheet_hbond.range_1_label_seq_id 
_pdbx_struct_sheet_hbond.range_1_PDB_ins_code 
_pdbx_struct_sheet_hbond.range_1_auth_atom_id 
_pdbx_struct_sheet_hbond.range_1_auth_comp_id 
_pdbx_struct_sheet_hbond.range_1_auth_asym_id 
_pdbx_struct_sheet_hbond.range_1_auth_seq_id 
_pdbx_struct_sheet_hbond.range_2_label_atom_id 
_pdbx_struct_sheet_hbond.range_2_label_comp_id 
_pdbx_struct_sheet_hbond.range_2_label_asym_id 
_pdbx_struct_sheet_hbond.range_2_label_seq_id 
_pdbx_struct_sheet_hbond.range_2_PDB_ins_code 
_pdbx_struct_sheet_hbond.range_2_auth_atom_id 
_pdbx_struct_sheet_hbond.range_2_auth_comp_id 
_pdbx_struct_sheet_hbond.range_2_auth_asym_id 
_pdbx_struct_sheet_hbond.range_2_auth_seq_id 
A 1 2 N LYS A 49  ? N LYS A 413 O GLN A 62  ? O GLN A 426 
A 2 3 N TYR A 61  ? N TYR A 425 O GLY A 69  ? O GLY A 433 
A 3 4 N VAL A 68  ? N VAL A 432 O LEU A 80  ? O LEU A 444 
A 4 5 N ILE A 79  ? N ILE A 443 O GLN A 88  ? O GLN A 452 
A 5 6 N TYR A 89  ? N TYR A 453 O SER A 97  ? O SER A 461 
B 1 2 N THR A 149 ? N THR A 513 O HIS A 160 ? O HIS A 524 
B 2 3 N LEU A 159 ? N LEU A 523 O GLN A 167 ? O GLN A 531 
B 3 4 N ILE A 168 ? N ILE A 532 O LEU A 177 ? O LEU A 541 
B 4 5 N ILE A 178 ? N ILE A 542 O THR A 187 ? O THR A 551 
B 5 6 N TYR A 188 ? N TYR A 552 O ARG A 196 ? O ARG A 560 
# 
_atom_sites.entry_id                    2OJX 
_atom_sites.fract_transf_matrix[1][1]   -0.00318210 
_atom_sites.fract_transf_matrix[1][2]   -0.01680913 
_atom_sites.fract_transf_matrix[1][3]   0.02010015 
_atom_sites.fract_transf_matrix[2][1]   0.01635734 
_atom_sites.fract_transf_matrix[2][2]   0.00786565 
_atom_sites.fract_transf_matrix[2][3]   0.00916736 
_atom_sites.fract_transf_matrix[3][1]   -0.01110254 
_atom_sites.fract_transf_matrix[3][2]   0.00785452 
_atom_sites.fract_transf_matrix[3][3]   0.01307106 
_atom_sites.fract_transf_vector[1]      0.396746 
_atom_sites.fract_transf_vector[2]      0.004731 
_atom_sites.fract_transf_vector[3]      0.172021 
# 
loop_
_atom_type.symbol 
C 
N 
O 
S 
# 
loop_
_atom_site.group_PDB 
_atom_site.id 
_atom_site.type_symbol 
_atom_site.label_atom_id 
_atom_site.label_alt_id 
_atom_site.label_comp_id 
_atom_site.label_asym_id 
_atom_site.label_entity_id 
_atom_site.label_seq_id 
_atom_site.pdbx_PDB_ins_code 
_atom_site.Cartn_x 
_atom_site.Cartn_y 
_atom_site.Cartn_z 
_atom_site.occupancy 
_atom_site.B_iso_or_equiv 
_atom_site.pdbx_formal_charge 
_atom_site.auth_seq_id 
_atom_site.auth_comp_id 
_atom_site.auth_asym_id 
_atom_site.auth_atom_id 
_atom_site.pdbx_PDB_model_num 
ATOM   1    N N   . HIS A 1 9   ? -12.079 3.631   -6.560  1.00 30.32  ? 373 HIS A N   1 
ATOM   2    C CA  . HIS A 1 9   ? -11.578 5.035   -6.694  1.00 31.41  ? 373 HIS A CA  1 
ATOM   3    C C   . HIS A 1 9   ? -11.080 5.627   -5.401  1.00 27.71  ? 373 HIS A C   1 
ATOM   4    O O   . HIS A 1 9   ? -11.228 5.042   -4.330  1.00 25.94  ? 373 HIS A O   1 
ATOM   5    C CB  . HIS A 1 9   ? -12.672 5.966   -7.229  1.00 32.20  ? 373 HIS A CB  1 
ATOM   6    C CG  . HIS A 1 9   ? -12.995 5.730   -8.663  1.00 41.06  ? 373 HIS A CG  1 
ATOM   7    N ND1 . HIS A 1 9   ? -12.029 5.728   -9.646  1.00 44.72  ? 373 HIS A ND1 1 
ATOM   8    C CD2 . HIS A 1 9   ? -14.167 5.446   -9.276  1.00 48.66  ? 373 HIS A CD2 1 
ATOM   9    C CE1 . HIS A 1 9   ? -12.595 5.451   -10.808 1.00 50.27  ? 373 HIS A CE1 1 
ATOM   10   N NE2 . HIS A 1 9   ? -13.890 5.275   -10.611 1.00 52.25  ? 373 HIS A NE2 1 
ATOM   11   N N   . LEU A 1 10  ? -10.513 6.824   -5.518  1.00 26.21  ? 374 LEU A N   1 
ATOM   12   C CA  . LEU A 1 10  ? -10.017 7.564   -4.373  1.00 25.36  ? 374 LEU A CA  1 
ATOM   13   C C   . LEU A 1 10  ? -11.131 8.490   -3.901  1.00 24.90  ? 374 LEU A C   1 
ATOM   14   O O   . LEU A 1 10  ? -11.048 9.076   -2.831  1.00 25.42  ? 374 LEU A O   1 
ATOM   15   C CB  . LEU A 1 10  ? -8.764  8.355   -4.756  1.00 25.33  ? 374 LEU A CB  1 
ATOM   16   C CG  . LEU A 1 10  ? -7.478  7.513   -4.752  1.00 22.00  ? 374 LEU A CG  1 
ATOM   17   C CD1 . LEU A 1 10  ? -6.717  7.679   -6.052  1.00 17.01  ? 374 LEU A CD1 1 
ATOM   18   C CD2 . LEU A 1 10  ? -6.628  7.924   -3.579  1.00 22.94  ? 374 LEU A CD2 1 
ATOM   19   N N   . SER A 1 11  ? -12.178 8.609   -4.713  1.00 25.17  ? 375 SER A N   1 
ATOM   20   C CA  . SER A 1 11  ? -13.335 9.427   -4.370  1.00 22.90  ? 375 SER A CA  1 
ATOM   21   C C   . SER A 1 11  ? -14.241 8.572   -3.501  1.00 22.62  ? 375 SER A C   1 
ATOM   22   O O   . SER A 1 11  ? -14.708 9.029   -2.457  1.00 21.92  ? 375 SER A O   1 
ATOM   23   C CB  . SER A 1 11  ? -14.075 9.862   -5.633  1.00 23.79  ? 375 SER A CB  1 
ATOM   24   O OG  . SER A 1 11  ? -13.247 10.703  -6.427  1.00 29.77  ? 375 SER A OG  1 
ATOM   25   N N   . ASP A 1 12  ? -14.486 7.329   -3.926  1.00 21.77  ? 376 ASP A N   1 
ATOM   26   C CA  . ASP A 1 12  ? -15.318 6.424   -3.135  1.00 20.87  ? 376 ASP A CA  1 
ATOM   27   C C   . ASP A 1 12  ? -14.705 6.428   -1.755  1.00 19.57  ? 376 ASP A C   1 
ATOM   28   O O   . ASP A 1 12  ? -15.367 6.745   -0.769  1.00 17.74  ? 376 ASP A O   1 
ATOM   29   C CB  . ASP A 1 12  ? -15.285 4.997   -3.697  1.00 21.90  ? 376 ASP A CB  1 
ATOM   30   C CG  . ASP A 1 12  ? -15.997 4.873   -5.034  1.00 26.40  ? 376 ASP A CG  1 
ATOM   31   O OD1 . ASP A 1 12  ? -16.981 5.620   -5.251  1.00 24.88  ? 376 ASP A OD1 1 
ATOM   32   O OD2 . ASP A 1 12  ? -15.575 4.027   -5.867  1.00 36.94  ? 376 ASP A OD2 1 
ATOM   33   N N   . MET A 1 13  ? -13.411 6.115   -1.726  1.00 18.04  ? 377 MET A N   1 
ATOM   34   C CA  . MET A 1 13  ? -12.640 6.063   -0.499  1.00 22.52  ? 377 MET A CA  1 
ATOM   35   C C   . MET A 1 13  ? -12.715 7.330   0.327   1.00 21.59  ? 377 MET A C   1 
ATOM   36   O O   . MET A 1 13  ? -13.037 7.295   1.510   1.00 24.47  ? 377 MET A O   1 
ATOM   37   C CB  . MET A 1 13  ? -11.188 5.794   -0.820  1.00 21.47  ? 377 MET A CB  1 
ATOM   38   C CG  . MET A 1 13  ? -10.338 5.574   0.409   1.00 19.80  ? 377 MET A CG  1 
ATOM   39   S SD  . MET A 1 13  ? -8.664  5.446   -0.105  1.00 28.68  ? 377 MET A SD  1 
ATOM   40   C CE  . MET A 1 13  ? -8.674  3.803   -0.946  1.00 28.82  ? 377 MET A CE  1 
ATOM   41   N N   . LEU A 1 14  ? -12.382 8.443   -0.306  1.00 23.34  ? 378 LEU A N   1 
ATOM   42   C CA  . LEU A 1 14  ? -12.416 9.730   0.348   1.00 25.64  ? 378 LEU A CA  1 
ATOM   43   C C   . LEU A 1 14  ? -13.814 9.977   0.915   1.00 28.54  ? 378 LEU A C   1 
ATOM   44   O O   . LEU A 1 14  ? -13.959 10.569  1.989   1.00 29.22  ? 378 LEU A O   1 
ATOM   45   C CB  . LEU A 1 14  ? -12.081 10.837  -0.644  1.00 25.55  ? 378 LEU A CB  1 
ATOM   46   C CG  . LEU A 1 14  ? -11.720 12.165  0.040   1.00 25.22  ? 378 LEU A CG  1 
ATOM   47   C CD1 . LEU A 1 14  ? -10.273 12.111  0.505   1.00 25.07  ? 378 LEU A CD1 1 
ATOM   48   C CD2 . LEU A 1 14  ? -11.932 13.321  -0.918  1.00 24.10  ? 378 LEU A CD2 1 
ATOM   49   N N   . GLN A 1 15  ? -14.844 9.536   0.190   1.00 30.41  ? 379 GLN A N   1 
ATOM   50   C CA  . GLN A 1 15  ? -16.215 9.717   0.660   1.00 31.99  ? 379 GLN A CA  1 
ATOM   51   C C   . GLN A 1 15  ? -16.363 8.908   1.942   1.00 29.90  ? 379 GLN A C   1 
ATOM   52   O O   . GLN A 1 15  ? -16.769 9.435   2.980   1.00 30.29  ? 379 GLN A O   1 
ATOM   53   C CB  . GLN A 1 15  ? -17.261 9.222   -0.375  1.00 31.81  ? 379 GLN A CB  1 
ATOM   54   C CG  . GLN A 1 15  ? -17.254 9.937   -1.743  1.00 36.22  ? 379 GLN A CG  1 
ATOM   55   C CD  . GLN A 1 15  ? -18.320 9.400   -2.745  1.00 37.86  ? 379 GLN A CD  1 
ATOM   56   O OE1 . GLN A 1 15  ? -18.541 8.182   -2.865  1.00 45.47  ? 379 GLN A OE1 1 
ATOM   57   N NE2 . GLN A 1 15  ? -18.970 10.323  -3.471  1.00 38.40  ? 379 GLN A NE2 1 
ATOM   58   N N   . GLN A 1 16  ? -16.017 7.625   1.868   1.00 26.99  ? 380 GLN A N   1 
ATOM   59   C CA  . GLN A 1 16  ? -16.140 6.729   3.012   1.00 25.03  ? 380 GLN A CA  1 
ATOM   60   C C   . GLN A 1 16  ? -15.328 7.234   4.199   1.00 24.43  ? 380 GLN A C   1 
ATOM   61   O O   . GLN A 1 16  ? -15.777 7.137   5.329   1.00 27.90  ? 380 GLN A O   1 
ATOM   62   C CB  . GLN A 1 16  ? -15.670 5.318   2.642   1.00 25.06  ? 380 GLN A CB  1 
ATOM   63   C CG  . GLN A 1 16  ? -15.881 4.946   1.197   1.00 21.92  ? 380 GLN A CG  1 
ATOM   64   C CD  . GLN A 1 16  ? -15.083 3.714   0.813   1.00 27.78  ? 380 GLN A CD  1 
ATOM   65   O OE1 . GLN A 1 16  ? -13.888 3.603   1.126   1.00 28.07  ? 380 GLN A OE1 1 
ATOM   66   N NE2 . GLN A 1 16  ? -15.735 2.782   0.124   1.00 26.59  ? 380 GLN A NE2 1 
ATOM   67   N N   . LEU A 1 17  ? -14.132 7.765   3.944   1.00 22.54  ? 381 LEU A N   1 
ATOM   68   C CA  . LEU A 1 17  ? -13.301 8.273   5.025   1.00 20.11  ? 381 LEU A CA  1 
ATOM   69   C C   . LEU A 1 17  ? -13.892 9.547   5.602   1.00 21.83  ? 381 LEU A C   1 
ATOM   70   O O   . LEU A 1 17  ? -14.084 9.656   6.809   1.00 24.12  ? 381 LEU A O   1 
ATOM   71   C CB  . LEU A 1 17  ? -11.886 8.547   4.537   1.00 18.82  ? 381 LEU A CB  1 
ATOM   72   C CG  . LEU A 1 17  ? -10.873 7.408   4.635   1.00 14.71  ? 381 LEU A CG  1 
ATOM   73   C CD1 . LEU A 1 17  ? -9.656  7.814   3.865   1.00 18.96  ? 381 LEU A CD1 1 
ATOM   74   C CD2 . LEU A 1 17  ? -10.550 7.086   6.082   1.00 13.20  ? 381 LEU A CD2 1 
ATOM   75   N N   . HIS A 1 18  ? -14.178 10.524  4.752   1.00 23.14  ? 382 HIS A N   1 
ATOM   76   C CA  . HIS A 1 18  ? -14.767 11.763  5.242   1.00 25.34  ? 382 HIS A CA  1 
ATOM   77   C C   . HIS A 1 18  ? -15.880 11.400  6.201   1.00 25.53  ? 382 HIS A C   1 
ATOM   78   O O   . HIS A 1 18  ? -16.031 11.986  7.264   1.00 27.34  ? 382 HIS A O   1 
ATOM   79   C CB  . HIS A 1 18  ? -15.409 12.567  4.122   1.00 25.20  ? 382 HIS A CB  1 
ATOM   80   C CG  . HIS A 1 18  ? -16.331 13.628  4.633   1.00 35.07  ? 382 HIS A CG  1 
ATOM   81   N ND1 . HIS A 1 18  ? -15.874 14.824  5.148   1.00 40.51  ? 382 HIS A ND1 1 
ATOM   82   C CD2 . HIS A 1 18  ? -17.674 13.629  4.805   1.00 40.16  ? 382 HIS A CD2 1 
ATOM   83   C CE1 . HIS A 1 18  ? -16.897 15.517  5.616   1.00 43.46  ? 382 HIS A CE1 1 
ATOM   84   N NE2 . HIS A 1 18  ? -17.999 14.814  5.421   1.00 43.49  ? 382 HIS A NE2 1 
ATOM   85   N N   . SER A 1 19  ? -16.660 10.419  5.773   1.00 25.58  ? 383 SER A N   1 
ATOM   86   C CA  . SER A 1 19  ? -17.802 9.911   6.514   1.00 23.71  ? 383 SER A CA  1 
ATOM   87   C C   . SER A 1 19  ? -17.550 9.320   7.904   1.00 22.38  ? 383 SER A C   1 
ATOM   88   O O   . SER A 1 19  ? -18.205 9.728   8.864   1.00 22.85  ? 383 SER A O   1 
ATOM   89   C CB  . SER A 1 19  ? -18.523 8.872   5.674   1.00 24.48  ? 383 SER A CB  1 
ATOM   90   O OG  . SER A 1 19  ? -19.598 8.337   6.414   1.00 29.75  ? 383 SER A OG  1 
ATOM   91   N N   . VAL A 1 20  ? -16.637 8.347   8.010   1.00 20.09  ? 384 VAL A N   1 
ATOM   92   C CA  . VAL A 1 20  ? -16.362 7.733   9.305   1.00 18.89  ? 384 VAL A CA  1 
ATOM   93   C C   . VAL A 1 20  ? -15.728 8.741   10.235  1.00 21.12  ? 384 VAL A C   1 
ATOM   94   O O   . VAL A 1 20  ? -15.856 8.653   11.454  1.00 24.95  ? 384 VAL A O   1 
ATOM   95   C CB  . VAL A 1 20  ? -15.457 6.420   9.225   1.00 17.47  ? 384 VAL A CB  1 
ATOM   96   C CG1 . VAL A 1 20  ? -15.322 5.930   7.801   1.00 14.56  ? 384 VAL A CG1 1 
ATOM   97   C CG2 . VAL A 1 20  ? -14.076 6.671   9.847   1.00 15.43  ? 384 VAL A CG2 1 
ATOM   98   N N   . ASN A 1 21  ? -15.039 9.714   9.667   1.00 21.48  ? 385 ASN A N   1 
ATOM   99   C CA  . ASN A 1 21  ? -14.390 10.732  10.489  1.00 22.38  ? 385 ASN A CA  1 
ATOM   100  C C   . ASN A 1 21  ? -15.394 11.771  10.925  1.00 23.27  ? 385 ASN A C   1 
ATOM   101  O O   . ASN A 1 21  ? -15.394 12.178  12.079  1.00 24.07  ? 385 ASN A O   1 
ATOM   102  C CB  . ASN A 1 21  ? -13.235 11.368  9.714   1.00 21.62  ? 385 ASN A CB  1 
ATOM   103  C CG  . ASN A 1 21  ? -12.043 10.409  9.565   1.00 24.70  ? 385 ASN A CG  1 
ATOM   104  O OD1 . ASN A 1 21  ? -11.672 9.704   10.526  1.00 24.03  ? 385 ASN A OD1 1 
ATOM   105  N ND2 . ASN A 1 21  ? -11.449 10.370  8.369   1.00 22.25  ? 385 ASN A ND2 1 
ATOM   106  N N   . ALA A 1 22  ? -16.263 12.172  9.993   1.00 24.79  ? 386 ALA A N   1 
ATOM   107  C CA  . ALA A 1 22  ? -17.317 13.146  10.266  1.00 24.45  ? 386 ALA A CA  1 
ATOM   108  C C   . ALA A 1 22  ? -18.035 12.700  11.524  1.00 26.49  ? 386 ALA A C   1 
ATOM   109  O O   . ALA A 1 22  ? -18.449 13.511  12.357  1.00 27.31  ? 386 ALA A O   1 
ATOM   110  C CB  . ALA A 1 22  ? -18.302 13.203  9.114   1.00 22.59  ? 386 ALA A CB  1 
ATOM   111  N N   . SER A 1 23  ? -18.170 11.391  11.646  1.00 28.30  ? 387 SER A N   1 
ATOM   112  C CA  . SER A 1 23  ? -18.830 10.772  12.771  1.00 28.21  ? 387 SER A CA  1 
ATOM   113  C C   . SER A 1 23  ? -18.029 10.772  14.065  1.00 29.79  ? 387 SER A C   1 
ATOM   114  O O   . SER A 1 23  ? -18.532 10.336  15.100  1.00 31.96  ? 387 SER A O   1 
ATOM   115  C CB  . SER A 1 23  ? -19.181 9.340   12.416  1.00 29.68  ? 387 SER A CB  1 
ATOM   116  O OG  . SER A 1 23  ? -18.002 8.558   12.262  1.00 24.70  ? 387 SER A OG  1 
ATOM   117  N N   . LYS A 1 24  ? -16.786 11.245  14.029  1.00 30.67  ? 388 LYS A N   1 
ATOM   118  C CA  . LYS A 1 24  ? -15.961 11.276  15.254  1.00 30.25  ? 388 LYS A CA  1 
ATOM   119  C C   . LYS A 1 24  ? -16.087 9.933   15.959  1.00 28.81  ? 388 LYS A C   1 
ATOM   120  O O   . LYS A 1 24  ? -16.668 9.862   17.041  1.00 28.59  ? 388 LYS A O   1 
ATOM   121  C CB  . LYS A 1 24  ? -16.461 12.364  16.202  1.00 28.00  ? 388 LYS A CB  1 
ATOM   122  C CG  . LYS A 1 24  ? -16.445 13.794  15.627  1.00 31.75  ? 388 LYS A CG  1 
ATOM   123  C CD  . LYS A 1 24  ? -17.024 14.813  16.637  1.00 33.17  ? 388 LYS A CD  1 
ATOM   124  C CE  . LYS A 1 24  ? -17.165 14.252  18.065  1.00 38.39  ? 388 LYS A CE  1 
ATOM   125  N NZ  . LYS A 1 24  ? -17.602 15.290  19.051  1.00 36.42  ? 388 LYS A NZ  1 
ATOM   126  N N   . PRO A 1 25  ? -15.526 8.860   15.357  1.00 27.39  ? 389 PRO A N   1 
ATOM   127  C CA  . PRO A 1 25  ? -15.572 7.491   15.890  1.00 27.25  ? 389 PRO A CA  1 
ATOM   128  C C   . PRO A 1 25  ? -15.012 7.239   17.289  1.00 28.09  ? 389 PRO A C   1 
ATOM   129  O O   . PRO A 1 25  ? -15.401 6.268   17.939  1.00 28.80  ? 389 PRO A O   1 
ATOM   130  C CB  . PRO A 1 25  ? -14.831 6.689   14.812  1.00 24.18  ? 389 PRO A CB  1 
ATOM   131  C CG  . PRO A 1 25  ? -13.830 7.673   14.320  1.00 24.24  ? 389 PRO A CG  1 
ATOM   132  C CD  . PRO A 1 25  ? -14.649 8.912   14.166  1.00 26.84  ? 389 PRO A CD  1 
ATOM   133  N N   . SER A 1 26  ? -14.104 8.098   17.744  1.00 29.55  ? 390 SER A N   1 
ATOM   134  C CA  . SER A 1 26  ? -13.469 7.915   19.051  1.00 33.03  ? 390 SER A CA  1 
ATOM   135  C C   . SER A 1 26  ? -14.056 8.707   20.232  1.00 35.14  ? 390 SER A C   1 
ATOM   136  O O   . SER A 1 26  ? -13.671 8.471   21.386  1.00 35.56  ? 390 SER A O   1 
ATOM   137  C CB  . SER A 1 26  ? -11.965 8.208   18.945  1.00 33.38  ? 390 SER A CB  1 
ATOM   138  O OG  . SER A 1 26  ? -11.711 9.513   18.450  1.00 37.22  ? 390 SER A OG  1 
ATOM   139  N N   . GLU A 1 27  ? -14.963 9.644   19.953  1.00 36.48  ? 391 GLU A N   1 
ATOM   140  C CA  . GLU A 1 27  ? -15.586 10.425  21.014  1.00 40.19  ? 391 GLU A CA  1 
ATOM   141  C C   . GLU A 1 27  ? -16.944 9.770   21.246  1.00 42.68  ? 391 GLU A C   1 
ATOM   142  O O   . GLU A 1 27  ? -18.016 10.315  20.942  1.00 41.31  ? 391 GLU A O   1 
ATOM   143  C CB  . GLU A 1 27  ? -15.703 11.872  20.570  1.00 40.59  ? 391 GLU A CB  1 
ATOM   144  C CG  . GLU A 1 27  ? -14.335 12.393  20.190  1.00 42.89  ? 391 GLU A CG  1 
ATOM   145  C CD  . GLU A 1 27  ? -14.259 13.877  19.989  1.00 45.65  ? 391 GLU A CD  1 
ATOM   146  O OE1 . GLU A 1 27  ? -14.504 14.621  20.965  1.00 46.73  ? 391 GLU A OE1 1 
ATOM   147  O OE2 . GLU A 1 27  ? -13.942 14.296  18.848  1.00 48.82  ? 391 GLU A OE2 1 
ATOM   148  N N   . ARG A 1 28  ? -16.869 8.562   21.791  1.00 45.65  ? 392 ARG A N   1 
ATOM   149  C CA  . ARG A 1 28  ? -18.044 7.738   22.017  1.00 47.61  ? 392 ARG A CA  1 
ATOM   150  C C   . ARG A 1 28  ? -18.467 7.494   23.467  1.00 47.44  ? 392 ARG A C   1 
ATOM   151  O O   . ARG A 1 28  ? -17.655 7.540   24.404  1.00 47.64  ? 392 ARG A O   1 
ATOM   152  C CB  . ARG A 1 28  ? -17.818 6.398   21.307  1.00 48.45  ? 392 ARG A CB  1 
ATOM   153  C CG  . ARG A 1 28  ? -19.088 5.756   20.843  1.00 53.29  ? 392 ARG A CG  1 
ATOM   154  C CD  . ARG A 1 28  ? -19.960 6.799   20.148  1.00 59.48  ? 392 ARG A CD  1 
ATOM   155  N NE  . ARG A 1 28  ? -19.300 7.405   18.983  1.00 57.60  ? 392 ARG A NE  1 
ATOM   156  C CZ  . ARG A 1 28  ? -19.141 6.781   17.819  1.00 52.48  ? 392 ARG A CZ  1 
ATOM   157  N NH1 . ARG A 1 28  ? -19.591 5.545   17.680  1.00 48.92  ? 392 ARG A NH1 1 
ATOM   158  N NH2 . ARG A 1 28  ? -18.558 7.392   16.796  1.00 50.32  ? 392 ARG A NH2 1 
ATOM   159  N N   . GLY A 1 29  ? -19.761 7.234   23.639  1.00 46.89  ? 393 GLY A N   1 
ATOM   160  C CA  . GLY A 1 29  ? -20.289 6.930   24.954  1.00 44.89  ? 393 GLY A CA  1 
ATOM   161  C C   . GLY A 1 29  ? -19.682 5.587   25.287  1.00 42.72  ? 393 GLY A C   1 
ATOM   162  O O   . GLY A 1 29  ? -19.200 5.352   26.399  1.00 44.90  ? 393 GLY A O   1 
ATOM   163  N N   . LEU A 1 30  ? -19.705 4.706   24.292  1.00 38.44  ? 394 LEU A N   1 
ATOM   164  C CA  . LEU A 1 30  ? -19.135 3.374   24.408  1.00 34.71  ? 394 LEU A CA  1 
ATOM   165  C C   . LEU A 1 30  ? -18.558 3.035   23.042  1.00 34.10  ? 394 LEU A C   1 
ATOM   166  O O   . LEU A 1 30  ? -19.274 3.083   22.028  1.00 34.88  ? 394 LEU A O   1 
ATOM   167  C CB  . LEU A 1 30  ? -20.205 2.351   24.803  1.00 34.76  ? 394 LEU A CB  1 
ATOM   168  C CG  . LEU A 1 30  ? -19.767 0.896   24.947  1.00 33.26  ? 394 LEU A CG  1 
ATOM   169  C CD1 . LEU A 1 30  ? -18.585 0.787   25.898  1.00 29.31  ? 394 LEU A CD1 1 
ATOM   170  C CD2 . LEU A 1 30  ? -20.940 0.061   25.435  1.00 32.13  ? 394 LEU A CD2 1 
ATOM   171  N N   . VAL A 1 31  ? -17.259 2.737   22.996  1.00 31.39  ? 395 VAL A N   1 
ATOM   172  C CA  . VAL A 1 31  ? -16.623 2.379   21.730  1.00 27.08  ? 395 VAL A CA  1 
ATOM   173  C C   . VAL A 1 31  ? -16.512 0.867   21.631  1.00 26.28  ? 395 VAL A C   1 
ATOM   174  O O   . VAL A 1 31  ? -15.676 0.261   22.311  1.00 27.61  ? 395 VAL A O   1 
ATOM   175  C CB  . VAL A 1 31  ? -15.221 2.969   21.615  1.00 23.85  ? 395 VAL A CB  1 
ATOM   176  C CG1 . VAL A 1 31  ? -14.637 2.632   20.251  1.00 25.56  ? 395 VAL A CG1 1 
ATOM   177  C CG2 . VAL A 1 31  ? -15.272 4.452   21.818  1.00 21.43  ? 395 VAL A CG2 1 
ATOM   178  N N   . ARG A 1 32  ? -17.363 0.263   20.806  1.00 23.20  ? 396 ARG A N   1 
ATOM   179  C CA  . ARG A 1 32  ? -17.332 -1.166  20.633  1.00 22.85  ? 396 ARG A CA  1 
ATOM   180  C C   . ARG A 1 32  ? -16.710 -1.495  19.278  1.00 22.51  ? 396 ARG A C   1 
ATOM   181  O O   . ARG A 1 32  ? -17.375 -1.968  18.345  1.00 22.46  ? 396 ARG A O   1 
ATOM   182  C CB  . ARG A 1 32  ? -18.737 -1.742  20.761  1.00 24.16  ? 396 ARG A CB  1 
ATOM   183  C CG  . ARG A 1 32  ? -19.345 -1.525  22.143  1.00 27.78  ? 396 ARG A CG  1 
ATOM   184  C CD  . ARG A 1 32  ? -20.192 -2.729  22.557  1.00 33.73  ? 396 ARG A CD  1 
ATOM   185  N NE  . ARG A 1 32  ? -21.269 -2.984  21.596  1.00 45.67  ? 396 ARG A NE  1 
ATOM   186  C CZ  . ARG A 1 32  ? -22.084 -4.040  21.637  1.00 50.23  ? 396 ARG A CZ  1 
ATOM   187  N NH1 . ARG A 1 32  ? -21.945 -4.953  22.599  1.00 52.86  ? 396 ARG A NH1 1 
ATOM   188  N NH2 . ARG A 1 32  ? -23.035 -4.180  20.716  1.00 49.29  ? 396 ARG A NH2 1 
ATOM   189  N N   . GLN A 1 33  ? -15.414 -1.228  19.188  1.00 21.60  ? 397 GLN A N   1 
ATOM   190  C CA  . GLN A 1 33  ? -14.623 -1.445  17.989  1.00 21.75  ? 397 GLN A CA  1 
ATOM   191  C C   . GLN A 1 33  ? -14.486 -2.929  17.617  1.00 22.19  ? 397 GLN A C   1 
ATOM   192  O O   . GLN A 1 33  ? -14.243 -3.262  16.457  1.00 21.23  ? 397 GLN A O   1 
ATOM   193  C CB  . GLN A 1 33  ? -13.259 -0.819  18.218  1.00 21.84  ? 397 GLN A CB  1 
ATOM   194  C CG  . GLN A 1 33  ? -12.354 -0.733  17.025  1.00 20.76  ? 397 GLN A CG  1 
ATOM   195  C CD  . GLN A 1 33  ? -10.944 -0.268  17.415  1.00 24.90  ? 397 GLN A CD  1 
ATOM   196  O OE1 . GLN A 1 33  ? -10.742 0.870   17.872  1.00 33.56  ? 397 GLN A OE1 1 
ATOM   197  N NE2 . GLN A 1 33  ? -9.965  -1.154  17.237  1.00 28.33  ? 397 GLN A NE2 1 
ATOM   198  N N   . GLU A 1 34  ? -14.660 -3.814  18.597  1.00 22.52  ? 398 GLU A N   1 
ATOM   199  C CA  . GLU A 1 34  ? -14.570 -5.260  18.371  1.00 24.03  ? 398 GLU A CA  1 
ATOM   200  C C   . GLU A 1 34  ? -15.609 -5.658  17.338  1.00 23.04  ? 398 GLU A C   1 
ATOM   201  O O   . GLU A 1 34  ? -15.333 -6.449  16.428  1.00 21.57  ? 398 GLU A O   1 
ATOM   202  C CB  . GLU A 1 34  ? -14.818 -6.034  19.689  1.00 26.51  ? 398 GLU A CB  1 
ATOM   203  C CG  . GLU A 1 34  ? -16.323 -6.316  20.052  1.00 30.50  ? 398 GLU A CG  1 
ATOM   204  C CD  . GLU A 1 34  ? -16.876 -5.472  21.232  1.00 32.61  ? 398 GLU A CD  1 
ATOM   205  O OE1 . GLU A 1 34  ? -16.182 -4.525  21.673  1.00 37.78  ? 398 GLU A OE1 1 
ATOM   206  O OE2 . GLU A 1 34  ? -18.011 -5.736  21.719  1.00 26.25  ? 398 GLU A OE2 1 
ATOM   207  N N   . GLU A 1 35  ? -16.797 -5.078  17.483  1.00 23.32  ? 399 GLU A N   1 
ATOM   208  C CA  . GLU A 1 35  ? -17.933 -5.363  16.607  1.00 24.95  ? 399 GLU A CA  1 
ATOM   209  C C   . GLU A 1 35  ? -17.809 -4.842  15.166  1.00 24.76  ? 399 GLU A C   1 
ATOM   210  O O   . GLU A 1 35  ? -18.567 -5.267  14.300  1.00 24.87  ? 399 GLU A O   1 
ATOM   211  C CB  . GLU A 1 35  ? -19.210 -4.791  17.234  1.00 24.60  ? 399 GLU A CB  1 
ATOM   212  C CG  . GLU A 1 35  ? -19.495 -5.237  18.668  1.00 31.18  ? 399 GLU A CG  1 
ATOM   213  C CD  . GLU A 1 35  ? -19.801 -6.735  18.787  1.00 35.63  ? 399 GLU A CD  1 
ATOM   214  O OE1 . GLU A 1 35  ? -20.749 -7.233  18.124  1.00 35.98  ? 399 GLU A OE1 1 
ATOM   215  O OE2 . GLU A 1 35  ? -19.086 -7.413  19.557  1.00 37.64  ? 399 GLU A OE2 1 
ATOM   216  N N   . ALA A 1 36  ? -16.882 -3.915  14.925  1.00 22.26  ? 400 ALA A N   1 
ATOM   217  C CA  . ALA A 1 36  ? -16.706 -3.363  13.599  1.00 20.78  ? 400 ALA A CA  1 
ATOM   218  C C   . ALA A 1 36  ? -15.747 -4.225  12.780  1.00 21.55  ? 400 ALA A C   1 
ATOM   219  O O   . ALA A 1 36  ? -15.304 -3.831  11.698  1.00 24.34  ? 400 ALA A O   1 
ATOM   220  C CB  . ALA A 1 36  ? -16.194 -1.940  13.682  1.00 19.84  ? 400 ALA A CB  1 
ATOM   221  N N   . GLU A 1 37  ? -15.416 -5.409  13.278  1.00 21.50  ? 401 GLU A N   1 
ATOM   222  C CA  . GLU A 1 37  ? -14.507 -6.270  12.533  1.00 24.03  ? 401 GLU A CA  1 
ATOM   223  C C   . GLU A 1 37  ? -15.260 -7.056  11.468  1.00 24.52  ? 401 GLU A C   1 
ATOM   224  O O   . GLU A 1 37  ? -16.480 -7.196  11.526  1.00 25.30  ? 401 GLU A O   1 
ATOM   225  C CB  . GLU A 1 37  ? -13.784 -7.214  13.491  1.00 24.12  ? 401 GLU A CB  1 
ATOM   226  C CG  . GLU A 1 37  ? -12.619 -6.591  14.263  1.00 21.38  ? 401 GLU A CG  1 
ATOM   227  C CD  . GLU A 1 37  ? -11.924 -7.605  15.165  1.00 31.14  ? 401 GLU A CD  1 
ATOM   228  O OE1 . GLU A 1 37  ? -11.780 -8.773  14.726  1.00 36.08  ? 401 GLU A OE1 1 
ATOM   229  O OE2 . GLU A 1 37  ? -11.518 -7.235  16.298  1.00 41.21  ? 401 GLU A OE2 1 
ATOM   230  N N   . ASP A 1 38  ? -14.541 -7.533  10.460  1.00 26.58  ? 402 ASP A N   1 
ATOM   231  C CA  . ASP A 1 38  ? -15.165 -8.316  9.381   1.00 28.25  ? 402 ASP A CA  1 
ATOM   232  C C   . ASP A 1 38  ? -14.061 -9.021  8.604   1.00 28.36  ? 402 ASP A C   1 
ATOM   233  O O   . ASP A 1 38  ? -13.470 -8.472  7.684   1.00 24.63  ? 402 ASP A O   1 
ATOM   234  C CB  . ASP A 1 38  ? -15.973 -7.430  8.438   1.00 28.28  ? 402 ASP A CB  1 
ATOM   235  C CG  . ASP A 1 38  ? -16.898 -8.241  7.527   1.00 28.48  ? 402 ASP A CG  1 
ATOM   236  O OD1 . ASP A 1 38  ? -16.661 -9.458  7.366   1.00 21.87  ? 402 ASP A OD1 1 
ATOM   237  O OD2 . ASP A 1 38  ? -17.861 -7.656  6.966   1.00 33.83  ? 402 ASP A OD2 1 
ATOM   238  N N   . PRO A 1 39  ? -13.792 -10.282 8.970   1.00 30.37  ? 403 PRO A N   1 
ATOM   239  C CA  . PRO A 1 39  ? -12.771 -11.170 8.392   1.00 32.12  ? 403 PRO A CA  1 
ATOM   240  C C   . PRO A 1 39  ? -12.904 -11.432 6.879   1.00 33.56  ? 403 PRO A C   1 
ATOM   241  O O   . PRO A 1 39  ? -11.980 -11.957 6.257   1.00 33.63  ? 403 PRO A O   1 
ATOM   242  C CB  . PRO A 1 39  ? -12.914 -12.443 9.240   1.00 33.00  ? 403 PRO A CB  1 
ATOM   243  C CG  . PRO A 1 39  ? -13.477 -11.908 10.561  1.00 32.15  ? 403 PRO A CG  1 
ATOM   244  C CD  . PRO A 1 39  ? -14.521 -10.976 10.046  1.00 29.94  ? 403 PRO A CD  1 
ATOM   245  N N   . ALA A 1 40  ? -14.037 -11.049 6.291   1.00 33.19  ? 404 ALA A N   1 
ATOM   246  C CA  . ALA A 1 40  ? -14.242 -11.245 4.862   1.00 33.44  ? 404 ALA A CA  1 
ATOM   247  C C   . ALA A 1 40  ? -13.752 -10.038 4.058   1.00 34.54  ? 404 ALA A C   1 
ATOM   248  O O   . ALA A 1 40  ? -13.784 -10.049 2.830   1.00 35.96  ? 404 ALA A O   1 
ATOM   249  C CB  . ALA A 1 40  ? -15.713 -11.509 4.582   1.00 32.12  ? 404 ALA A CB  1 
ATOM   250  N N   . CYS A 1 41  ? -13.300 -8.996  4.754   1.00 35.70  ? 405 CYS A N   1 
ATOM   251  C CA  . CYS A 1 41  ? -12.814 -7.778  4.090   1.00 36.64  ? 405 CYS A CA  1 
ATOM   252  C C   . CYS A 1 41  ? -11.298 -7.729  3.935   1.00 36.92  ? 405 CYS A C   1 
ATOM   253  O O   . CYS A 1 41  ? -10.772 -6.801  3.312   1.00 36.67  ? 405 CYS A O   1 
ATOM   254  C CB  . CYS A 1 41  ? -13.272 -6.524  4.840   1.00 36.47  ? 405 CYS A CB  1 
ATOM   255  S SG  . CYS A 1 41  ? -15.022 -6.125  4.630   1.00 44.20  ? 405 CYS A SG  1 
ATOM   256  N N   . ILE A 1 42  ? -10.599 -8.715  4.498   1.00 36.61  ? 406 ILE A N   1 
ATOM   257  C CA  . ILE A 1 42  ? -9.148  -8.755  4.383   1.00 36.40  ? 406 ILE A CA  1 
ATOM   258  C C   . ILE A 1 42  ? -8.766  -8.500  2.940   1.00 36.64  ? 406 ILE A C   1 
ATOM   259  O O   . ILE A 1 42  ? -9.120  -9.274  2.054   1.00 36.04  ? 406 ILE A O   1 
ATOM   260  C CB  . ILE A 1 42  ? -8.553  -10.120 4.754   1.00 36.92  ? 406 ILE A CB  1 
ATOM   261  C CG1 . ILE A 1 42  ? -9.111  -10.618 6.084   1.00 38.25  ? 406 ILE A CG1 1 
ATOM   262  C CG2 . ILE A 1 42  ? -7.029  -10.001 4.832   1.00 35.24  ? 406 ILE A CG2 1 
ATOM   263  C CD1 . ILE A 1 42  ? -8.622  -9.862  7.298   1.00 44.17  ? 406 ILE A CD1 1 
ATOM   264  N N   . PRO A 1 43  ? -8.040  -7.401  2.692   1.00 37.02  ? 407 PRO A N   1 
ATOM   265  C CA  . PRO A 1 43  ? -7.613  -7.067  1.331   1.00 38.69  ? 407 PRO A CA  1 
ATOM   266  C C   . PRO A 1 43  ? -6.730  -8.209  0.809   1.00 39.48  ? 407 PRO A C   1 
ATOM   267  O O   . PRO A 1 43  ? -6.093  -8.903  1.604   1.00 43.07  ? 407 PRO A O   1 
ATOM   268  C CB  . PRO A 1 43  ? -6.840  -5.771  1.540   1.00 39.39  ? 407 PRO A CB  1 
ATOM   269  C CG  . PRO A 1 43  ? -6.203  -6.005  2.870   1.00 35.78  ? 407 PRO A CG  1 
ATOM   270  C CD  . PRO A 1 43  ? -7.347  -6.551  3.681   1.00 37.82  ? 407 PRO A CD  1 
ATOM   271  N N   . ILE A 1 44  ? -6.700  -8.406  -0.508  1.00 37.34  ? 408 ILE A N   1 
ATOM   272  C CA  . ILE A 1 44  ? -5.891  -9.464  -1.102  1.00 37.94  ? 408 ILE A CA  1 
ATOM   273  C C   . ILE A 1 44  ? -4.436  -9.024  -1.255  1.00 35.89  ? 408 ILE A C   1 
ATOM   274  O O   . ILE A 1 44  ? -3.521  -9.862  -1.356  1.00 38.00  ? 408 ILE A O   1 
ATOM   275  C CB  . ILE A 1 44  ? -6.427  -9.875  -2.513  1.00 38.42  ? 408 ILE A CB  1 
ATOM   276  C CG1 . ILE A 1 44  ? -7.726  -10.678 -2.383  1.00 41.27  ? 408 ILE A CG1 1 
ATOM   277  C CG2 . ILE A 1 44  ? -5.377  -10.708 -3.272  1.00 39.85  ? 408 ILE A CG2 1 
ATOM   278  C CD1 . ILE A 1 44  ? -8.885  -9.902  -1.811  1.00 45.85  ? 408 ILE A CD1 1 
ATOM   279  N N   . PHE A 1 45  ? -4.214  -7.714  -1.266  1.00 31.77  ? 409 PHE A N   1 
ATOM   280  C CA  . PHE A 1 45  ? -2.865  -7.218  -1.442  1.00 27.22  ? 409 PHE A CA  1 
ATOM   281  C C   . PHE A 1 45  ? -2.504  -6.116  -0.487  1.00 24.70  ? 409 PHE A C   1 
ATOM   282  O O   . PHE A 1 45  ? -3.364  -5.403  0.012   1.00 24.05  ? 409 PHE A O   1 
ATOM   283  C CB  . PHE A 1 45  ? -2.670  -6.699  -2.864  1.00 27.08  ? 409 PHE A CB  1 
ATOM   284  C CG  . PHE A 1 45  ? -2.750  -7.763  -3.905  1.00 22.63  ? 409 PHE A CG  1 
ATOM   285  C CD1 . PHE A 1 45  ? -3.895  -7.911  -4.678  1.00 22.58  ? 409 PHE A CD1 1 
ATOM   286  C CD2 . PHE A 1 45  ? -1.687  -8.626  -4.111  1.00 15.54  ? 409 PHE A CD2 1 
ATOM   287  C CE1 . PHE A 1 45  ? -3.971  -8.919  -5.651  1.00 21.72  ? 409 PHE A CE1 1 
ATOM   288  C CE2 . PHE A 1 45  ? -1.755  -9.628  -5.070  1.00 15.76  ? 409 PHE A CE2 1 
ATOM   289  C CZ  . PHE A 1 45  ? -2.891  -9.775  -5.842  1.00 15.56  ? 409 PHE A CZ  1 
ATOM   290  N N   . TRP A 1 46  ? -1.200  -6.009  -0.251  1.00 25.22  ? 410 TRP A N   1 
ATOM   291  C CA  . TRP A 1 46  ? -0.578  -5.000  0.596   1.00 24.79  ? 410 TRP A CA  1 
ATOM   292  C C   . TRP A 1 46  ? 0.929   -5.162  0.434   1.00 22.81  ? 410 TRP A C   1 
ATOM   293  O O   . TRP A 1 46  ? 1.398   -6.220  0.062   1.00 23.24  ? 410 TRP A O   1 
ATOM   294  C CB  . TRP A 1 46  ? -1.040  -5.162  2.051   1.00 25.44  ? 410 TRP A CB  1 
ATOM   295  C CG  . TRP A 1 46  ? -0.660  -6.423  2.779   1.00 25.88  ? 410 TRP A CG  1 
ATOM   296  C CD1 . TRP A 1 46  ? 0.544   -6.717  3.339   1.00 26.30  ? 410 TRP A CD1 1 
ATOM   297  C CD2 . TRP A 1 46  ? -1.518  -7.531  3.063   1.00 25.71  ? 410 TRP A CD2 1 
ATOM   298  N NE1 . TRP A 1 46  ? 0.492   -7.938  3.969   1.00 26.42  ? 410 TRP A NE1 1 
ATOM   299  C CE2 . TRP A 1 46  ? -0.767  -8.453  3.826   1.00 23.87  ? 410 TRP A CE2 1 
ATOM   300  C CE3 . TRP A 1 46  ? -2.864  -7.809  2.779   1.00 24.16  ? 410 TRP A CE3 1 
ATOM   301  C CZ2 . TRP A 1 46  ? -1.310  -9.666  4.274   1.00 24.06  ? 410 TRP A CZ2 1 
ATOM   302  C CZ3 . TRP A 1 46  ? -3.406  -9.016  3.232   1.00 27.45  ? 410 TRP A CZ3 1 
ATOM   303  C CH2 . TRP A 1 46  ? -2.629  -9.920  3.985   1.00 26.50  ? 410 TRP A CH2 1 
ATOM   304  N N   . VAL A 1 47  ? 1.678   -4.091  0.673   1.00 23.53  ? 411 VAL A N   1 
ATOM   305  C CA  . VAL A 1 47  ? 3.132   -4.127  0.523   1.00 24.77  ? 411 VAL A CA  1 
ATOM   306  C C   . VAL A 1 47  ? 3.860   -4.614  1.760   1.00 24.13  ? 411 VAL A C   1 
ATOM   307  O O   . VAL A 1 47  ? 3.935   -3.920  2.761   1.00 29.38  ? 411 VAL A O   1 
ATOM   308  C CB  . VAL A 1 47  ? 3.713   -2.748  0.075   1.00 24.00  ? 411 VAL A CB  1 
ATOM   309  C CG1 . VAL A 1 47  ? 5.245   -2.814  0.059   1.00 27.98  ? 411 VAL A CG1 1 
ATOM   310  C CG2 . VAL A 1 47  ? 3.211   -2.414  -1.330  1.00 23.56  ? 411 VAL A CG2 1 
ATOM   311  N N   . SER A 1 48  ? 4.399   -5.825  1.676   1.00 24.21  ? 412 SER A N   1 
ATOM   312  C CA  . SER A 1 48  ? 5.109   -6.450  2.797   1.00 21.02  ? 412 SER A CA  1 
ATOM   313  C C   . SER A 1 48  ? 6.403   -5.761  3.168   1.00 19.14  ? 412 SER A C   1 
ATOM   314  O O   . SER A 1 48  ? 6.787   -5.753  4.328   1.00 20.35  ? 412 SER A O   1 
ATOM   315  C CB  . SER A 1 48  ? 5.414   -7.908  2.462   1.00 19.11  ? 412 SER A CB  1 
ATOM   316  O OG  . SER A 1 48  ? 4.199   -8.613  2.265   1.00 28.15  ? 412 SER A OG  1 
ATOM   317  N N   . LYS A 1 49  ? 7.071   -5.186  2.175   1.00 15.74  ? 413 LYS A N   1 
ATOM   318  C CA  . LYS A 1 49  ? 8.355   -4.529  2.395   1.00 14.92  ? 413 LYS A CA  1 
ATOM   319  C C   . LYS A 1 49  ? 8.572   -3.526  1.266   1.00 16.97  ? 413 LYS A C   1 
ATOM   320  O O   . LYS A 1 49  ? 8.068   -3.727  0.150   1.00 17.33  ? 413 LYS A O   1 
ATOM   321  C CB  . LYS A 1 49  ? 9.537   -5.537  2.376   1.00 12.36  ? 413 LYS A CB  1 
ATOM   322  C CG  . LYS A 1 49  ? 9.272   -6.861  3.098   1.00 15.49  ? 413 LYS A CG  1 
ATOM   323  C CD  . LYS A 1 49  ? 10.475  -7.765  3.118   1.00 14.67  ? 413 LYS A CD  1 
ATOM   324  C CE  . LYS A 1 49  ? 10.069  -9.177  3.565   1.00 29.31  ? 413 LYS A CE  1 
ATOM   325  N NZ  . LYS A 1 49  ? 10.041  -10.196 2.422   1.00 39.19  ? 413 LYS A NZ  1 
ATOM   326  N N   . TRP A 1 50  ? 9.315   -2.453  1.557   1.00 17.36  ? 414 TRP A N   1 
ATOM   327  C CA  . TRP A 1 50  ? 9.620   -1.436  0.562   1.00 16.81  ? 414 TRP A CA  1 
ATOM   328  C C   . TRP A 1 50  ? 11.054  -0.943  0.760   1.00 17.60  ? 414 TRP A C   1 
ATOM   329  O O   . TRP A 1 50  ? 11.610  -1.040  1.850   1.00 20.19  ? 414 TRP A O   1 
ATOM   330  C CB  . TRP A 1 50  ? 8.627   -0.282  0.659   1.00 16.63  ? 414 TRP A CB  1 
ATOM   331  C CG  . TRP A 1 50  ? 8.599   0.343   1.977   1.00 14.74  ? 414 TRP A CG  1 
ATOM   332  C CD1 . TRP A 1 50  ? 7.903   -0.076  3.046   1.00 17.62  ? 414 TRP A CD1 1 
ATOM   333  C CD2 . TRP A 1 50  ? 9.340   1.489   2.395   1.00 13.31  ? 414 TRP A CD2 1 
ATOM   334  N NE1 . TRP A 1 50  ? 8.147   0.735   4.126   1.00 25.52  ? 414 TRP A NE1 1 
ATOM   335  C CE2 . TRP A 1 50  ? 9.027   1.700   3.751   1.00 20.85  ? 414 TRP A CE2 1 
ATOM   336  C CE3 . TRP A 1 50  ? 10.229  2.346   1.750   1.00 19.35  ? 414 TRP A CE3 1 
ATOM   337  C CZ2 . TRP A 1 50  ? 9.602   2.751   4.489   1.00 17.05  ? 414 TRP A CZ2 1 
ATOM   338  C CZ3 . TRP A 1 50  ? 10.802  3.386   2.479   1.00 19.60  ? 414 TRP A CZ3 1 
ATOM   339  C CH2 . TRP A 1 50  ? 10.478  3.579   3.841   1.00 19.99  ? 414 TRP A CH2 1 
ATOM   340  N N   . VAL A 1 51  ? 11.664  -0.440  -0.305  1.00 19.06  ? 415 VAL A N   1 
ATOM   341  C CA  . VAL A 1 51  ? 13.039  0.060   -0.263  1.00 20.78  ? 415 VAL A CA  1 
ATOM   342  C C   . VAL A 1 51  ? 13.134  1.325   -1.110  1.00 21.61  ? 415 VAL A C   1 
ATOM   343  O O   . VAL A 1 51  ? 12.937  1.280   -2.329  1.00 20.74  ? 415 VAL A O   1 
ATOM   344  C CB  . VAL A 1 51  ? 14.042  -0.997  -0.810  1.00 20.45  ? 415 VAL A CB  1 
ATOM   345  C CG1 . VAL A 1 51  ? 15.391  -0.350  -1.040  1.00 19.40  ? 415 VAL A CG1 1 
ATOM   346  C CG2 . VAL A 1 51  ? 14.170  -2.142  0.186   1.00 17.77  ? 415 VAL A CG2 1 
ATOM   347  N N   . ASP A 1 52  ? 13.442  2.444   -0.461  1.00 24.96  ? 416 ASP A N   1 
ATOM   348  C CA  . ASP A 1 52  ? 13.556  3.724   -1.152  1.00 28.05  ? 416 ASP A CA  1 
ATOM   349  C C   . ASP A 1 52  ? 14.988  4.086   -1.592  1.00 28.24  ? 416 ASP A C   1 
ATOM   350  O O   . ASP A 1 52  ? 15.665  4.875   -0.942  1.00 27.39  ? 416 ASP A O   1 
ATOM   351  C CB  . ASP A 1 52  ? 12.995  4.823   -0.244  1.00 29.40  ? 416 ASP A CB  1 
ATOM   352  C CG  . ASP A 1 52  ? 12.897  6.182   -0.938  1.00 30.57  ? 416 ASP A CG  1 
ATOM   353  O OD1 . ASP A 1 52  ? 13.591  6.391   -1.948  1.00 38.11  ? 416 ASP A OD1 1 
ATOM   354  O OD2 . ASP A 1 52  ? 12.137  7.049   -0.457  1.00 33.66  ? 416 ASP A OD2 1 
ATOM   355  N N   . TYR A 1 53  ? 15.435  3.508   -2.702  1.00 32.35  ? 417 TYR A N   1 
ATOM   356  C CA  . TYR A 1 53  ? 16.763  3.780   -3.258  1.00 36.31  ? 417 TYR A CA  1 
ATOM   357  C C   . TYR A 1 53  ? 16.471  4.675   -4.469  1.00 36.66  ? 417 TYR A C   1 
ATOM   358  O O   . TYR A 1 53  ? 17.143  4.611   -5.498  1.00 38.30  ? 417 TYR A O   1 
ATOM   359  C CB  . TYR A 1 53  ? 17.420  2.466   -3.710  1.00 36.87  ? 417 TYR A CB  1 
ATOM   360  C CG  . TYR A 1 53  ? 18.937  2.472   -3.819  1.00 41.91  ? 417 TYR A CG  1 
ATOM   361  C CD1 . TYR A 1 53  ? 19.644  1.287   -4.112  1.00 40.53  ? 417 TYR A CD1 1 
ATOM   362  C CD2 . TYR A 1 53  ? 19.671  3.643   -3.616  1.00 46.74  ? 417 TYR A CD2 1 
ATOM   363  C CE1 . TYR A 1 53  ? 21.050  1.275   -4.192  1.00 40.82  ? 417 TYR A CE1 1 
ATOM   364  C CE2 . TYR A 1 53  ? 21.080  3.647   -3.698  1.00 47.14  ? 417 TYR A CE2 1 
ATOM   365  C CZ  . TYR A 1 53  ? 21.755  2.458   -3.985  1.00 42.98  ? 417 TYR A CZ  1 
ATOM   366  O OH  . TYR A 1 53  ? 23.127  2.462   -4.061  1.00 43.87  ? 417 TYR A OH  1 
ATOM   367  N N   . SER A 1 54  ? 15.444  5.508   -4.325  1.00 36.87  ? 418 SER A N   1 
ATOM   368  C CA  . SER A 1 54  ? 14.999  6.416   -5.382  1.00 38.49  ? 418 SER A CA  1 
ATOM   369  C C   . SER A 1 54  ? 15.878  7.642   -5.579  1.00 40.55  ? 418 SER A C   1 
ATOM   370  O O   . SER A 1 54  ? 15.655  8.413   -6.515  1.00 40.41  ? 418 SER A O   1 
ATOM   371  C CB  . SER A 1 54  ? 13.586  6.895   -5.099  1.00 38.17  ? 418 SER A CB  1 
ATOM   372  O OG  . SER A 1 54  ? 13.630  8.047   -4.281  1.00 40.95  ? 418 SER A OG  1 
ATOM   373  N N   . ASP A 1 55  ? 16.852  7.843   -4.695  1.00 42.20  ? 419 ASP A N   1 
ATOM   374  C CA  . ASP A 1 55  ? 17.764  8.976   -4.833  1.00 42.11  ? 419 ASP A CA  1 
ATOM   375  C C   . ASP A 1 55  ? 18.571  8.594   -6.064  1.00 40.61  ? 419 ASP A C   1 
ATOM   376  O O   . ASP A 1 55  ? 19.041  9.443   -6.833  1.00 40.85  ? 419 ASP A O   1 
ATOM   377  C CB  . ASP A 1 55  ? 18.692  9.062   -3.616  1.00 43.23  ? 419 ASP A CB  1 
ATOM   378  C CG  . ASP A 1 55  ? 19.346  10.435  -3.455  1.00 52.69  ? 419 ASP A CG  1 
ATOM   379  O OD1 . ASP A 1 55  ? 19.608  11.102  -4.484  1.00 62.68  ? 419 ASP A OD1 1 
ATOM   380  O OD2 . ASP A 1 55  ? 19.614  10.838  -2.287  1.00 60.08  ? 419 ASP A OD2 1 
ATOM   381  N N   . LYS A 1 56  ? 18.690  7.278   -6.233  1.00 39.34  ? 420 LYS A N   1 
ATOM   382  C CA  . LYS A 1 56  ? 19.421  6.658   -7.325  1.00 37.59  ? 420 LYS A CA  1 
ATOM   383  C C   . LYS A 1 56  ? 18.553  6.017   -8.410  1.00 36.66  ? 420 LYS A C   1 
ATOM   384  O O   . LYS A 1 56  ? 18.548  6.483   -9.554  1.00 36.05  ? 420 LYS A O   1 
ATOM   385  C CB  . LYS A 1 56  ? 20.391  5.624   -6.742  1.00 37.78  ? 420 LYS A CB  1 
ATOM   386  C CG  . LYS A 1 56  ? 21.806  6.143   -6.599  1.00 36.33  ? 420 LYS A CG  1 
ATOM   387  C CD  . LYS A 1 56  ? 21.809  7.572   -6.081  1.00 37.14  ? 420 LYS A CD  1 
ATOM   388  C CE  . LYS A 1 56  ? 22.893  8.417   -6.761  1.00 38.65  ? 420 LYS A CE  1 
ATOM   389  N NZ  . LYS A 1 56  ? 24.139  8.544   -5.943  1.00 30.45  ? 420 LYS A NZ  1 
ATOM   390  N N   . TYR A 1 57  ? 17.817  4.959   -8.065  1.00 35.89  ? 421 TYR A N   1 
ATOM   391  C CA  . TYR A 1 57  ? 16.997  4.277   -9.070  1.00 34.56  ? 421 TYR A CA  1 
ATOM   392  C C   . TYR A 1 57  ? 15.483  4.322   -8.870  1.00 33.65  ? 421 TYR A C   1 
ATOM   393  O O   . TYR A 1 57  ? 14.732  4.436   -9.845  1.00 34.11  ? 421 TYR A O   1 
ATOM   394  C CB  . TYR A 1 57  ? 17.412  2.809   -9.199  1.00 34.18  ? 421 TYR A CB  1 
ATOM   395  C CG  . TYR A 1 57  ? 18.853  2.519   -8.868  1.00 32.25  ? 421 TYR A CG  1 
ATOM   396  C CD1 . TYR A 1 57  ? 19.311  2.593   -7.562  1.00 30.62  ? 421 TYR A CD1 1 
ATOM   397  C CD2 . TYR A 1 57  ? 19.748  2.123   -9.858  1.00 33.32  ? 421 TYR A CD2 1 
ATOM   398  C CE1 . TYR A 1 57  ? 20.628  2.276   -7.250  1.00 35.58  ? 421 TYR A CE1 1 
ATOM   399  C CE2 . TYR A 1 57  ? 21.067  1.802   -9.558  1.00 33.35  ? 421 TYR A CE2 1 
ATOM   400  C CZ  . TYR A 1 57  ? 21.501  1.878   -8.254  1.00 34.27  ? 421 TYR A CZ  1 
ATOM   401  O OH  . TYR A 1 57  ? 22.800  1.548   -7.944  1.00 35.52  ? 421 TYR A OH  1 
ATOM   402  N N   . GLY A 1 58  ? 15.033  4.188   -7.626  1.00 32.13  ? 422 GLY A N   1 
ATOM   403  C CA  . GLY A 1 58  ? 13.608  4.239   -7.379  1.00 30.96  ? 422 GLY A CA  1 
ATOM   404  C C   . GLY A 1 58  ? 13.190  3.391   -6.207  1.00 30.01  ? 422 GLY A C   1 
ATOM   405  O O   . GLY A 1 58  ? 14.027  2.913   -5.456  1.00 31.18  ? 422 GLY A O   1 
ATOM   406  N N   . LEU A 1 59  ? 11.885  3.187   -6.077  1.00 28.54  ? 423 LEU A N   1 
ATOM   407  C CA  . LEU A 1 59  ? 11.311  2.384   -5.005  1.00 27.04  ? 423 LEU A CA  1 
ATOM   408  C C   . LEU A 1 59  ? 11.009  0.924   -5.390  1.00 26.45  ? 423 LEU A C   1 
ATOM   409  O O   . LEU A 1 59  ? 10.314  0.647   -6.363  1.00 24.67  ? 423 LEU A O   1 
ATOM   410  C CB  . LEU A 1 59  ? 10.041  3.078   -4.495  1.00 27.32  ? 423 LEU A CB  1 
ATOM   411  C CG  . LEU A 1 59  ? 9.217   2.432   -3.381  1.00 30.87  ? 423 LEU A CG  1 
ATOM   412  C CD1 . LEU A 1 59  ? 8.965   3.444   -2.288  1.00 32.96  ? 423 LEU A CD1 1 
ATOM   413  C CD2 . LEU A 1 59  ? 7.896   1.920   -3.962  1.00 38.34  ? 423 LEU A CD2 1 
ATOM   414  N N   . GLY A 1 60  ? 11.565  0.006   -4.610  1.00 24.44  ? 424 GLY A N   1 
ATOM   415  C CA  . GLY A 1 60  ? 11.336  -1.404  -4.824  1.00 24.99  ? 424 GLY A CA  1 
ATOM   416  C C   . GLY A 1 60  ? 10.401  -1.827  -3.707  1.00 26.10  ? 424 GLY A C   1 
ATOM   417  O O   . GLY A 1 60  ? 10.587  -1.415  -2.564  1.00 30.04  ? 424 GLY A O   1 
ATOM   418  N N   . TYR A 1 61  ? 9.402   -2.644  -4.019  1.00 23.98  ? 425 TYR A N   1 
ATOM   419  C CA  . TYR A 1 61  ? 8.463   -3.086  -3.015  1.00 20.07  ? 425 TYR A CA  1 
ATOM   420  C C   . TYR A 1 61  ? 8.128   -4.575  -3.177  1.00 20.31  ? 425 TYR A C   1 
ATOM   421  O O   . TYR A 1 61  ? 8.309   -5.160  -4.248  1.00 17.36  ? 425 TYR A O   1 
ATOM   422  C CB  . TYR A 1 61  ? 7.200   -2.236  -3.111  1.00 20.90  ? 425 TYR A CB  1 
ATOM   423  C CG  . TYR A 1 61  ? 6.447   -2.418  -4.407  1.00 23.02  ? 425 TYR A CG  1 
ATOM   424  C CD1 . TYR A 1 61  ? 5.563   -3.488  -4.579  1.00 27.23  ? 425 TYR A CD1 1 
ATOM   425  C CD2 . TYR A 1 61  ? 6.645   -1.552  -5.478  1.00 20.74  ? 425 TYR A CD2 1 
ATOM   426  C CE1 . TYR A 1 61  ? 4.901   -3.692  -5.786  1.00 20.27  ? 425 TYR A CE1 1 
ATOM   427  C CE2 . TYR A 1 61  ? 5.981   -1.748  -6.691  1.00 19.07  ? 425 TYR A CE2 1 
ATOM   428  C CZ  . TYR A 1 61  ? 5.119   -2.817  -6.836  1.00 16.42  ? 425 TYR A CZ  1 
ATOM   429  O OH  . TYR A 1 61  ? 4.484   -3.032  -8.029  1.00 25.58  ? 425 TYR A OH  1 
ATOM   430  N N   . GLN A 1 62  ? 7.646   -5.179  -2.092  1.00 22.39  ? 426 GLN A N   1 
ATOM   431  C CA  . GLN A 1 62  ? 7.267   -6.575  -2.106  1.00 22.89  ? 426 GLN A CA  1 
ATOM   432  C C   . GLN A 1 62  ? 5.822   -6.744  -1.709  1.00 24.24  ? 426 GLN A C   1 
ATOM   433  O O   . GLN A 1 62  ? 5.424   -6.341  -0.619  1.00 25.36  ? 426 GLN A O   1 
ATOM   434  C CB  . GLN A 1 62  ? 8.137   -7.400  -1.155  1.00 22.03  ? 426 GLN A CB  1 
ATOM   435  C CG  . GLN A 1 62  ? 7.976   -8.908  -1.392  1.00 24.25  ? 426 GLN A CG  1 
ATOM   436  C CD  . GLN A 1 62  ? 8.545   -9.745  -0.255  1.00 28.89  ? 426 GLN A CD  1 
ATOM   437  O OE1 . GLN A 1 62  ? 7.961   -9.819  0.833   1.00 36.10  ? 426 GLN A OE1 1 
ATOM   438  N NE2 . GLN A 1 62  ? 9.693   -10.374 -0.498  1.00 27.72  ? 426 GLN A NE2 1 
ATOM   439  N N   . LEU A 1 63  ? 5.049   -7.345  -2.606  1.00 23.99  ? 427 LEU A N   1 
ATOM   440  C CA  . LEU A 1 63  ? 3.666   -7.604  -2.312  1.00 25.18  ? 427 LEU A CA  1 
ATOM   441  C C   . LEU A 1 63  ? 3.627   -8.757  -1.309  1.00 26.69  ? 427 LEU A C   1 
ATOM   442  O O   . LEU A 1 63  ? 4.604   -9.506  -1.161  1.00 24.93  ? 427 LEU A O   1 
ATOM   443  C CB  . LEU A 1 63  ? 2.895   -7.935  -3.602  1.00 25.15  ? 427 LEU A CB  1 
ATOM   444  C CG  . LEU A 1 63  ? 2.540   -6.753  -4.522  1.00 29.10  ? 427 LEU A CG  1 
ATOM   445  C CD1 . LEU A 1 63  ? 1.055   -6.765  -4.860  1.00 22.63  ? 427 LEU A CD1 1 
ATOM   446  C CD2 . LEU A 1 63  ? 2.863   -5.422  -3.833  1.00 35.13  ? 427 LEU A CD2 1 
ATOM   447  N N   . CYS A 1 64  ? 2.511   -8.873  -0.602  1.00 28.14  ? 428 CYS A N   1 
ATOM   448  C CA  . CYS A 1 64  ? 2.331   -9.921  0.389   1.00 27.55  ? 428 CYS A CA  1 
ATOM   449  C C   . CYS A 1 64  ? 2.364   -11.318 -0.238  1.00 26.10  ? 428 CYS A C   1 
ATOM   450  O O   . CYS A 1 64  ? 2.516   -12.315 0.469   1.00 28.79  ? 428 CYS A O   1 
ATOM   451  C CB  . CYS A 1 64  ? 1.001   -9.699  1.100   1.00 28.40  ? 428 CYS A CB  1 
ATOM   452  S SG  . CYS A 1 64  ? -0.359  -9.506  -0.073  1.00 32.61  ? 428 CYS A SG  1 
ATOM   453  N N   . ASP A 1 65  ? 2.206   -11.385 -1.560  1.00 24.28  ? 429 ASP A N   1 
ATOM   454  C CA  . ASP A 1 65  ? 2.224   -12.659 -2.267  1.00 23.06  ? 429 ASP A CA  1 
ATOM   455  C C   . ASP A 1 65  ? 3.659   -12.999 -2.668  1.00 22.30  ? 429 ASP A C   1 
ATOM   456  O O   . ASP A 1 65  ? 3.923   -14.023 -3.314  1.00 21.99  ? 429 ASP A O   1 
ATOM   457  C CB  . ASP A 1 65  ? 1.344   -12.588 -3.514  1.00 23.47  ? 429 ASP A CB  1 
ATOM   458  C CG  . ASP A 1 65  ? 1.978   -11.793 -4.639  1.00 23.72  ? 429 ASP A CG  1 
ATOM   459  O OD1 . ASP A 1 65  ? 1.508   -11.909 -5.799  1.00 27.90  ? 429 ASP A OD1 1 
ATOM   460  O OD2 . ASP A 1 65  ? 2.961   -11.065 -4.400  1.00 24.19  ? 429 ASP A OD2 1 
ATOM   461  N N   . ASN A 1 66  ? 4.574   -12.113 -2.290  1.00 20.45  ? 430 ASN A N   1 
ATOM   462  C CA  . ASN A 1 66  ? 5.998   -12.249 -2.561  1.00 21.14  ? 430 ASN A CA  1 
ATOM   463  C C   . ASN A 1 66  ? 6.501   -11.919 -3.944  1.00 18.40  ? 430 ASN A C   1 
ATOM   464  O O   . ASN A 1 66  ? 7.600   -12.297 -4.318  1.00 17.50  ? 430 ASN A O   1 
ATOM   465  C CB  . ASN A 1 66  ? 6.468   -13.624 -2.156  1.00 23.89  ? 430 ASN A CB  1 
ATOM   466  C CG  . ASN A 1 66  ? 6.706   -13.712 -0.677  1.00 32.67  ? 430 ASN A CG  1 
ATOM   467  O OD1 . ASN A 1 66  ? 7.663   -13.122 -0.156  1.00 42.16  ? 430 ASN A OD1 1 
ATOM   468  N ND2 . ASN A 1 66  ? 5.826   -14.424 0.025   1.00 43.99  ? 430 ASN A ND2 1 
ATOM   469  N N   . SER A 1 67  ? 5.693   -11.203 -4.700  1.00 17.69  ? 431 SER A N   1 
ATOM   470  C CA  . SER A 1 67  ? 6.124   -10.756 -6.001  1.00 18.39  ? 431 SER A CA  1 
ATOM   471  C C   . SER A 1 67  ? 6.840   -9.448  -5.636  1.00 20.81  ? 431 SER A C   1 
ATOM   472  O O   . SER A 1 67  ? 6.533   -8.834  -4.604  1.00 19.68  ? 431 SER A O   1 
ATOM   473  C CB  . SER A 1 67  ? 4.919   -10.471 -6.882  1.00 18.20  ? 431 SER A CB  1 
ATOM   474  O OG  . SER A 1 67  ? 4.045   -9.570  -6.225  1.00 23.45  ? 431 SER A OG  1 
ATOM   475  N N   . VAL A 1 68  ? 7.829   -9.052  -6.428  1.00 22.19  ? 432 VAL A N   1 
ATOM   476  C CA  . VAL A 1 68  ? 8.535   -7.813  -6.147  1.00 22.14  ? 432 VAL A CA  1 
ATOM   477  C C   . VAL A 1 68  ? 8.346   -6.869  -7.321  1.00 21.63  ? 432 VAL A C   1 
ATOM   478  O O   . VAL A 1 68  ? 8.182   -7.291  -8.460  1.00 23.17  ? 432 VAL A O   1 
ATOM   479  C CB  . VAL A 1 68  ? 10.057  -8.042  -5.891  1.00 21.65  ? 432 VAL A CB  1 
ATOM   480  C CG1 . VAL A 1 68  ? 10.250  -8.799  -4.599  1.00 24.31  ? 432 VAL A CG1 1 
ATOM   481  C CG2 . VAL A 1 68  ? 10.674  -8.791  -7.051  1.00 27.36  ? 432 VAL A CG2 1 
ATOM   482  N N   . GLY A 1 69  ? 8.360   -5.578  -7.028  1.00 22.69  ? 433 GLY A N   1 
ATOM   483  C CA  . GLY A 1 69  ? 8.191   -4.603  -8.074  1.00 21.98  ? 433 GLY A CA  1 
ATOM   484  C C   . GLY A 1 69  ? 8.982   -3.350  -7.795  1.00 23.46  ? 433 GLY A C   1 
ATOM   485  O O   . GLY A 1 69  ? 9.178   -2.959  -6.646  1.00 25.14  ? 433 GLY A O   1 
ATOM   486  N N   . VAL A 1 70  ? 9.456   -2.716  -8.856  1.00 22.22  ? 434 VAL A N   1 
ATOM   487  C CA  . VAL A 1 70  ? 10.155  -1.461  -8.701  1.00 18.76  ? 434 VAL A CA  1 
ATOM   488  C C   . VAL A 1 70  ? 9.570   -0.480  -9.684  1.00 17.57  ? 434 VAL A C   1 
ATOM   489  O O   . VAL A 1 70  ? 9.374   -0.800  -10.851 1.00 15.57  ? 434 VAL A O   1 
ATOM   490  C CB  . VAL A 1 70  ? 11.708  -1.573  -8.888  1.00 17.53  ? 434 VAL A CB  1 
ATOM   491  C CG1 . VAL A 1 70  ? 12.087  -2.739  -9.767  1.00 16.76  ? 434 VAL A CG1 1 
ATOM   492  C CG2 . VAL A 1 70  ? 12.250  -0.279  -9.447  1.00 13.91  ? 434 VAL A CG2 1 
ATOM   493  N N   . LEU A 1 71  ? 9.241   0.696   -9.155  1.00 16.55  ? 435 LEU A N   1 
ATOM   494  C CA  . LEU A 1 71  ? 8.729   1.827   -9.909  1.00 14.65  ? 435 LEU A CA  1 
ATOM   495  C C   . LEU A 1 71  ? 10.001  2.662   -10.059 1.00 15.82  ? 435 LEU A C   1 
ATOM   496  O O   . LEU A 1 71  ? 10.442  3.269   -9.077  1.00 17.16  ? 435 LEU A O   1 
ATOM   497  C CB  . LEU A 1 71  ? 7.655   2.550   -9.078  1.00 12.23  ? 435 LEU A CB  1 
ATOM   498  C CG  . LEU A 1 71  ? 7.208   3.997   -9.366  1.00 14.18  ? 435 LEU A CG  1 
ATOM   499  C CD1 . LEU A 1 71  ? 7.236   4.336   -10.864 1.00 18.05  ? 435 LEU A CD1 1 
ATOM   500  C CD2 . LEU A 1 71  ? 5.823   4.206   -8.778  1.00 13.15  ? 435 LEU A CD2 1 
ATOM   501  N N   . PHE A 1 72  ? 10.602  2.662   -11.259 1.00 16.59  ? 436 PHE A N   1 
ATOM   502  C CA  . PHE A 1 72  ? 11.847  3.407   -11.491 1.00 19.03  ? 436 PHE A CA  1 
ATOM   503  C C   . PHE A 1 72  ? 11.690  4.941   -11.611 1.00 21.40  ? 436 PHE A C   1 
ATOM   504  O O   . PHE A 1 72  ? 10.614  5.495   -11.413 1.00 24.53  ? 436 PHE A O   1 
ATOM   505  C CB  . PHE A 1 72  ? 12.565  2.887   -12.745 1.00 17.80  ? 436 PHE A CB  1 
ATOM   506  C CG  . PHE A 1 72  ? 12.798  1.405   -12.757 1.00 17.79  ? 436 PHE A CG  1 
ATOM   507  C CD1 . PHE A 1 72  ? 11.792  0.536   -13.179 1.00 16.17  ? 436 PHE A CD1 1 
ATOM   508  C CD2 . PHE A 1 72  ? 13.996  0.868   -12.274 1.00 17.39  ? 436 PHE A CD2 1 
ATOM   509  C CE1 . PHE A 1 72  ? 11.984  -0.841  -13.144 1.00 22.09  ? 436 PHE A CE1 1 
ATOM   510  C CE2 . PHE A 1 72  ? 14.193  -0.508  -12.236 1.00 13.99  ? 436 PHE A CE2 1 
ATOM   511  C CZ  . PHE A 1 72  ? 13.177  -1.367  -12.659 1.00 17.45  ? 436 PHE A CZ  1 
ATOM   512  N N   . ASN A 1 73  ? 12.780  5.618   -11.948 1.00 24.04  ? 437 ASN A N   1 
ATOM   513  C CA  . ASN A 1 73  ? 12.756  7.053   -12.095 1.00 26.91  ? 437 ASN A CA  1 
ATOM   514  C C   . ASN A 1 73  ? 12.376  7.525   -13.491 1.00 28.23  ? 437 ASN A C   1 
ATOM   515  O O   . ASN A 1 73  ? 12.540  8.724   -13.820 1.00 31.24  ? 437 ASN A O   1 
ATOM   516  C CB  . ASN A 1 73  ? 14.092  7.648   -11.667 1.00 28.18  ? 437 ASN A CB  1 
ATOM   517  C CG  . ASN A 1 73  ? 14.294  7.563   -10.153 1.00 33.60  ? 437 ASN A CG  1 
ATOM   518  O OD1 . ASN A 1 73  ? 13.326  7.662   -9.385  1.00 35.36  ? 437 ASN A OD1 1 
ATOM   519  N ND2 . ASN A 1 73  ? 15.545  7.399   -9.716  1.00 35.82  ? 437 ASN A ND2 1 
ATOM   520  N N   . ASP A 1 74  ? 11.902  6.592   -14.317 1.00 26.22  ? 438 ASP A N   1 
ATOM   521  C CA  . ASP A 1 74  ? 11.432  6.952   -15.643 1.00 25.13  ? 438 ASP A CA  1 
ATOM   522  C C   . ASP A 1 74  ? 9.941   6.716   -15.627 1.00 24.58  ? 438 ASP A C   1 
ATOM   523  O O   . ASP A 1 74  ? 9.259   6.905   -16.636 1.00 25.66  ? 438 ASP A O   1 
ATOM   524  C CB  . ASP A 1 74  ? 12.069  6.106   -16.746 1.00 23.37  ? 438 ASP A CB  1 
ATOM   525  C CG  . ASP A 1 74  ? 12.621  4.810   -16.243 1.00 20.70  ? 438 ASP A CG  1 
ATOM   526  O OD1 . ASP A 1 74  ? 12.308  4.438   -15.103 1.00 26.93  ? 438 ASP A OD1 1 
ATOM   527  O OD2 . ASP A 1 74  ? 13.374  4.152   -16.993 1.00 20.82  ? 438 ASP A OD2 1 
ATOM   528  N N   . SER A 1 75  ? 9.437   6.295   -14.472 1.00 23.37  ? 439 SER A N   1 
ATOM   529  C CA  . SER A 1 75  ? 8.007   6.033   -14.344 1.00 22.08  ? 439 SER A CA  1 
ATOM   530  C C   . SER A 1 75  ? 7.649   4.698   -14.966 1.00 21.95  ? 439 SER A C   1 
ATOM   531  O O   . SER A 1 75  ? 6.460   4.398   -15.186 1.00 20.22  ? 439 SER A O   1 
ATOM   532  C CB  . SER A 1 75  ? 7.207   7.150   -15.005 1.00 21.46  ? 439 SER A CB  1 
ATOM   533  O OG  . SER A 1 75  ? 7.541   8.378   -14.392 1.00 23.94  ? 439 SER A OG  1 
ATOM   534  N N   . THR A 1 76  ? 8.687   3.914   -15.249 1.00 21.43  ? 440 THR A N   1 
ATOM   535  C CA  . THR A 1 76  ? 8.494   2.585   -15.797 1.00 22.78  ? 440 THR A CA  1 
ATOM   536  C C   . THR A 1 76  ? 8.578   1.696   -14.578 1.00 22.73  ? 440 THR A C   1 
ATOM   537  O O   . THR A 1 76  ? 9.259   2.059   -13.610 1.00 24.73  ? 440 THR A O   1 
ATOM   538  C CB  . THR A 1 76  ? 9.616   2.158   -16.744 1.00 22.98  ? 440 THR A CB  1 
ATOM   539  O OG1 . THR A 1 76  ? 10.872  2.296   -16.080 1.00 29.28  ? 440 THR A OG1 1 
ATOM   540  C CG2 . THR A 1 76  ? 9.617   2.992   -18.007 1.00 28.16  ? 440 THR A CG2 1 
ATOM   541  N N   . ARG A 1 77  ? 7.892   0.554   -14.616 1.00 21.11  ? 441 ARG A N   1 
ATOM   542  C CA  . ARG A 1 77  ? 7.935   -0.375  -13.496 1.00 19.03  ? 441 ARG A CA  1 
ATOM   543  C C   . ARG A 1 77  ? 7.988   -1.820  -13.940 1.00 16.28  ? 441 ARG A C   1 
ATOM   544  O O   . ARG A 1 77  ? 7.185   -2.274  -14.743 1.00 15.69  ? 441 ARG A O   1 
ATOM   545  C CB  . ARG A 1 77  ? 6.747   -0.165  -12.559 1.00 19.85  ? 441 ARG A CB  1 
ATOM   546  C CG  . ARG A 1 77  ? 5.516   0.320   -13.248 1.00 23.11  ? 441 ARG A CG  1 
ATOM   547  C CD  . ARG A 1 77  ? 4.765   1.216   -12.286 1.00 22.87  ? 441 ARG A CD  1 
ATOM   548  N NE  . ARG A 1 77  ? 3.843   2.103   -12.974 1.00 27.84  ? 441 ARG A NE  1 
ATOM   549  C CZ  . ARG A 1 77  ? 3.418   3.251   -12.462 1.00 33.17  ? 441 ARG A CZ  1 
ATOM   550  N NH1 . ARG A 1 77  ? 3.847   3.629   -11.263 1.00 35.37  ? 441 ARG A NH1 1 
ATOM   551  N NH2 . ARG A 1 77  ? 2.568   4.014   -13.145 1.00 34.19  ? 441 ARG A NH2 1 
ATOM   552  N N   . LEU A 1 78  ? 8.966   -2.524  -13.394 1.00 14.80  ? 442 LEU A N   1 
ATOM   553  C CA  . LEU A 1 78  ? 9.177   -3.922  -13.673 1.00 14.42  ? 442 LEU A CA  1 
ATOM   554  C C   . LEU A 1 78  ? 8.656   -4.678  -12.457 1.00 16.39  ? 442 LEU A C   1 
ATOM   555  O O   . LEU A 1 78  ? 8.943   -4.306  -11.314 1.00 19.28  ? 442 LEU A O   1 
ATOM   556  C CB  . LEU A 1 78  ? 10.666  -4.157  -13.856 1.00 11.59  ? 442 LEU A CB  1 
ATOM   557  C CG  . LEU A 1 78  ? 11.159  -5.517  -14.339 1.00 12.98  ? 442 LEU A CG  1 
ATOM   558  C CD1 . LEU A 1 78  ? 10.442  -5.901  -15.645 1.00 9.87   ? 442 LEU A CD1 1 
ATOM   559  C CD2 . LEU A 1 78  ? 12.670  -5.449  -14.519 1.00 12.89  ? 442 LEU A CD2 1 
ATOM   560  N N   . ILE A 1 79  ? 7.853   -5.714  -12.694 1.00 18.95  ? 443 ILE A N   1 
ATOM   561  C CA  . ILE A 1 79  ? 7.297   -6.527  -11.602 1.00 19.04  ? 443 ILE A CA  1 
ATOM   562  C C   . ILE A 1 79  ? 7.663   -7.992  -11.831 1.00 19.93  ? 443 ILE A C   1 
ATOM   563  O O   . ILE A 1 79  ? 7.345   -8.572  -12.863 1.00 20.21  ? 443 ILE A O   1 
ATOM   564  C CB  . ILE A 1 79  ? 5.740   -6.421  -11.501 1.00 19.73  ? 443 ILE A CB  1 
ATOM   565  C CG1 . ILE A 1 79  ? 5.334   -5.078  -10.894 1.00 16.78  ? 443 ILE A CG1 1 
ATOM   566  C CG2 . ILE A 1 79  ? 5.186   -7.524  -10.621 1.00 19.43  ? 443 ILE A CG2 1 
ATOM   567  C CD1 . ILE A 1 79  ? 5.007   -4.034  -11.920 1.00 22.52  ? 443 ILE A CD1 1 
ATOM   568  N N   . LEU A 1 80  ? 8.360   -8.565  -10.863 1.00 21.17  ? 444 LEU A N   1 
ATOM   569  C CA  . LEU A 1 80  ? 8.754   -9.957  -10.907 1.00 21.61  ? 444 LEU A CA  1 
ATOM   570  C C   . LEU A 1 80  ? 7.769   -10.727 -10.027 1.00 23.64  ? 444 LEU A C   1 
ATOM   571  O O   . LEU A 1 80  ? 7.632   -10.430 -8.840  1.00 21.68  ? 444 LEU A O   1 
ATOM   572  C CB  . LEU A 1 80  ? 10.182  -10.118 -10.368 1.00 20.29  ? 444 LEU A CB  1 
ATOM   573  C CG  . LEU A 1 80  ? 10.765  -11.510 -10.104 1.00 21.39  ? 444 LEU A CG  1 
ATOM   574  C CD1 . LEU A 1 80  ? 10.450  -12.438 -11.262 1.00 17.74  ? 444 LEU A CD1 1 
ATOM   575  C CD2 . LEU A 1 80  ? 12.270  -11.414 -9.906  1.00 22.74  ? 444 LEU A CD2 1 
ATOM   576  N N   . TYR A 1 81  ? 7.091   -11.713 -10.624 1.00 27.09  ? 445 TYR A N   1 
ATOM   577  C CA  . TYR A 1 81  ? 6.124   -12.560 -9.914  1.00 29.25  ? 445 TYR A CA  1 
ATOM   578  C C   . TYR A 1 81  ? 6.782   -13.497 -8.940  1.00 29.40  ? 445 TYR A C   1 
ATOM   579  O O   . TYR A 1 81  ? 7.960   -13.820 -9.076  1.00 27.40  ? 445 TYR A O   1 
ATOM   580  C CB  . TYR A 1 81  ? 5.295   -13.385 -10.888 1.00 32.32  ? 445 TYR A CB  1 
ATOM   581  C CG  . TYR A 1 81  ? 4.479   -12.535 -11.804 1.00 38.83  ? 445 TYR A CG  1 
ATOM   582  C CD1 . TYR A 1 81  ? 5.090   -11.723 -12.756 1.00 43.34  ? 445 TYR A CD1 1 
ATOM   583  C CD2 . TYR A 1 81  ? 3.083   -12.532 -11.720 1.00 43.65  ? 445 TYR A CD2 1 
ATOM   584  C CE1 . TYR A 1 81  ? 4.324   -10.929 -13.612 1.00 47.77  ? 445 TYR A CE1 1 
ATOM   585  C CE2 . TYR A 1 81  ? 2.313   -11.748 -12.560 1.00 42.27  ? 445 TYR A CE2 1 
ATOM   586  C CZ  . TYR A 1 81  ? 2.939   -10.953 -13.503 1.00 42.74  ? 445 TYR A CZ  1 
ATOM   587  O OH  . TYR A 1 81  ? 2.192   -10.196 -14.363 1.00 43.49  ? 445 TYR A OH  1 
ATOM   588  N N   . ASN A 1 82  ? 5.985   -13.956 -7.980  1.00 31.81  ? 446 ASN A N   1 
ATOM   589  C CA  . ASN A 1 82  ? 6.461   -14.837 -6.910  1.00 34.44  ? 446 ASN A CA  1 
ATOM   590  C C   . ASN A 1 82  ? 6.805   -16.269 -7.312  1.00 32.59  ? 446 ASN A C   1 
ATOM   591  O O   . ASN A 1 82  ? 6.868   -17.168 -6.463  1.00 34.29  ? 446 ASN A O   1 
ATOM   592  C CB  . ASN A 1 82  ? 5.463   -14.837 -5.733  1.00 35.77  ? 446 ASN A CB  1 
ATOM   593  C CG  . ASN A 1 82  ? 4.202   -15.642 -6.010  1.00 39.86  ? 446 ASN A CG  1 
ATOM   594  O OD1 . ASN A 1 82  ? 3.722   -15.725 -7.143  1.00 46.82  ? 446 ASN A OD1 1 
ATOM   595  N ND2 . ASN A 1 82  ? 3.644   -16.222 -4.951  1.00 43.53  ? 446 ASN A ND2 1 
ATOM   596  N N   . ASP A 1 83  ? 7.034   -16.465 -8.608  1.00 31.36  ? 447 ASP A N   1 
ATOM   597  C CA  . ASP A 1 83  ? 7.420   -17.761 -9.144  1.00 30.67  ? 447 ASP A CA  1 
ATOM   598  C C   . ASP A 1 83  ? 8.878   -17.593 -9.600  1.00 28.69  ? 447 ASP A C   1 
ATOM   599  O O   . ASP A 1 83  ? 9.601   -18.559 -9.879  1.00 27.49  ? 447 ASP A O   1 
ATOM   600  C CB  . ASP A 1 83  ? 6.484   -18.168 -10.287 1.00 31.19  ? 447 ASP A CB  1 
ATOM   601  C CG  . ASP A 1 83  ? 6.236   -17.054 -11.271 1.00 36.38  ? 447 ASP A CG  1 
ATOM   602  O OD1 . ASP A 1 83  ? 7.154   -16.742 -12.056 1.00 42.53  ? 447 ASP A OD1 1 
ATOM   603  O OD2 . ASP A 1 83  ? 5.117   -16.482 -11.271 1.00 47.74  ? 447 ASP A OD2 1 
ATOM   604  N N   . GLY A 1 84  ? 9.299   -16.332 -9.647  1.00 27.40  ? 448 GLY A N   1 
ATOM   605  C CA  . GLY A 1 84  ? 10.666  -16.011 -9.996  1.00 25.96  ? 448 GLY A CA  1 
ATOM   606  C C   . GLY A 1 84  ? 11.028  -15.783 -11.442 1.00 24.96  ? 448 GLY A C   1 
ATOM   607  O O   . GLY A 1 84  ? 12.110  -15.283 -11.733 1.00 27.09  ? 448 GLY A O   1 
ATOM   608  N N   . ASP A 1 85  ? 10.139  -16.121 -12.362 1.00 24.32  ? 449 ASP A N   1 
ATOM   609  C CA  . ASP A 1 85  ? 10.484  -15.940 -13.761 1.00 22.76  ? 449 ASP A CA  1 
ATOM   610  C C   . ASP A 1 85  ? 9.653   -14.931 -14.513 1.00 20.89  ? 449 ASP A C   1 
ATOM   611  O O   . ASP A 1 85  ? 10.200  -14.104 -15.264 1.00 23.09  ? 449 ASP A O   1 
ATOM   612  C CB  . ASP A 1 85  ? 10.426  -17.272 -14.494 1.00 24.12  ? 449 ASP A CB  1 
ATOM   613  C CG  . ASP A 1 85  ? 11.392  -17.323 -15.633 1.00 31.59  ? 449 ASP A CG  1 
ATOM   614  O OD1 . ASP A 1 85  ? 12.604  -17.080 -15.392 1.00 40.71  ? 449 ASP A OD1 1 
ATOM   615  O OD2 . ASP A 1 85  ? 10.962  -17.607 -16.770 1.00 41.24  ? 449 ASP A OD2 1 
ATOM   616  N N   . SER A 1 86  ? 8.340   -15.015 -14.321 1.00 17.12  ? 450 SER A N   1 
ATOM   617  C CA  . SER A 1 86  ? 7.413   -14.116 -14.982 1.00 15.28  ? 450 SER A CA  1 
ATOM   618  C C   . SER A 1 86  ? 7.637   -12.635 -14.669 1.00 16.13  ? 450 SER A C   1 
ATOM   619  O O   . SER A 1 86  ? 7.951   -12.270 -13.530 1.00 14.87  ? 450 SER A O   1 
ATOM   620  C CB  . SER A 1 86  ? 5.982   -14.513 -14.618 1.00 14.41  ? 450 SER A CB  1 
ATOM   621  O OG  . SER A 1 86  ? 5.769   -15.907 -14.849 1.00 12.66  ? 450 SER A OG  1 
ATOM   622  N N   . LEU A 1 87  ? 7.467   -11.790 -15.691 1.00 17.99  ? 451 LEU A N   1 
ATOM   623  C CA  . LEU A 1 87  ? 7.627   -10.337 -15.562 1.00 18.16  ? 451 LEU A CA  1 
ATOM   624  C C   . LEU A 1 87  ? 6.485   -9.518  -16.179 1.00 18.80  ? 451 LEU A C   1 
ATOM   625  O O   . LEU A 1 87  ? 5.800   -9.960  -17.094 1.00 20.28  ? 451 LEU A O   1 
ATOM   626  C CB  . LEU A 1 87  ? 8.907   -9.883  -16.258 1.00 16.97  ? 451 LEU A CB  1 
ATOM   627  C CG  . LEU A 1 87  ? 10.310  -10.357 -15.902 1.00 18.90  ? 451 LEU A CG  1 
ATOM   628  C CD1 . LEU A 1 87  ? 11.285  -9.519  -16.729 1.00 22.83  ? 451 LEU A CD1 1 
ATOM   629  C CD2 . LEU A 1 87  ? 10.596  -10.197 -14.416 1.00 11.23  ? 451 LEU A CD2 1 
ATOM   630  N N   . GLN A 1 88  ? 6.322   -8.301  -15.679 1.00 19.68  ? 452 GLN A N   1 
ATOM   631  C CA  . GLN A 1 88  ? 5.348   -7.369  -16.219 1.00 21.42  ? 452 GLN A CA  1 
ATOM   632  C C   . GLN A 1 88  ? 6.041   -6.019  -16.327 1.00 22.38  ? 452 GLN A C   1 
ATOM   633  O O   . GLN A 1 88  ? 6.600   -5.508  -15.349 1.00 21.93  ? 452 GLN A O   1 
ATOM   634  C CB  . GLN A 1 88  ? 4.113   -7.211  -15.336 1.00 21.89  ? 452 GLN A CB  1 
ATOM   635  C CG  . GLN A 1 88  ? 3.238   -6.018  -15.787 1.00 22.41  ? 452 GLN A CG  1 
ATOM   636  C CD  . GLN A 1 88  ? 2.016   -5.815  -14.914 1.00 24.03  ? 452 GLN A CD  1 
ATOM   637  O OE1 . GLN A 1 88  ? 2.076   -6.026  -13.700 1.00 32.84  ? 452 GLN A OE1 1 
ATOM   638  N NE2 . GLN A 1 88  ? 0.902   -5.392  -15.521 1.00 25.66  ? 452 GLN A NE2 1 
ATOM   639  N N   . TYR A 1 89  ? 6.018   -5.461  -17.527 1.00 21.75  ? 453 TYR A N   1 
ATOM   640  C CA  . TYR A 1 89  ? 6.640   -4.180  -17.765 1.00 19.05  ? 453 TYR A CA  1 
ATOM   641  C C   . TYR A 1 89  ? 5.565   -3.156  -18.116 1.00 18.46  ? 453 TYR A C   1 
ATOM   642  O O   . TYR A 1 89  ? 4.764   -3.378  -19.033 1.00 18.02  ? 453 TYR A O   1 
ATOM   643  C CB  . TYR A 1 89  ? 7.647   -4.303  -18.903 1.00 17.25  ? 453 TYR A CB  1 
ATOM   644  C CG  . TYR A 1 89  ? 8.512   -3.067  -19.074 1.00 16.15  ? 453 TYR A CG  1 
ATOM   645  C CD1 . TYR A 1 89  ? 9.441   -2.695  -18.100 1.00 18.75  ? 453 TYR A CD1 1 
ATOM   646  C CD2 . TYR A 1 89  ? 8.380   -2.254  -20.202 1.00 18.12  ? 453 TYR A CD2 1 
ATOM   647  C CE1 . TYR A 1 89  ? 10.205  -1.556  -18.242 1.00 15.76  ? 453 TYR A CE1 1 
ATOM   648  C CE2 . TYR A 1 89  ? 9.141   -1.110  -20.354 1.00 13.10  ? 453 TYR A CE2 1 
ATOM   649  C CZ  . TYR A 1 89  ? 10.051  -0.760  -19.377 1.00 15.54  ? 453 TYR A CZ  1 
ATOM   650  O OH  . TYR A 1 89  ? 10.800  0.394   -19.533 1.00 17.20  ? 453 TYR A OH  1 
ATOM   651  N N   . ILE A 1 90  ? 5.534   -2.064  -17.357 1.00 17.10  ? 454 ILE A N   1 
ATOM   652  C CA  . ILE A 1 90  ? 4.584   -0.981  -17.584 1.00 17.36  ? 454 ILE A CA  1 
ATOM   653  C C   . ILE A 1 90  ? 5.377   0.285   -17.943 1.00 18.00  ? 454 ILE A C   1 
ATOM   654  O O   . ILE A 1 90  ? 6.060   0.870   -17.105 1.00 17.38  ? 454 ILE A O   1 
ATOM   655  C CB  . ILE A 1 90  ? 3.716   -0.693  -16.316 1.00 16.92  ? 454 ILE A CB  1 
ATOM   656  C CG1 . ILE A 1 90  ? 2.861   -1.913  -15.942 1.00 13.62  ? 454 ILE A CG1 1 
ATOM   657  C CG2 . ILE A 1 90  ? 2.804   0.514   -16.558 1.00 17.93  ? 454 ILE A CG2 1 
ATOM   658  C CD1 . ILE A 1 90  ? 3.489   -2.837  -14.910 1.00 14.10  ? 454 ILE A CD1 1 
ATOM   659  N N   . GLU A 1 91  ? 5.279   0.688   -19.202 1.00 20.17  ? 455 GLU A N   1 
ATOM   660  C CA  . GLU A 1 91  ? 5.962   1.876   -19.680 1.00 23.14  ? 455 GLU A CA  1 
ATOM   661  C C   . GLU A 1 91  ? 5.397   3.183   -19.149 1.00 25.88  ? 455 GLU A C   1 
ATOM   662  O O   . GLU A 1 91  ? 4.330   3.213   -18.538 1.00 25.81  ? 455 GLU A O   1 
ATOM   663  C CB  . GLU A 1 91  ? 5.972   1.897   -21.204 1.00 23.35  ? 455 GLU A CB  1 
ATOM   664  C CG  . GLU A 1 91  ? 6.891   0.855   -21.789 1.00 27.61  ? 455 GLU A CG  1 
ATOM   665  C CD  . GLU A 1 91  ? 6.288   0.153   -22.992 1.00 30.93  ? 455 GLU A CD  1 
ATOM   666  O OE1 . GLU A 1 91  ? 6.229   0.768   -24.090 1.00 28.49  ? 455 GLU A OE1 1 
ATOM   667  O OE2 . GLU A 1 91  ? 5.856   -1.021  -22.828 1.00 31.05  ? 455 GLU A OE2 1 
ATOM   668  N N   . ARG A 1 92  ? 6.147   4.260   -19.386 1.00 29.20  ? 456 ARG A N   1 
ATOM   669  C CA  . ARG A 1 92  ? 5.787   5.606   -18.930 1.00 33.17  ? 456 ARG A CA  1 
ATOM   670  C C   . ARG A 1 92  ? 4.348   6.011   -19.230 1.00 34.84  ? 456 ARG A C   1 
ATOM   671  O O   . ARG A 1 92  ? 3.827   6.957   -18.645 1.00 37.25  ? 456 ARG A O   1 
ATOM   672  C CB  . ARG A 1 92  ? 6.721   6.641   -19.548 1.00 33.34  ? 456 ARG A CB  1 
ATOM   673  C CG  . ARG A 1 92  ? 8.190   6.438   -19.214 1.00 40.84  ? 456 ARG A CG  1 
ATOM   674  C CD  . ARG A 1 92  ? 9.020   7.641   -19.653 1.00 51.81  ? 456 ARG A CD  1 
ATOM   675  N NE  . ARG A 1 92  ? 8.600   8.860   -18.952 1.00 56.40  ? 456 ARG A NE  1 
ATOM   676  C CZ  . ARG A 1 92  ? 7.561   9.622   -19.298 1.00 56.27  ? 456 ARG A CZ  1 
ATOM   677  N NH1 . ARG A 1 92  ? 6.814   9.322   -20.358 1.00 55.98  ? 456 ARG A NH1 1 
ATOM   678  N NH2 . ARG A 1 92  ? 7.239   10.668  -18.553 1.00 56.01  ? 456 ARG A NH2 1 
ATOM   679  N N   . ASP A 1 93  ? 3.710   5.299   -20.151 1.00 36.36  ? 457 ASP A N   1 
ATOM   680  C CA  . ASP A 1 93  ? 2.326   5.580   -20.527 1.00 36.46  ? 457 ASP A CA  1 
ATOM   681  C C   . ASP A 1 93  ? 1.393   4.500   -19.971 1.00 36.77  ? 457 ASP A C   1 
ATOM   682  O O   . ASP A 1 93  ? 0.190   4.696   -19.889 1.00 38.73  ? 457 ASP A O   1 
ATOM   683  C CB  . ASP A 1 93  ? 2.201   5.673   -22.054 1.00 36.81  ? 457 ASP A CB  1 
ATOM   684  C CG  . ASP A 1 93  ? 2.728   4.439   -22.762 1.00 37.40  ? 457 ASP A CG  1 
ATOM   685  O OD1 . ASP A 1 93  ? 3.237   4.588   -23.894 1.00 34.25  ? 457 ASP A OD1 1 
ATOM   686  O OD2 . ASP A 1 93  ? 2.613   3.331   -22.193 1.00 40.41  ? 457 ASP A OD2 1 
ATOM   687  N N   . GLY A 1 94  ? 1.943   3.358   -19.579 1.00 37.35  ? 458 GLY A N   1 
ATOM   688  C CA  . GLY A 1 94  ? 1.106   2.317   -19.009 1.00 36.78  ? 458 GLY A CA  1 
ATOM   689  C C   . GLY A 1 94  ? 0.890   1.067   -19.830 1.00 36.46  ? 458 GLY A C   1 
ATOM   690  O O   . GLY A 1 94  ? 0.122   0.202   -19.421 1.00 36.41  ? 458 GLY A O   1 
ATOM   691  N N   . THR A 1 95  ? 1.555   0.967   -20.978 1.00 36.33  ? 459 THR A N   1 
ATOM   692  C CA  . THR A 1 95  ? 1.427   -0.219  -21.815 1.00 37.16  ? 459 THR A CA  1 
ATOM   693  C C   . THR A 1 95  ? 1.941   -1.354  -20.946 1.00 37.03  ? 459 THR A C   1 
ATOM   694  O O   . THR A 1 95  ? 2.853   -1.156  -20.147 1.00 38.17  ? 459 THR A O   1 
ATOM   695  C CB  . THR A 1 95  ? 2.296   -0.145  -23.087 1.00 37.99  ? 459 THR A CB  1 
ATOM   696  O OG1 . THR A 1 95  ? 2.062   1.097   -23.776 1.00 37.19  ? 459 THR A OG1 1 
ATOM   697  C CG2 . THR A 1 95  ? 1.970   -1.331  -23.996 1.00 39.62  ? 459 THR A CG2 1 
ATOM   698  N N   . GLU A 1 96  ? 1.362   -2.539  -21.108 1.00 37.25  ? 460 GLU A N   1 
ATOM   699  C CA  . GLU A 1 96  ? 1.739   -3.688  -20.296 1.00 36.88  ? 460 GLU A CA  1 
ATOM   700  C C   . GLU A 1 96  ? 2.281   -4.883  -21.079 1.00 36.21  ? 460 GLU A C   1 
ATOM   701  O O   . GLU A 1 96  ? 1.570   -5.494  -21.881 1.00 35.57  ? 460 GLU A O   1 
ATOM   702  C CB  . GLU A 1 96  ? 0.535   -4.099  -19.446 1.00 37.14  ? 460 GLU A CB  1 
ATOM   703  C CG  . GLU A 1 96  ? 0.074   -2.994  -18.520 1.00 39.84  ? 460 GLU A CG  1 
ATOM   704  C CD  . GLU A 1 96  ? -1.169  -3.358  -17.738 1.00 44.47  ? 460 GLU A CD  1 
ATOM   705  O OE1 . GLU A 1 96  ? -1.139  -4.391  -17.034 1.00 43.70  ? 460 GLU A OE1 1 
ATOM   706  O OE2 . GLU A 1 96  ? -2.173  -2.614  -17.824 1.00 46.05  ? 460 GLU A OE2 1 
ATOM   707  N N   . SER A 1 97  ? 3.547   -5.211  -20.815 1.00 35.90  ? 461 SER A N   1 
ATOM   708  C CA  . SER A 1 97  ? 4.241   -6.324  -21.471 1.00 34.36  ? 461 SER A CA  1 
ATOM   709  C C   . SER A 1 97  ? 4.471   -7.465  -20.486 1.00 32.42  ? 461 SER A C   1 
ATOM   710  O O   . SER A 1 97  ? 4.739   -7.230  -19.308 1.00 32.18  ? 461 SER A O   1 
ATOM   711  C CB  . SER A 1 97  ? 5.596   -5.859  -22.023 1.00 34.54  ? 461 SER A CB  1 
ATOM   712  O OG  . SER A 1 97  ? 5.462   -4.736  -22.876 1.00 32.13  ? 461 SER A OG  1 
ATOM   713  N N   . TYR A 1 98  ? 4.363   -8.694  -20.979 1.00 31.40  ? 462 TYR A N   1 
ATOM   714  C CA  . TYR A 1 98  ? 4.572   -9.865  -20.151 1.00 29.93  ? 462 TYR A CA  1 
ATOM   715  C C   . TYR A 1 98  ? 5.713   -10.662 -20.733 1.00 26.77  ? 462 TYR A C   1 
ATOM   716  O O   . TYR A 1 98  ? 5.572   -11.356 -21.729 1.00 26.52  ? 462 TYR A O   1 
ATOM   717  C CB  . TYR A 1 98  ? 3.300   -10.694 -20.069 1.00 32.47  ? 462 TYR A CB  1 
ATOM   718  C CG  . TYR A 1 98  ? 2.227   -9.933  -19.332 1.00 36.95  ? 462 TYR A CG  1 
ATOM   719  C CD1 . TYR A 1 98  ? 1.452   -8.950  -19.976 1.00 37.46  ? 462 TYR A CD1 1 
ATOM   720  C CD2 . TYR A 1 98  ? 2.045   -10.127 -17.960 1.00 40.29  ? 462 TYR A CD2 1 
ATOM   721  C CE1 . TYR A 1 98  ? 0.532   -8.181  -19.261 1.00 39.90  ? 462 TYR A CE1 1 
ATOM   722  C CE2 . TYR A 1 98  ? 1.140   -9.373  -17.246 1.00 44.00  ? 462 TYR A CE2 1 
ATOM   723  C CZ  . TYR A 1 98  ? 0.382   -8.401  -17.890 1.00 41.70  ? 462 TYR A CZ  1 
ATOM   724  O OH  . TYR A 1 98  ? -0.516  -7.664  -17.143 1.00 42.34  ? 462 TYR A OH  1 
ATOM   725  N N   . LEU A 1 99  ? 6.857   -10.526 -20.085 1.00 23.75  ? 463 LEU A N   1 
ATOM   726  C CA  . LEU A 1 99  ? 8.077   -11.160 -20.506 1.00 20.63  ? 463 LEU A CA  1 
ATOM   727  C C   . LEU A 1 99  ? 8.444   -12.266 -19.533 1.00 19.90  ? 463 LEU A C   1 
ATOM   728  O O   . LEU A 1 99  ? 7.571   -12.864 -18.894 1.00 18.87  ? 463 LEU A O   1 
ATOM   729  C CB  . LEU A 1 99  ? 9.166   -10.085 -20.586 1.00 19.96  ? 463 LEU A CB  1 
ATOM   730  C CG  . LEU A 1 99  ? 8.641   -8.838  -21.311 1.00 18.03  ? 463 LEU A CG  1 
ATOM   731  C CD1 . LEU A 1 99  ? 9.536   -7.644  -21.111 1.00 14.12  ? 463 LEU A CD1 1 
ATOM   732  C CD2 . LEU A 1 99  ? 8.475   -9.150  -22.793 1.00 19.62  ? 463 LEU A CD2 1 
ATOM   733  N N   . THR A 1 100 ? 9.738   -12.531 -19.413 1.00 19.97  ? 464 THR A N   1 
ATOM   734  C CA  . THR A 1 100 ? 10.227  -13.587 -18.546 1.00 20.49  ? 464 THR A CA  1 
ATOM   735  C C   . THR A 1 100 ? 11.712  -13.379 -18.267 1.00 21.65  ? 464 THR A C   1 
ATOM   736  O O   . THR A 1 100 ? 12.439  -12.866 -19.119 1.00 22.98  ? 464 THR A O   1 
ATOM   737  C CB  . THR A 1 100 ? 10.022  -14.939 -19.239 1.00 21.09  ? 464 THR A CB  1 
ATOM   738  O OG1 . THR A 1 100 ? 8.676   -15.386 -19.022 1.00 18.36  ? 464 THR A OG1 1 
ATOM   739  C CG2 . THR A 1 100 ? 11.037  -15.968 -18.755 1.00 21.40  ? 464 THR A CG2 1 
ATOM   740  N N   . VAL A 1 101 ? 12.142  -13.751 -17.063 1.00 22.85  ? 465 VAL A N   1 
ATOM   741  C CA  . VAL A 1 101 ? 13.544  -13.638 -16.674 1.00 24.61  ? 465 VAL A CA  1 
ATOM   742  C C   . VAL A 1 101 ? 14.429  -14.403 -17.657 1.00 26.48  ? 465 VAL A C   1 
ATOM   743  O O   . VAL A 1 101 ? 15.564  -14.008 -17.922 1.00 26.78  ? 465 VAL A O   1 
ATOM   744  C CB  . VAL A 1 101 ? 13.788  -14.223 -15.256 1.00 24.18  ? 465 VAL A CB  1 
ATOM   745  C CG1 . VAL A 1 101 ? 15.150  -14.916 -15.189 1.00 21.45  ? 465 VAL A CG1 1 
ATOM   746  C CG2 . VAL A 1 101 ? 13.736  -13.116 -14.215 1.00 23.68  ? 465 VAL A CG2 1 
ATOM   747  N N   . SER A 1 102 ? 13.897  -15.494 -18.200 1.00 29.55  ? 466 SER A N   1 
ATOM   748  C CA  . SER A 1 102 ? 14.635  -16.326 -19.146 1.00 33.09  ? 466 SER A CA  1 
ATOM   749  C C   . SER A 1 102 ? 14.400  -15.996 -20.628 1.00 35.62  ? 466 SER A C   1 
ATOM   750  O O   . SER A 1 102 ? 15.294  -16.205 -21.450 1.00 36.24  ? 466 SER A O   1 
ATOM   751  C CB  . SER A 1 102 ? 14.340  -17.818 -18.890 1.00 33.35  ? 466 SER A CB  1 
ATOM   752  O OG  . SER A 1 102 ? 12.968  -18.138 -19.021 1.00 34.70  ? 466 SER A OG  1 
ATOM   753  N N   . SER A 1 103 ? 13.222  -15.457 -20.964 1.00 38.55  ? 467 SER A N   1 
ATOM   754  C CA  . SER A 1 103 ? 12.884  -15.104 -22.355 1.00 40.24  ? 467 SER A CA  1 
ATOM   755  C C   . SER A 1 103 ? 13.806  -14.008 -22.896 1.00 42.84  ? 467 SER A C   1 
ATOM   756  O O   . SER A 1 103 ? 13.838  -13.749 -24.097 1.00 43.44  ? 467 SER A O   1 
ATOM   757  C CB  . SER A 1 103 ? 11.429  -14.654 -22.482 1.00 39.81  ? 467 SER A CB  1 
ATOM   758  O OG  . SER A 1 103 ? 11.287  -13.282 -22.177 1.00 37.55  ? 467 SER A OG  1 
ATOM   759  N N   . HIS A 1 104 ? 14.523  -13.350 -21.984 1.00 45.38  ? 468 HIS A N   1 
ATOM   760  C CA  . HIS A 1 104 ? 15.549  -12.351 -22.307 1.00 46.64  ? 468 HIS A CA  1 
ATOM   761  C C   . HIS A 1 104 ? 15.235  -10.991 -22.941 1.00 45.66  ? 468 HIS A C   1 
ATOM   762  O O   . HIS A 1 104 ? 16.150  -10.350 -23.456 1.00 45.41  ? 468 HIS A O   1 
ATOM   763  C CB  . HIS A 1 104 ? 16.614  -13.026 -23.194 1.00 47.43  ? 468 HIS A CB  1 
ATOM   764  C CG  . HIS A 1 104 ? 18.015  -12.654 -22.841 1.00 49.59  ? 468 HIS A CG  1 
ATOM   765  N ND1 . HIS A 1 104 ? 18.854  -13.510 -22.160 1.00 51.70  ? 468 HIS A ND1 1 
ATOM   766  C CD2 . HIS A 1 104 ? 18.715  -11.511 -23.029 1.00 53.30  ? 468 HIS A CD2 1 
ATOM   767  C CE1 . HIS A 1 104 ? 20.008  -12.910 -21.946 1.00 53.09  ? 468 HIS A CE1 1 
ATOM   768  N NE2 . HIS A 1 104 ? 19.953  -11.695 -22.462 1.00 54.92  ? 468 HIS A NE2 1 
ATOM   769  N N   . PRO A 1 105 ? 13.978  -10.517 -22.902 1.00 44.44  ? 469 PRO A N   1 
ATOM   770  C CA  . PRO A 1 105 ? 13.722  -9.206  -23.541 1.00 43.02  ? 469 PRO A CA  1 
ATOM   771  C C   . PRO A 1 105 ? 14.974  -8.304  -23.571 1.00 41.76  ? 469 PRO A C   1 
ATOM   772  O O   . PRO A 1 105 ? 15.204  -7.517  -22.654 1.00 42.01  ? 469 PRO A O   1 
ATOM   773  C CB  . PRO A 1 105 ? 12.563  -8.631  -22.719 1.00 43.52  ? 469 PRO A CB  1 
ATOM   774  C CG  . PRO A 1 105 ? 12.579  -9.471  -21.433 1.00 45.18  ? 469 PRO A CG  1 
ATOM   775  C CD  . PRO A 1 105 ? 12.955  -10.829 -21.895 1.00 44.43  ? 469 PRO A CD  1 
ATOM   776  N N   . ASN A 1 106 ? 15.771  -8.473  -24.634 1.00 40.82  ? 470 ASN A N   1 
ATOM   777  C CA  . ASN A 1 106 ? 17.052  -7.792  -24.859 1.00 38.83  ? 470 ASN A CA  1 
ATOM   778  C C   . ASN A 1 106 ? 17.382  -6.651  -23.874 1.00 36.69  ? 470 ASN A C   1 
ATOM   779  O O   . ASN A 1 106 ? 17.990  -6.843  -22.831 1.00 35.02  ? 470 ASN A O   1 
ATOM   780  C CB  . ASN A 1 106 ? 17.117  -7.240  -26.298 1.00 39.15  ? 470 ASN A CB  1 
ATOM   781  C CG  . ASN A 1 106 ? 17.338  -8.324  -27.347 1.00 36.66  ? 470 ASN A CG  1 
ATOM   782  O OD1 . ASN A 1 106 ? 18.210  -9.197  -27.213 1.00 32.08  ? 470 ASN A OD1 1 
ATOM   783  N ND2 . ASN A 1 106 ? 16.543  -8.266  -28.401 1.00 33.78  ? 470 ASN A ND2 1 
ATOM   784  N N   . SER A 1 107 ? 16.951  -5.448  -24.251 1.00 35.68  ? 471 SER A N   1 
ATOM   785  C CA  . SER A 1 107 ? 17.133  -4.152  -23.534 1.00 33.28  ? 471 SER A CA  1 
ATOM   786  C C   . SER A 1 107 ? 16.730  -4.113  -22.052 1.00 32.44  ? 471 SER A C   1 
ATOM   787  O O   . SER A 1 107 ? 17.062  -3.163  -21.376 1.00 33.37  ? 471 SER A O   1 
ATOM   788  C CB  . SER A 1 107 ? 16.337  -3.036  -24.258 1.00 33.29  ? 471 SER A CB  1 
ATOM   789  O OG  . SER A 1 107 ? 14.981  -3.460  -24.354 1.00 31.85  ? 471 SER A OG  1 
ATOM   790  N N   . LEU A 1 108 ? 16.041  -5.136  -21.548 1.00 31.58  ? 472 LEU A N   1 
ATOM   791  C CA  . LEU A 1 108 ? 15.588  -5.162  -20.150 1.00 30.27  ? 472 LEU A CA  1 
ATOM   792  C C   . LEU A 1 108 ? 16.539  -5.785  -19.129 1.00 30.64  ? 472 LEU A C   1 
ATOM   793  O O   . LEU A 1 108 ? 16.216  -5.807  -17.944 1.00 30.97  ? 472 LEU A O   1 
ATOM   794  C CB  . LEU A 1 108 ? 14.225  -5.878  -20.023 1.00 28.90  ? 472 LEU A CB  1 
ATOM   795  C CG  . LEU A 1 108 ? 12.892  -5.155  -20.245 1.00 30.75  ? 472 LEU A CG  1 
ATOM   796  C CD1 . LEU A 1 108 ? 11.758  -6.041  -19.750 1.00 28.82  ? 472 LEU A CD1 1 
ATOM   797  C CD2 . LEU A 1 108 ? 12.868  -3.828  -19.493 1.00 31.74  ? 472 LEU A CD2 1 
ATOM   798  N N   . MET A 1 109 ? 17.702  -6.274  -19.556 1.00 30.91  ? 473 MET A N   1 
ATOM   799  C CA  . MET A 1 109 ? 18.622  -6.903  -18.602 1.00 33.10  ? 473 MET A CA  1 
ATOM   800  C C   . MET A 1 109 ? 19.315  -5.986  -17.571 1.00 31.60  ? 473 MET A C   1 
ATOM   801  O O   . MET A 1 109 ? 19.755  -6.446  -16.518 1.00 33.75  ? 473 MET A O   1 
ATOM   802  C CB  . MET A 1 109 ? 19.641  -7.781  -19.337 1.00 34.28  ? 473 MET A CB  1 
ATOM   803  C CG  . MET A 1 109 ? 18.994  -8.955  -20.120 1.00 42.88  ? 473 MET A CG  1 
ATOM   804  S SD  . MET A 1 109 ? 17.585  -9.798  -19.314 1.00 54.65  ? 473 MET A SD  1 
ATOM   805  C CE  . MET A 1 109 ? 18.429  -11.000 -18.303 1.00 51.57  ? 473 MET A CE  1 
ATOM   806  N N   . LYS A 1 110 ? 19.405  -4.690  -17.838 1.00 29.82  ? 474 LYS A N   1 
ATOM   807  C CA  . LYS A 1 110 ? 19.980  -3.810  -16.824 1.00 27.49  ? 474 LYS A CA  1 
ATOM   808  C C   . LYS A 1 110 ? 18.883  -3.731  -15.763 1.00 25.07  ? 474 LYS A C   1 
ATOM   809  O O   . LYS A 1 110 ? 19.064  -4.114  -14.615 1.00 24.68  ? 474 LYS A O   1 
ATOM   810  C CB  . LYS A 1 110 ? 20.291  -2.423  -17.405 1.00 28.01  ? 474 LYS A CB  1 
ATOM   811  C CG  . LYS A 1 110 ? 21.334  -2.499  -18.524 1.00 32.83  ? 474 LYS A CG  1 
ATOM   812  C CD  . LYS A 1 110 ? 22.354  -1.363  -18.454 1.00 32.02  ? 474 LYS A CD  1 
ATOM   813  C CE  . LYS A 1 110 ? 23.676  -1.744  -19.138 1.00 32.34  ? 474 LYS A CE  1 
ATOM   814  N NZ  . LYS A 1 110 ? 23.512  -2.084  -20.584 1.00 34.73  ? 474 LYS A NZ  1 
ATOM   815  N N   . LYS A 1 111 ? 17.717  -3.281  -16.196 1.00 22.42  ? 475 LYS A N   1 
ATOM   816  C CA  . LYS A 1 111 ? 16.535  -3.162  -15.357 1.00 18.77  ? 475 LYS A CA  1 
ATOM   817  C C   . LYS A 1 111 ? 16.249  -4.408  -14.522 1.00 16.13  ? 475 LYS A C   1 
ATOM   818  O O   . LYS A 1 111 ? 15.901  -4.314  -13.343 1.00 14.08  ? 475 LYS A O   1 
ATOM   819  C CB  . LYS A 1 111 ? 15.326  -2.906  -16.250 1.00 19.39  ? 475 LYS A CB  1 
ATOM   820  C CG  . LYS A 1 111 ? 15.287  -1.540  -16.836 1.00 18.48  ? 475 LYS A CG  1 
ATOM   821  C CD  . LYS A 1 111 ? 14.933  -0.573  -15.742 1.00 21.34  ? 475 LYS A CD  1 
ATOM   822  C CE  . LYS A 1 111 ? 14.642  0.804   -16.301 1.00 17.80  ? 475 LYS A CE  1 
ATOM   823  N NZ  . LYS A 1 111 ? 13.520  0.770   -17.288 1.00 23.99  ? 475 LYS A NZ  1 
ATOM   824  N N   . ILE A 1 112 ? 16.381  -5.573  -15.152 1.00 13.38  ? 476 ILE A N   1 
ATOM   825  C CA  . ILE A 1 112 ? 16.103  -6.851  -14.495 1.00 11.59  ? 476 ILE A CA  1 
ATOM   826  C C   . ILE A 1 112 ? 17.120  -7.193  -13.411 1.00 11.34  ? 476 ILE A C   1 
ATOM   827  O O   . ILE A 1 112 ? 16.809  -7.937  -12.488 1.00 13.41  ? 476 ILE A O   1 
ATOM   828  C CB  . ILE A 1 112 ? 16.007  -8.029  -15.538 1.00 11.58  ? 476 ILE A CB  1 
ATOM   829  C CG1 . ILE A 1 112 ? 14.622  -8.028  -16.208 1.00 12.28  ? 476 ILE A CG1 1 
ATOM   830  C CG2 . ILE A 1 112 ? 16.252  -9.378  -14.856 1.00 8.54   ? 476 ILE A CG2 1 
ATOM   831  C CD1 . ILE A 1 112 ? 14.519  -8.946  -17.407 1.00 11.07  ? 476 ILE A CD1 1 
ATOM   832  N N   . THR A 1 113 ? 18.330  -6.654  -13.517 1.00 10.57  ? 477 THR A N   1 
ATOM   833  C CA  . THR A 1 113 ? 19.356  -6.887  -12.508 1.00 11.39  ? 477 THR A CA  1 
ATOM   834  C C   . THR A 1 113 ? 19.047  -5.977  -11.311 1.00 14.04  ? 477 THR A C   1 
ATOM   835  O O   . THR A 1 113 ? 19.260  -6.332  -10.162 1.00 16.20  ? 477 THR A O   1 
ATOM   836  C CB  . THR A 1 113 ? 20.754  -6.579  -13.073 1.00 12.14  ? 477 THR A CB  1 
ATOM   837  O OG1 . THR A 1 113 ? 21.112  -7.619  -13.992 1.00 14.73  ? 477 THR A OG1 1 
ATOM   838  C CG2 . THR A 1 113 ? 21.788  -6.492  -11.955 1.00 13.44  ? 477 THR A CG2 1 
ATOM   839  N N   . LEU A 1 114 ? 18.522  -4.797  -11.597 1.00 17.23  ? 478 LEU A N   1 
ATOM   840  C CA  . LEU A 1 114 ? 18.171  -3.849  -10.560 1.00 17.46  ? 478 LEU A CA  1 
ATOM   841  C C   . LEU A 1 114 ? 17.018  -4.399  -9.719  1.00 16.80  ? 478 LEU A C   1 
ATOM   842  O O   . LEU A 1 114 ? 16.883  -4.119  -8.523  1.00 18.99  ? 478 LEU A O   1 
ATOM   843  C CB  . LEU A 1 114 ? 17.742  -2.532  -11.192 1.00 17.31  ? 478 LEU A CB  1 
ATOM   844  C CG  . LEU A 1 114 ? 18.339  -1.236  -10.645 1.00 20.49  ? 478 LEU A CG  1 
ATOM   845  C CD1 . LEU A 1 114 ? 17.642  -0.102  -11.372 1.00 24.64  ? 478 LEU A CD1 1 
ATOM   846  C CD2 . LEU A 1 114 ? 18.145  -1.106  -9.128  1.00 19.11  ? 478 LEU A CD2 1 
ATOM   847  N N   . LEU A 1 115 ? 16.166  -5.180  -10.355 1.00 16.23  ? 479 LEU A N   1 
ATOM   848  C CA  . LEU A 1 115 ? 15.032  -5.744  -9.652  1.00 17.78  ? 479 LEU A CA  1 
ATOM   849  C C   . LEU A 1 115 ? 15.465  -6.896  -8.750  1.00 17.59  ? 479 LEU A C   1 
ATOM   850  O O   . LEU A 1 115 ? 14.987  -7.003  -7.609  1.00 16.55  ? 479 LEU A O   1 
ATOM   851  C CB  . LEU A 1 115 ? 13.988  -6.228  -10.649 1.00 19.38  ? 479 LEU A CB  1 
ATOM   852  C CG  . LEU A 1 115 ? 12.768  -6.979  -10.099 1.00 13.00  ? 479 LEU A CG  1 
ATOM   853  C CD1 . LEU A 1 115 ? 11.822  -6.049  -9.390  1.00 7.93   ? 479 LEU A CD1 1 
ATOM   854  C CD2 . LEU A 1 115 ? 12.130  -7.613  -11.292 1.00 14.83  ? 479 LEU A CD2 1 
ATOM   855  N N   . LYS A 1 116 ? 16.376  -7.733  -9.264  1.00 17.09  ? 480 LYS A N   1 
ATOM   856  C CA  . LYS A 1 116 ? 16.924  -8.872  -8.510  1.00 19.50  ? 480 LYS A CA  1 
ATOM   857  C C   . LYS A 1 116 ? 17.709  -8.405  -7.276  1.00 20.44  ? 480 LYS A C   1 
ATOM   858  O O   . LYS A 1 116 ? 17.764  -9.090  -6.265  1.00 20.58  ? 480 LYS A O   1 
ATOM   859  C CB  . LYS A 1 116 ? 17.843  -9.712  -9.379  1.00 21.00  ? 480 LYS A CB  1 
ATOM   860  C CG  . LYS A 1 116 ? 17.253  -11.089 -9.817  1.00 30.60  ? 480 LYS A CG  1 
ATOM   861  C CD  . LYS A 1 116 ? 16.725  -11.088 -11.261 1.00 38.45  ? 480 LYS A CD  1 
ATOM   862  C CE  . LYS A 1 116 ? 15.765  -12.261 -11.566 1.00 35.84  ? 480 LYS A CE  1 
ATOM   863  N NZ  . LYS A 1 116 ? 16.412  -13.614 -11.653 1.00 40.81  ? 480 LYS A NZ  1 
ATOM   864  N N   . TYR A 1 117 ? 18.301  -7.219  -7.358  1.00 21.60  ? 481 TYR A N   1 
ATOM   865  C CA  . TYR A 1 117 ? 19.027  -6.640  -6.227  1.00 22.62  ? 481 TYR A CA  1 
ATOM   866  C C   . TYR A 1 117 ? 17.979  -6.281  -5.177  1.00 19.70  ? 481 TYR A C   1 
ATOM   867  O O   . TYR A 1 117 ? 18.123  -6.623  -4.006  1.00 18.81  ? 481 TYR A O   1 
ATOM   868  C CB  . TYR A 1 117 ? 19.784  -5.385  -6.680  1.00 28.22  ? 481 TYR A CB  1 
ATOM   869  C CG  . TYR A 1 117 ? 20.179  -4.370  -5.597  1.00 36.18  ? 481 TYR A CG  1 
ATOM   870  C CD1 . TYR A 1 117 ? 19.621  -3.069  -5.597  1.00 42.29  ? 481 TYR A CD1 1 
ATOM   871  C CD2 . TYR A 1 117 ? 21.165  -4.668  -4.635  1.00 39.13  ? 481 TYR A CD2 1 
ATOM   872  C CE1 . TYR A 1 117 ? 20.033  -2.093  -4.682  1.00 42.12  ? 481 TYR A CE1 1 
ATOM   873  C CE2 . TYR A 1 117 ? 21.592  -3.692  -3.705  1.00 40.98  ? 481 TYR A CE2 1 
ATOM   874  C CZ  . TYR A 1 117 ? 21.024  -2.407  -3.742  1.00 43.04  ? 481 TYR A CZ  1 
ATOM   875  O OH  . TYR A 1 117 ? 21.458  -1.418  -2.875  1.00 40.85  ? 481 TYR A OH  1 
ATOM   876  N N   . PHE A 1 118 ? 16.913  -5.609  -5.621  1.00 17.79  ? 482 PHE A N   1 
ATOM   877  C CA  . PHE A 1 118 ? 15.794  -5.217  -4.753  1.00 17.80  ? 482 PHE A CA  1 
ATOM   878  C C   . PHE A 1 118 ? 15.099  -6.443  -4.196  1.00 17.96  ? 482 PHE A C   1 
ATOM   879  O O   . PHE A 1 118 ? 14.638  -6.446  -3.049  1.00 17.84  ? 482 PHE A O   1 
ATOM   880  C CB  . PHE A 1 118 ? 14.743  -4.420  -5.532  1.00 15.11  ? 482 PHE A CB  1 
ATOM   881  C CG  . PHE A 1 118 ? 14.981  -2.947  -5.515  1.00 17.31  ? 482 PHE A CG  1 
ATOM   882  C CD1 . PHE A 1 118 ? 15.571  -2.303  -6.597  1.00 19.09  ? 482 PHE A CD1 1 
ATOM   883  C CD2 . PHE A 1 118 ? 14.633  -2.193  -4.398  1.00 13.23  ? 482 PHE A CD2 1 
ATOM   884  C CE1 . PHE A 1 118 ? 15.825  -0.933  -6.548  1.00 21.10  ? 482 PHE A CE1 1 
ATOM   885  C CE2 . PHE A 1 118 ? 14.890  -0.832  -4.352  1.00 19.28  ? 482 PHE A CE2 1 
ATOM   886  C CZ  . PHE A 1 118 ? 15.480  -0.197  -5.436  1.00 13.62  ? 482 PHE A CZ  1 
ATOM   887  N N   . ARG A 1 119 ? 14.984  -7.461  -5.047  1.00 18.01  ? 483 ARG A N   1 
ATOM   888  C CA  . ARG A 1 119 ? 14.327  -8.707  -4.692  1.00 16.51  ? 483 ARG A CA  1 
ATOM   889  C C   . ARG A 1 119 ? 15.182  -9.374  -3.643  1.00 17.59  ? 483 ARG A C   1 
ATOM   890  O O   . ARG A 1 119 ? 14.699  -9.762  -2.575  1.00 19.00  ? 483 ARG A O   1 
ATOM   891  C CB  . ARG A 1 119 ? 14.226  -9.617  -5.916  1.00 14.49  ? 483 ARG A CB  1 
ATOM   892  C CG  . ARG A 1 119 ? 13.107  -10.672 -5.846  1.00 13.98  ? 483 ARG A CG  1 
ATOM   893  C CD  . ARG A 1 119 ? 13.630  -12.098 -5.992  1.00 7.62   ? 483 ARG A CD  1 
ATOM   894  N NE  . ARG A 1 119 ? 14.951  -12.123 -6.612  1.00 16.34  ? 483 ARG A NE  1 
ATOM   895  C CZ  . ARG A 1 119 ? 15.394  -13.098 -7.394  1.00 20.16  ? 483 ARG A CZ  1 
ATOM   896  N NH1 . ARG A 1 119 ? 14.609  -14.140 -7.658  1.00 26.48  ? 483 ARG A NH1 1 
ATOM   897  N NH2 . ARG A 1 119 ? 16.623  -13.027 -7.900  1.00 19.83  ? 483 ARG A NH2 1 
ATOM   898  N N   . ASN A 1 120 ? 16.468  -9.491  -3.951  1.00 18.65  ? 484 ASN A N   1 
ATOM   899  C CA  . ASN A 1 120 ? 17.399  -10.124 -3.032  1.00 17.72  ? 484 ASN A CA  1 
ATOM   900  C C   . ASN A 1 120 ? 17.485  -9.301  -1.775  1.00 18.49  ? 484 ASN A C   1 
ATOM   901  O O   . ASN A 1 120 ? 17.490  -9.842  -0.693  1.00 19.99  ? 484 ASN A O   1 
ATOM   902  C CB  . ASN A 1 120 ? 18.792  -10.248 -3.650  1.00 17.67  ? 484 ASN A CB  1 
ATOM   903  C CG  . ASN A 1 120 ? 18.840  -11.253 -4.791  1.00 20.10  ? 484 ASN A CG  1 
ATOM   904  O OD1 . ASN A 1 120 ? 17.843  -11.937 -5.082  1.00 21.52  ? 484 ASN A OD1 1 
ATOM   905  N ND2 . ASN A 1 120 ? 19.995  -11.344 -5.454  1.00 20.44  ? 484 ASN A ND2 1 
ATOM   906  N N   . TYR A 1 121 ? 17.541  -7.983  -1.913  1.00 20.82  ? 485 TYR A N   1 
ATOM   907  C CA  . TYR A 1 121 ? 17.641  -7.119  -0.744  1.00 23.48  ? 485 TYR A CA  1 
ATOM   908  C C   . TYR A 1 121 ? 16.516  -7.340  0.272   1.00 24.94  ? 485 TYR A C   1 
ATOM   909  O O   . TYR A 1 121 ? 16.778  -7.489  1.468   1.00 23.27  ? 485 TYR A O   1 
ATOM   910  C CB  . TYR A 1 121 ? 17.658  -5.648  -1.178  1.00 24.81  ? 485 TYR A CB  1 
ATOM   911  C CG  . TYR A 1 121 ? 18.060  -4.691  -0.089  1.00 26.27  ? 485 TYR A CG  1 
ATOM   912  C CD1 . TYR A 1 121 ? 19.396  -4.506  0.241   1.00 30.53  ? 485 TYR A CD1 1 
ATOM   913  C CD2 . TYR A 1 121 ? 17.101  -3.990  0.634   1.00 27.63  ? 485 TYR A CD2 1 
ATOM   914  C CE1 . TYR A 1 121 ? 19.774  -3.637  1.275   1.00 32.50  ? 485 TYR A CE1 1 
ATOM   915  C CE2 . TYR A 1 121 ? 17.467  -3.120  1.664   1.00 28.83  ? 485 TYR A CE2 1 
ATOM   916  C CZ  . TYR A 1 121 ? 18.802  -2.949  1.975   1.00 26.42  ? 485 TYR A CZ  1 
ATOM   917  O OH  . TYR A 1 121 ? 19.158  -2.067  2.960   1.00 28.08  ? 485 TYR A OH  1 
ATOM   918  N N   . MET A 1 122 ? 15.274  -7.360  -0.214  1.00 27.57  ? 486 MET A N   1 
ATOM   919  C CA  . MET A 1 122 ? 14.086  -7.529  0.623   1.00 29.65  ? 486 MET A CA  1 
ATOM   920  C C   . MET A 1 122 ? 13.811  -8.922  1.205   1.00 32.28  ? 486 MET A C   1 
ATOM   921  O O   . MET A 1 122 ? 13.191  -9.035  2.256   1.00 32.74  ? 486 MET A O   1 
ATOM   922  C CB  . MET A 1 122 ? 12.864  -7.038  -0.142  1.00 26.99  ? 486 MET A CB  1 
ATOM   923  C CG  . MET A 1 122 ? 12.874  -5.539  -0.363  1.00 29.84  ? 486 MET A CG  1 
ATOM   924  S SD  . MET A 1 122 ? 11.310  -4.931  -0.972  1.00 35.21  ? 486 MET A SD  1 
ATOM   925  C CE  . MET A 1 122 ? 11.642  -4.848  -2.750  1.00 20.06  ? 486 MET A CE  1 
ATOM   926  N N   . SER A 1 123 ? 14.274  -9.967  0.520   1.00 36.58  ? 487 SER A N   1 
ATOM   927  C CA  . SER A 1 123 ? 14.122  -11.356 0.967   1.00 40.88  ? 487 SER A CA  1 
ATOM   928  C C   . SER A 1 123 ? 15.371  -11.793 1.740   1.00 43.65  ? 487 SER A C   1 
ATOM   929  O O   . SER A 1 123 ? 15.358  -12.809 2.448   1.00 45.05  ? 487 SER A O   1 
ATOM   930  C CB  . SER A 1 123 ? 13.947  -12.285 -0.234  1.00 41.39  ? 487 SER A CB  1 
ATOM   931  O OG  . SER A 1 123 ? 15.010  -13.232 -0.281  1.00 42.00  ? 487 SER A OG  1 
ATOM   932  N N   . GLU A 1 124 ? 16.438  -11.011 1.575   1.00 45.00  ? 488 GLU A N   1 
ATOM   933  C CA  . GLU A 1 124 ? 17.736  -11.236 2.212   1.00 45.37  ? 488 GLU A CA  1 
ATOM   934  C C   . GLU A 1 124 ? 17.908  -10.372 3.451   1.00 45.88  ? 488 GLU A C   1 
ATOM   935  O O   . GLU A 1 124 ? 18.771  -10.638 4.279   1.00 46.99  ? 488 GLU A O   1 
ATOM   936  C CB  . GLU A 1 124 ? 18.860  -10.911 1.222   1.00 46.00  ? 488 GLU A CB  1 
ATOM   937  C CG  . GLU A 1 124 ? 20.265  -10.716 1.817   1.00 45.94  ? 488 GLU A CG  1 
ATOM   938  C CD  . GLU A 1 124 ? 20.870  -12.006 2.372   1.00 47.55  ? 488 GLU A CD  1 
ATOM   939  O OE1 . GLU A 1 124 ? 20.587  -12.365 3.541   1.00 47.84  ? 488 GLU A OE1 1 
ATOM   940  O OE2 . GLU A 1 124 ? 21.620  -12.669 1.621   1.00 48.89  ? 488 GLU A OE2 1 
ATOM   941  N N   . ARG A 1 143 ? -4.404  -10.791 -12.202 1.00 42.98  ? 507 ARG A N   1 
ATOM   942  C CA  . ARG A 1 143 ? -4.789  -10.101 -10.984 1.00 43.10  ? 507 ARG A CA  1 
ATOM   943  C C   . ARG A 1 143 ? -3.734  -9.193  -10.261 1.00 41.46  ? 507 ARG A C   1 
ATOM   944  O O   . ARG A 1 143 ? -4.108  -8.330  -9.461  1.00 41.78  ? 507 ARG A O   1 
ATOM   945  C CB  . ARG A 1 143 ? -5.373  -11.142 -10.006 1.00 42.21  ? 507 ARG A CB  1 
ATOM   946  C CG  . ARG A 1 143 ? -4.553  -12.419 -9.832  1.00 44.14  ? 507 ARG A CG  1 
ATOM   947  C CD  . ARG A 1 143 ? -4.042  -12.619 -8.402  1.00 43.19  ? 507 ARG A CD  1 
ATOM   948  N NE  . ARG A 1 143 ? -3.117  -13.744 -8.357  1.00 51.63  ? 507 ARG A NE  1 
ATOM   949  C CZ  . ARG A 1 143 ? -1.858  -13.667 -7.931  1.00 53.03  ? 507 ARG A CZ  1 
ATOM   950  N NH1 . ARG A 1 143 ? -1.370  -12.511 -7.495  1.00 47.79  ? 507 ARG A NH1 1 
ATOM   951  N NH2 . ARG A 1 143 ? -1.065  -14.736 -7.979  1.00 56.32  ? 507 ARG A NH2 1 
ATOM   952  N N   . LEU A 1 144 ? -2.439  -9.325  -10.568 1.00 41.20  ? 508 LEU A N   1 
ATOM   953  C CA  . LEU A 1 144 ? -1.394  -8.544  -9.862  1.00 40.59  ? 508 LEU A CA  1 
ATOM   954  C C   . LEU A 1 144 ? -1.307  -7.019  -10.034 1.00 38.83  ? 508 LEU A C   1 
ATOM   955  O O   . LEU A 1 144 ? -0.906  -6.512  -11.089 1.00 39.88  ? 508 LEU A O   1 
ATOM   956  C CB  . LEU A 1 144 ? -0.017  -9.144  -10.142 1.00 40.84  ? 508 LEU A CB  1 
ATOM   957  C CG  . LEU A 1 144 ? 0.800   -9.171  -8.843  1.00 40.63  ? 508 LEU A CG  1 
ATOM   958  C CD1 . LEU A 1 144 ? 0.100   -10.083 -7.850  1.00 37.02  ? 508 LEU A CD1 1 
ATOM   959  C CD2 . LEU A 1 144 ? 2.236   -9.660  -9.094  1.00 43.17  ? 508 LEU A CD2 1 
ATOM   960  N N   . PRO A 1 145 ? -1.632  -6.280  -8.956  1.00 36.23  ? 509 PRO A N   1 
ATOM   961  C CA  . PRO A 1 145 ? -1.646  -4.815  -8.822  1.00 36.59  ? 509 PRO A CA  1 
ATOM   962  C C   . PRO A 1 145 ? -0.305  -4.174  -8.479  1.00 35.55  ? 509 PRO A C   1 
ATOM   963  O O   . PRO A 1 145 ? 0.258   -4.401  -7.409  1.00 37.31  ? 509 PRO A O   1 
ATOM   964  C CB  . PRO A 1 145 ? -2.653  -4.582  -7.712  1.00 38.46  ? 509 PRO A CB  1 
ATOM   965  C CG  . PRO A 1 145 ? -2.394  -5.744  -6.809  1.00 38.64  ? 509 PRO A CG  1 
ATOM   966  C CD  . PRO A 1 145 ? -2.221  -6.912  -7.760  1.00 35.79  ? 509 PRO A CD  1 
ATOM   967  N N   . TYR A 1 146 ? 0.195   -3.353  -9.391  1.00 33.66  ? 510 TYR A N   1 
ATOM   968  C CA  . TYR A 1 146 ? 1.466   -2.683  -9.189  1.00 32.70  ? 510 TYR A CA  1 
ATOM   969  C C   . TYR A 1 146 ? 1.216   -1.357  -8.466  1.00 30.28  ? 510 TYR A C   1 
ATOM   970  O O   . TYR A 1 146 ? 0.072   -0.973  -8.227  1.00 31.02  ? 510 TYR A O   1 
ATOM   971  C CB  . TYR A 1 146 ? 2.153   -2.461  -10.543 1.00 32.12  ? 510 TYR A CB  1 
ATOM   972  C CG  . TYR A 1 146 ? 1.301   -1.655  -11.472 1.00 30.45  ? 510 TYR A CG  1 
ATOM   973  C CD1 . TYR A 1 146 ? 1.506   -0.288  -11.619 1.00 31.04  ? 510 TYR A CD1 1 
ATOM   974  C CD2 . TYR A 1 146 ? 0.226   -2.243  -12.140 1.00 28.88  ? 510 TYR A CD2 1 
ATOM   975  C CE1 . TYR A 1 146 ? 0.661   0.474   -12.401 1.00 33.18  ? 510 TYR A CE1 1 
ATOM   976  C CE2 . TYR A 1 146 ? -0.636  -1.481  -12.929 1.00 28.31  ? 510 TYR A CE2 1 
ATOM   977  C CZ  . TYR A 1 146 ? -0.409  -0.125  -13.050 1.00 29.33  ? 510 TYR A CZ  1 
ATOM   978  O OH  . TYR A 1 146 ? -1.251  0.647   -13.804 1.00 31.08  ? 510 TYR A OH  1 
ATOM   979  N N   . LEU A 1 147 ? 2.289   -0.676  -8.093  1.00 28.11  ? 511 LEU A N   1 
ATOM   980  C CA  . LEU A 1 147 ? 2.163   0.585   -7.389  1.00 28.25  ? 511 LEU A CA  1 
ATOM   981  C C   . LEU A 1 147 ? 1.942   1.745   -8.359  1.00 27.06  ? 511 LEU A C   1 
ATOM   982  O O   . LEU A 1 147 ? 2.836   2.088   -9.123  1.00 25.93  ? 511 LEU A O   1 
ATOM   983  C CB  . LEU A 1 147 ? 3.419   0.822   -6.543  1.00 28.52  ? 511 LEU A CB  1 
ATOM   984  C CG  . LEU A 1 147 ? 3.376   1.974   -5.546  1.00 33.63  ? 511 LEU A CG  1 
ATOM   985  C CD1 . LEU A 1 147 ? 2.158   1.870   -4.628  1.00 38.60  ? 511 LEU A CD1 1 
ATOM   986  C CD2 . LEU A 1 147 ? 4.665   1.956   -4.739  1.00 31.11  ? 511 LEU A CD2 1 
ATOM   987  N N   . ARG A 1 148 ? 0.749   2.349   -8.317  1.00 29.09  ? 512 ARG A N   1 
ATOM   988  C CA  . ARG A 1 148 ? 0.411   3.496   -9.186  1.00 30.89  ? 512 ARG A CA  1 
ATOM   989  C C   . ARG A 1 148 ? 1.310   4.693   -8.910  1.00 31.94  ? 512 ARG A C   1 
ATOM   990  O O   . ARG A 1 148 ? 1.681   5.427   -9.810  1.00 33.93  ? 512 ARG A O   1 
ATOM   991  C CB  . ARG A 1 148 ? -1.037  3.936   -8.980  1.00 28.66  ? 512 ARG A CB  1 
ATOM   992  C CG  . ARG A 1 148 ? -2.050  3.230   -9.868  1.00 32.53  ? 512 ARG A CG  1 
ATOM   993  C CD  . ARG A 1 148 ? -3.446  3.816   -9.692  1.00 31.31  ? 512 ARG A CD  1 
ATOM   994  N NE  . ARG A 1 148 ? -4.443  3.051   -10.445 1.00 37.43  ? 512 ARG A NE  1 
ATOM   995  C CZ  . ARG A 1 148 ? -5.622  2.660   -9.957  1.00 37.19  ? 512 ARG A CZ  1 
ATOM   996  N NH1 . ARG A 1 148 ? -5.964  2.955   -8.704  1.00 41.66  ? 512 ARG A NH1 1 
ATOM   997  N NH2 . ARG A 1 148 ? -6.472  1.982   -10.723 1.00 28.18  ? 512 ARG A NH2 1 
ATOM   998  N N   . THR A 1 149 ? 1.642   4.879   -7.644  1.00 32.49  ? 513 THR A N   1 
ATOM   999  C CA  . THR A 1 149 ? 2.511   5.960   -7.222  1.00 32.46  ? 513 THR A CA  1 
ATOM   1000 C C   . THR A 1 149 ? 2.606   5.915   -5.700  1.00 31.01  ? 513 THR A C   1 
ATOM   1001 O O   . THR A 1 149 ? 1.945   5.096   -5.050  1.00 30.69  ? 513 THR A O   1 
ATOM   1002 C CB  . THR A 1 149 ? 1.985   7.343   -7.692  1.00 34.22  ? 513 THR A CB  1 
ATOM   1003 O OG1 . THR A 1 149 ? 3.067   8.296   -7.667  1.00 38.18  ? 513 THR A OG1 1 
ATOM   1004 C CG2 . THR A 1 149 ? 0.799   7.813   -6.807  1.00 33.95  ? 513 THR A CG2 1 
ATOM   1005 N N   . TRP A 1 150 ? 3.425   6.799   -5.146  1.00 28.02  ? 514 TRP A N   1 
ATOM   1006 C CA  . TRP A 1 150 ? 3.657   6.820   -3.717  1.00 27.92  ? 514 TRP A CA  1 
ATOM   1007 C C   . TRP A 1 150 ? 4.257   8.165   -3.332  1.00 27.33  ? 514 TRP A C   1 
ATOM   1008 O O   . TRP A 1 150 ? 4.355   9.070   -4.155  1.00 29.42  ? 514 TRP A O   1 
ATOM   1009 C CB  . TRP A 1 150 ? 4.673   5.722   -3.367  1.00 31.04  ? 514 TRP A CB  1 
ATOM   1010 C CG  . TRP A 1 150 ? 6.030   6.021   -3.947  1.00 34.68  ? 514 TRP A CG  1 
ATOM   1011 C CD1 . TRP A 1 150 ? 6.388   5.993   -5.278  1.00 31.59  ? 514 TRP A CD1 1 
ATOM   1012 C CD2 . TRP A 1 150 ? 7.191   6.501   -3.236  1.00 39.39  ? 514 TRP A CD2 1 
ATOM   1013 N NE1 . TRP A 1 150 ? 7.690   6.427   -5.425  1.00 28.92  ? 514 TRP A NE1 1 
ATOM   1014 C CE2 . TRP A 1 150 ? 8.204   6.737   -4.191  1.00 36.05  ? 514 TRP A CE2 1 
ATOM   1015 C CE3 . TRP A 1 150 ? 7.471   6.740   -1.881  1.00 38.01  ? 514 TRP A CE3 1 
ATOM   1016 C CZ2 . TRP A 1 150 ? 9.477   7.217   -3.839  1.00 34.99  ? 514 TRP A CZ2 1 
ATOM   1017 C CZ3 . TRP A 1 150 ? 8.732   7.213   -1.536  1.00 32.47  ? 514 TRP A CZ3 1 
ATOM   1018 C CH2 . TRP A 1 150 ? 9.722   7.440   -2.512  1.00 33.13  ? 514 TRP A CH2 1 
ATOM   1019 N N   . PHE A 1 151 ? 4.677   8.278   -2.076  1.00 25.41  ? 515 PHE A N   1 
ATOM   1020 C CA  . PHE A 1 151 ? 5.321   9.488   -1.576  1.00 26.85  ? 515 PHE A CA  1 
ATOM   1021 C C   . PHE A 1 151 ? 5.376   9.486   -0.058  1.00 26.50  ? 515 PHE A C   1 
ATOM   1022 O O   . PHE A 1 151 ? 4.440   9.034   0.605   1.00 26.27  ? 515 PHE A O   1 
ATOM   1023 C CB  . PHE A 1 151 ? 4.578   10.747  -2.060  1.00 25.62  ? 515 PHE A CB  1 
ATOM   1024 C CG  . PHE A 1 151 ? 3.220   10.927  -1.446  1.00 22.42  ? 515 PHE A CG  1 
ATOM   1025 C CD1 . PHE A 1 151 ? 3.070   11.556  -0.210  1.00 16.96  ? 515 PHE A CD1 1 
ATOM   1026 C CD2 . PHE A 1 151 ? 2.095   10.420  -2.077  1.00 22.92  ? 515 PHE A CD2 1 
ATOM   1027 C CE1 . PHE A 1 151 ? 1.839   11.674  0.372   1.00 14.24  ? 515 PHE A CE1 1 
ATOM   1028 C CE2 . PHE A 1 151 ? 0.853   10.538  -1.489  1.00 26.63  ? 515 PHE A CE2 1 
ATOM   1029 C CZ  . PHE A 1 151 ? 0.721   11.162  -0.268  1.00 21.18  ? 515 PHE A CZ  1 
ATOM   1030 N N   . ARG A 1 152 ? 6.476   9.979   0.493   1.00 25.66  ? 516 ARG A N   1 
ATOM   1031 C CA  . ARG A 1 152 ? 6.566   10.053  1.927   1.00 25.88  ? 516 ARG A CA  1 
ATOM   1032 C C   . ARG A 1 152 ? 6.291   11.480  2.387   1.00 25.78  ? 516 ARG A C   1 
ATOM   1033 O O   . ARG A 1 152 ? 6.211   12.414  1.581   1.00 27.33  ? 516 ARG A O   1 
ATOM   1034 C CB  . ARG A 1 152 ? 7.938   9.589   2.417   1.00 25.49  ? 516 ARG A CB  1 
ATOM   1035 C CG  . ARG A 1 152 ? 9.065   9.708   1.421   1.00 22.17  ? 516 ARG A CG  1 
ATOM   1036 C CD  . ARG A 1 152 ? 10.446  9.763   2.118   1.00 24.74  ? 516 ARG A CD  1 
ATOM   1037 N NE  . ARG A 1 152 ? 11.074  8.460   2.310   1.00 22.54  ? 516 ARG A NE  1 
ATOM   1038 C CZ  . ARG A 1 152 ? 11.565  8.019   3.467   1.00 30.59  ? 516 ARG A CZ  1 
ATOM   1039 N NH1 . ARG A 1 152 ? 11.492  8.785   4.551   1.00 37.14  ? 516 ARG A NH1 1 
ATOM   1040 N NH2 . ARG A 1 152 ? 12.135  6.811   3.538   1.00 28.79  ? 516 ARG A NH2 1 
ATOM   1041 N N   . THR A 1 153 ? 6.098   11.623  3.689   1.00 24.60  ? 517 THR A N   1 
ATOM   1042 C CA  . THR A 1 153 ? 5.865   12.908  4.320   1.00 22.54  ? 517 THR A CA  1 
ATOM   1043 C C   . THR A 1 153 ? 6.843   12.634  5.438   1.00 23.01  ? 517 THR A C   1 
ATOM   1044 O O   . THR A 1 153 ? 7.602   11.680  5.324   1.00 23.14  ? 517 THR A O   1 
ATOM   1045 C CB  . THR A 1 153 ? 4.400   13.036  4.846   1.00 23.03  ? 517 THR A CB  1 
ATOM   1046 O OG1 . THR A 1 153 ? 4.137   12.035  5.839   1.00 19.03  ? 517 THR A OG1 1 
ATOM   1047 C CG2 . THR A 1 153 ? 3.405   12.898  3.694   1.00 19.35  ? 517 THR A CG2 1 
ATOM   1048 N N   . ARG A 1 154 ? 6.874   13.409  6.509   1.00 25.66  ? 518 ARG A N   1 
ATOM   1049 C CA  . ARG A 1 154 ? 7.837   13.047  7.540   1.00 28.70  ? 518 ARG A CA  1 
ATOM   1050 C C   . ARG A 1 154 ? 7.217   11.979  8.442   1.00 28.69  ? 518 ARG A C   1 
ATOM   1051 O O   . ARG A 1 154 ? 7.928   11.302  9.189   1.00 30.81  ? 518 ARG A O   1 
ATOM   1052 C CB  . ARG A 1 154 ? 8.319   14.279  8.354   1.00 27.93  ? 518 ARG A CB  1 
ATOM   1053 C CG  . ARG A 1 154 ? 7.309   14.907  9.314   1.00 34.79  ? 518 ARG A CG  1 
ATOM   1054 C CD  . ARG A 1 154 ? 7.885   14.997  10.740  1.00 41.31  ? 518 ARG A CD  1 
ATOM   1055 N NE  . ARG A 1 154 ? 7.314   16.082  11.540  1.00 46.65  ? 518 ARG A NE  1 
ATOM   1056 C CZ  . ARG A 1 154 ? 7.557   16.272  12.836  1.00 54.67  ? 518 ARG A CZ  1 
ATOM   1057 N NH1 . ARG A 1 154 ? 8.354   15.444  13.479  1.00 56.95  ? 518 ARG A NH1 1 
ATOM   1058 N NH2 . ARG A 1 154 ? 7.025   17.302  13.489  1.00 57.20  ? 518 ARG A NH2 1 
ATOM   1059 N N   . SER A 1 155 ? 5.902   11.800  8.351   1.00 27.99  ? 519 SER A N   1 
ATOM   1060 C CA  . SER A 1 155 ? 5.259   10.802  9.197   1.00 26.87  ? 519 SER A CA  1 
ATOM   1061 C C   . SER A 1 155 ? 5.091   9.444   8.563   1.00 25.43  ? 519 SER A C   1 
ATOM   1062 O O   . SER A 1 155 ? 5.070   8.428   9.266   1.00 29.54  ? 519 SER A O   1 
ATOM   1063 C CB  . SER A 1 155 ? 3.888   11.286  9.668   1.00 25.97  ? 519 SER A CB  1 
ATOM   1064 O OG  . SER A 1 155 ? 4.070   12.259  10.692  1.00 34.00  ? 519 SER A OG  1 
ATOM   1065 N N   . ALA A 1 156 ? 4.987   9.409   7.244   1.00 22.15  ? 520 ALA A N   1 
ATOM   1066 C CA  . ALA A 1 156 ? 4.752   8.141   6.614   1.00 20.10  ? 520 ALA A CA  1 
ATOM   1067 C C   . ALA A 1 156 ? 5.045   8.086   5.131   1.00 21.88  ? 520 ALA A C   1 
ATOM   1068 O O   . ALA A 1 156 ? 5.404   9.082   4.498   1.00 19.40  ? 520 ALA A O   1 
ATOM   1069 C CB  . ALA A 1 156 ? 3.293   7.725   6.849   1.00 20.04  ? 520 ALA A CB  1 
ATOM   1070 N N   . ILE A 1 157 ? 4.905   6.883   4.588   1.00 21.88  ? 521 ILE A N   1 
ATOM   1071 C CA  . ILE A 1 157 ? 5.080   6.667   3.166   1.00 23.22  ? 521 ILE A CA  1 
ATOM   1072 C C   . ILE A 1 157 ? 3.700   6.213   2.718   1.00 24.78  ? 521 ILE A C   1 
ATOM   1073 O O   . ILE A 1 157 ? 3.033   5.422   3.409   1.00 30.60  ? 521 ILE A O   1 
ATOM   1074 C CB  . ILE A 1 157 ? 6.131   5.596   2.865   1.00 22.40  ? 521 ILE A CB  1 
ATOM   1075 C CG1 . ILE A 1 157 ? 6.290   5.464   1.355   1.00 21.59  ? 521 ILE A CG1 1 
ATOM   1076 C CG2 . ILE A 1 157 ? 5.720   4.250   3.467   1.00 20.15  ? 521 ILE A CG2 1 
ATOM   1077 C CD1 . ILE A 1 157 ? 7.538   4.707   0.947   1.00 27.25  ? 521 ILE A CD1 1 
ATOM   1078 N N   . ILE A 1 158 ? 3.265   6.750   1.583   1.00 24.66  ? 522 ILE A N   1 
ATOM   1079 C CA  . ILE A 1 158 ? 1.962   6.417   1.058   1.00 22.61  ? 522 ILE A CA  1 
ATOM   1080 C C   . ILE A 1 158 ? 2.117   5.638   -0.241  1.00 21.02  ? 522 ILE A C   1 
ATOM   1081 O O   . ILE A 1 158 ? 2.809   6.066   -1.155  1.00 21.38  ? 522 ILE A O   1 
ATOM   1082 C CB  . ILE A 1 158 ? 1.113   7.685   0.842   1.00 21.01  ? 522 ILE A CB  1 
ATOM   1083 C CG1 . ILE A 1 158 ? 0.723   8.283   2.180   1.00 21.11  ? 522 ILE A CG1 1 
ATOM   1084 C CG2 . ILE A 1 158 ? -0.154  7.346   0.061   1.00 24.20  ? 522 ILE A CG2 1 
ATOM   1085 C CD1 . ILE A 1 158 ? 1.882   8.907   2.962   1.00 19.44  ? 522 ILE A CD1 1 
ATOM   1086 N N   . LEU A 1 159 ? 1.467   4.483   -0.283  1.00 21.19  ? 523 LEU A N   1 
ATOM   1087 C CA  . LEU A 1 159 ? 1.531   3.598   -1.412  1.00 20.42  ? 523 LEU A CA  1 
ATOM   1088 C C   . LEU A 1 159 ? 0.149   3.430   -2.028  1.00 22.05  ? 523 LEU A C   1 
ATOM   1089 O O   . LEU A 1 159 ? -0.795  2.936   -1.378  1.00 23.53  ? 523 LEU A O   1 
ATOM   1090 C CB  . LEU A 1 159 ? 2.081   2.276   -0.931  1.00 15.43  ? 523 LEU A CB  1 
ATOM   1091 C CG  . LEU A 1 159 ? 3.327   2.679   -0.171  1.00 15.57  ? 523 LEU A CG  1 
ATOM   1092 C CD1 . LEU A 1 159 ? 3.858   1.573   0.716   1.00 15.87  ? 523 LEU A CD1 1 
ATOM   1093 C CD2 . LEU A 1 159 ? 4.362   3.130   -1.190  1.00 15.21  ? 523 LEU A CD2 1 
ATOM   1094 N N   . HIS A 1 160 ? 0.019   3.863   -3.281  1.00 18.81  ? 524 HIS A N   1 
ATOM   1095 C CA  . HIS A 1 160 ? -1.253  3.768   -3.974  1.00 17.67  ? 524 HIS A CA  1 
ATOM   1096 C C   . HIS A 1 160 ? -1.156  2.666   -5.045  1.00 17.26  ? 524 HIS A C   1 
ATOM   1097 O O   . HIS A 1 160 ? -0.497  2.843   -6.067  1.00 19.29  ? 524 HIS A O   1 
ATOM   1098 C CB  . HIS A 1 160 ? -1.576  5.136   -4.563  1.00 15.61  ? 524 HIS A CB  1 
ATOM   1099 C CG  . HIS A 1 160 ? -2.851  5.163   -5.333  1.00 17.69  ? 524 HIS A CG  1 
ATOM   1100 N ND1 . HIS A 1 160 ? -3.944  4.401   -4.984  1.00 18.69  ? 524 HIS A ND1 1 
ATOM   1101 C CD2 . HIS A 1 160 ? -3.198  5.827   -6.457  1.00 15.88  ? 524 HIS A CD2 1 
ATOM   1102 C CE1 . HIS A 1 160 ? -4.910  4.590   -5.865  1.00 13.42  ? 524 HIS A CE1 1 
ATOM   1103 N NE2 . HIS A 1 160 ? -4.481  5.451   -6.769  1.00 14.91  ? 524 HIS A NE2 1 
ATOM   1104 N N   . LEU A 1 161 ? -1.780  1.522   -4.755  1.00 18.61  ? 525 LEU A N   1 
ATOM   1105 C CA  . LEU A 1 161 ? -1.798  0.327   -5.615  1.00 19.53  ? 525 LEU A CA  1 
ATOM   1106 C C   . LEU A 1 161 ? -2.899  0.365   -6.704  1.00 21.99  ? 525 LEU A C   1 
ATOM   1107 O O   . LEU A 1 161 ? -4.030  0.798   -6.458  1.00 25.91  ? 525 LEU A O   1 
ATOM   1108 C CB  . LEU A 1 161 ? -2.005  -0.919  -4.754  1.00 19.96  ? 525 LEU A CB  1 
ATOM   1109 C CG  . LEU A 1 161 ? -0.895  -1.289  -3.769  1.00 20.65  ? 525 LEU A CG  1 
ATOM   1110 C CD1 . LEU A 1 161 ? -1.407  -2.320  -2.771  1.00 17.62  ? 525 LEU A CD1 1 
ATOM   1111 C CD2 . LEU A 1 161 ? 0.307   -1.837  -4.547  1.00 30.58  ? 525 LEU A CD2 1 
ATOM   1112 N N   . SER A 1 162 ? -2.574  -0.106  -7.906  1.00 21.35  ? 526 SER A N   1 
ATOM   1113 C CA  . SER A 1 162 ? -3.523  -0.096  -9.022  1.00 22.07  ? 526 SER A CA  1 
ATOM   1114 C C   . SER A 1 162 ? -4.909  -0.633  -8.701  1.00 23.81  ? 526 SER A C   1 
ATOM   1115 O O   . SER A 1 162 ? -5.882  -0.204  -9.311  1.00 23.06  ? 526 SER A O   1 
ATOM   1116 C CB  . SER A 1 162 ? -2.967  -0.885  -10.204 1.00 19.98  ? 526 SER A CB  1 
ATOM   1117 O OG  . SER A 1 162 ? -2.762  -2.230  -9.826  1.00 19.02  ? 526 SER A OG  1 
ATOM   1118 N N   . ASN A 1 163 ? -5.020  -1.575  -7.769  1.00 27.02  ? 527 ASN A N   1 
ATOM   1119 C CA  . ASN A 1 163 ? -6.341  -2.108  -7.471  1.00 28.70  ? 527 ASN A CA  1 
ATOM   1120 C C   . ASN A 1 163 ? -7.159  -1.172  -6.580  1.00 30.93  ? 527 ASN A C   1 
ATOM   1121 O O   . ASN A 1 163 ? -8.253  -1.524  -6.114  1.00 32.45  ? 527 ASN A O   1 
ATOM   1122 C CB  . ASN A 1 163 ? -6.255  -3.526  -6.875  1.00 27.51  ? 527 ASN A CB  1 
ATOM   1123 C CG  . ASN A 1 163 ? -5.518  -3.578  -5.558  1.00 25.91  ? 527 ASN A CG  1 
ATOM   1124 O OD1 . ASN A 1 163 ? -5.191  -2.545  -4.963  1.00 28.81  ? 527 ASN A OD1 1 
ATOM   1125 N ND2 . ASN A 1 163 ? -5.252  -4.791  -5.089  1.00 17.14  ? 527 ASN A ND2 1 
ATOM   1126 N N   . GLY A 1 164 ? -6.616  0.024   -6.349  1.00 31.83  ? 528 GLY A N   1 
ATOM   1127 C CA  . GLY A 1 164 ? -7.317  1.029   -5.565  1.00 32.29  ? 528 GLY A CA  1 
ATOM   1128 C C   . GLY A 1 164 ? -6.958  1.241   -4.100  1.00 32.70  ? 528 GLY A C   1 
ATOM   1129 O O   . GLY A 1 164 ? -7.289  2.294   -3.526  1.00 34.53  ? 528 GLY A O   1 
ATOM   1130 N N   . SER A 1 165 ? -6.294  0.277   -3.474  1.00 32.27  ? 529 SER A N   1 
ATOM   1131 C CA  . SER A 1 165 ? -5.974  0.435   -2.071  1.00 31.32  ? 529 SER A CA  1 
ATOM   1132 C C   . SER A 1 165 ? -4.840  1.381   -1.800  1.00 29.48  ? 529 SER A C   1 
ATOM   1133 O O   . SER A 1 165 ? -3.791  1.336   -2.432  1.00 31.02  ? 529 SER A O   1 
ATOM   1134 C CB  . SER A 1 165 ? -5.681  -0.919  -1.403  1.00 32.39  ? 529 SER A CB  1 
ATOM   1135 O OG  . SER A 1 165 ? -5.490  -1.953  -2.352  1.00 39.73  ? 529 SER A OG  1 
ATOM   1136 N N   . VAL A 1 166 ? -5.089  2.279   -0.863  1.00 29.24  ? 530 VAL A N   1 
ATOM   1137 C CA  . VAL A 1 166 ? -4.078  3.207   -0.438  1.00 25.86  ? 530 VAL A CA  1 
ATOM   1138 C C   . VAL A 1 166 ? -3.589  2.596   0.852   1.00 24.91  ? 530 VAL A C   1 
ATOM   1139 O O   . VAL A 1 166 ? -4.402  2.299   1.741   1.00 26.30  ? 530 VAL A O   1 
ATOM   1140 C CB  . VAL A 1 166 ? -4.652  4.587   -0.144  1.00 26.97  ? 530 VAL A CB  1 
ATOM   1141 C CG1 . VAL A 1 166 ? -3.519  5.516   0.311   1.00 25.39  ? 530 VAL A CG1 1 
ATOM   1142 C CG2 . VAL A 1 166 ? -5.325  5.126   -1.390  1.00 26.31  ? 530 VAL A CG2 1 
ATOM   1143 N N   . GLN A 1 167 ? -2.278  2.367   0.928   1.00 23.00  ? 531 GLN A N   1 
ATOM   1144 C CA  . GLN A 1 167 ? -1.674  1.809   2.123   1.00 18.59  ? 531 GLN A CA  1 
ATOM   1145 C C   . GLN A 1 167 ? -0.814  2.910   2.711   1.00 18.01  ? 531 GLN A C   1 
ATOM   1146 O O   . GLN A 1 167 ? -0.101  3.592   1.982   1.00 22.97  ? 531 GLN A O   1 
ATOM   1147 C CB  . GLN A 1 167 ? -0.769  0.631   1.778   1.00 16.28  ? 531 GLN A CB  1 
ATOM   1148 C CG  . GLN A 1 167 ? 0.039   0.093   2.971   1.00 14.70  ? 531 GLN A CG  1 
ATOM   1149 C CD  . GLN A 1 167 ? 0.829   -1.155  2.594   1.00 19.08  ? 531 GLN A CD  1 
ATOM   1150 O OE1 . GLN A 1 167 ? 0.342   -1.987  1.828   1.00 17.18  ? 531 GLN A OE1 1 
ATOM   1151 N NE2 . GLN A 1 167 ? 2.047   -1.292  3.124   1.00 21.99  ? 531 GLN A NE2 1 
ATOM   1152 N N   . ILE A 1 168 ? -0.871  3.084   4.021   1.00 18.57  ? 532 ILE A N   1 
ATOM   1153 C CA  . ILE A 1 168 ? -0.045  4.083   4.639   1.00 18.95  ? 532 ILE A CA  1 
ATOM   1154 C C   . ILE A 1 168 ? 0.759   3.426   5.745   1.00 22.07  ? 532 ILE A C   1 
ATOM   1155 O O   . ILE A 1 168 ? 0.201   2.882   6.692   1.00 27.49  ? 532 ILE A O   1 
ATOM   1156 C CB  . ILE A 1 168 ? -0.882  5.248   5.232   1.00 19.33  ? 532 ILE A CB  1 
ATOM   1157 C CG1 . ILE A 1 168 ? -1.855  5.771   4.175   1.00 17.75  ? 532 ILE A CG1 1 
ATOM   1158 C CG2 . ILE A 1 168 ? 0.039   6.375   5.704   1.00 14.09  ? 532 ILE A CG2 1 
ATOM   1159 C CD1 . ILE A 1 168 ? -2.760  6.919   4.672   1.00 19.22  ? 532 ILE A CD1 1 
ATOM   1160 N N   . ASN A 1 169 ? 2.080   3.481   5.618   1.00 22.00  ? 533 ASN A N   1 
ATOM   1161 C CA  . ASN A 1 169 ? 2.972   2.921   6.639   1.00 21.76  ? 533 ASN A CA  1 
ATOM   1162 C C   . ASN A 1 169 ? 3.559   4.048   7.442   1.00 21.75  ? 533 ASN A C   1 
ATOM   1163 O O   . ASN A 1 169 ? 4.241   4.916   6.903   1.00 24.34  ? 533 ASN A O   1 
ATOM   1164 C CB  . ASN A 1 169 ? 4.103   2.129   6.007   1.00 23.98  ? 533 ASN A CB  1 
ATOM   1165 C CG  . ASN A 1 169 ? 3.621   0.835   5.378   1.00 22.50  ? 533 ASN A CG  1 
ATOM   1166 O OD1 . ASN A 1 169 ? 2.602   0.283   5.771   1.00 28.09  ? 533 ASN A OD1 1 
ATOM   1167 N ND2 . ASN A 1 169 ? 4.363   0.340   4.412   1.00 32.73  ? 533 ASN A ND2 1 
ATOM   1168 N N   . PHE A 1 170 ? 3.256   4.058   8.729   1.00 21.63  ? 534 PHE A N   1 
ATOM   1169 C CA  . PHE A 1 170 ? 3.748   5.099   9.602   1.00 20.00  ? 534 PHE A CA  1 
ATOM   1170 C C   . PHE A 1 170 ? 5.100   4.709   10.175  1.00 21.55  ? 534 PHE A C   1 
ATOM   1171 O O   . PHE A 1 170 ? 5.298   3.606   10.690  1.00 23.62  ? 534 PHE A O   1 
ATOM   1172 C CB  . PHE A 1 170 ? 2.764   5.333   10.729  1.00 19.92  ? 534 PHE A CB  1 
ATOM   1173 C CG  . PHE A 1 170 ? 1.419   5.847   10.278  1.00 24.33  ? 534 PHE A CG  1 
ATOM   1174 C CD1 . PHE A 1 170 ? 0.351   4.976   10.034  1.00 20.32  ? 534 PHE A CD1 1 
ATOM   1175 C CD2 . PHE A 1 170 ? 1.209   7.222   10.120  1.00 21.15  ? 534 PHE A CD2 1 
ATOM   1176 C CE1 . PHE A 1 170 ? -0.892  5.461   9.628   1.00 26.72  ? 534 PHE A CE1 1 
ATOM   1177 C CE2 . PHE A 1 170 ? -0.033  7.719   9.713   1.00 18.30  ? 534 PHE A CE2 1 
ATOM   1178 C CZ  . PHE A 1 170 ? -1.095  6.839   9.469   1.00 25.66  ? 534 PHE A CZ  1 
ATOM   1179 N N   . PHE A 1 171 ? 6.036   5.640   10.071  1.00 23.23  ? 535 PHE A N   1 
ATOM   1180 C CA  . PHE A 1 171 ? 7.415   5.443   10.522  1.00 23.38  ? 535 PHE A CA  1 
ATOM   1181 C C   . PHE A 1 171 ? 7.625   5.240   12.028  1.00 26.78  ? 535 PHE A C   1 
ATOM   1182 O O   . PHE A 1 171 ? 8.186   4.222   12.452  1.00 30.42  ? 535 PHE A O   1 
ATOM   1183 C CB  . PHE A 1 171 ? 8.264   6.629   10.048  1.00 19.19  ? 535 PHE A CB  1 
ATOM   1184 C CG  . PHE A 1 171 ? 8.268   6.802   8.567   1.00 14.83  ? 535 PHE A CG  1 
ATOM   1185 C CD1 . PHE A 1 171 ? 8.327   8.067   8.000   1.00 5.66   ? 535 PHE A CD1 1 
ATOM   1186 C CD2 . PHE A 1 171 ? 8.236   5.685   7.726   1.00 11.34  ? 535 PHE A CD2 1 
ATOM   1187 C CE1 . PHE A 1 171 ? 8.343   8.224   6.614   1.00 5.53   ? 535 PHE A CE1 1 
ATOM   1188 C CE2 . PHE A 1 171 ? 8.253   5.837   6.339   1.00 13.15  ? 535 PHE A CE2 1 
ATOM   1189 C CZ  . PHE A 1 171 ? 8.312   7.102   5.793   1.00 11.22  ? 535 PHE A CZ  1 
ATOM   1190 N N   . GLN A 1 172 ? 7.172   6.199   12.827  1.00 28.67  ? 536 GLN A N   1 
ATOM   1191 C CA  . GLN A 1 172 ? 7.349   6.163   14.269  1.00 32.59  ? 536 GLN A CA  1 
ATOM   1192 C C   . GLN A 1 172 ? 7.013   4.862   14.968  1.00 32.05  ? 536 GLN A C   1 
ATOM   1193 O O   . GLN A 1 172 ? 7.898   4.210   15.514  1.00 32.43  ? 536 GLN A O   1 
ATOM   1194 C CB  . GLN A 1 172 ? 6.554   7.295   14.918  1.00 35.52  ? 536 GLN A CB  1 
ATOM   1195 C CG  . GLN A 1 172 ? 7.411   8.291   15.667  1.00 41.38  ? 536 GLN A CG  1 
ATOM   1196 C CD  . GLN A 1 172 ? 6.580   9.424   16.225  1.00 50.26  ? 536 GLN A CD  1 
ATOM   1197 O OE1 . GLN A 1 172 ? 5.725   9.211   17.093  1.00 56.75  ? 536 GLN A OE1 1 
ATOM   1198 N NE2 . GLN A 1 172 ? 6.807   10.638  15.718  1.00 51.60  ? 536 GLN A NE2 1 
ATOM   1199 N N   . ASP A 1 173 ? 5.746   4.479   14.976  1.00 32.07  ? 537 ASP A N   1 
ATOM   1200 C CA  . ASP A 1 173 ? 5.374   3.271   15.687  1.00 32.55  ? 537 ASP A CA  1 
ATOM   1201 C C   . ASP A 1 173 ? 5.159   2.012   14.850  1.00 30.30  ? 537 ASP A C   1 
ATOM   1202 O O   . ASP A 1 173 ? 4.596   1.040   15.347  1.00 31.66  ? 537 ASP A O   1 
ATOM   1203 C CB  . ASP A 1 173 ? 4.127   3.560   16.502  1.00 34.26  ? 537 ASP A CB  1 
ATOM   1204 C CG  . ASP A 1 173 ? 2.979   3.998   15.639  1.00 40.69  ? 537 ASP A CG  1 
ATOM   1205 O OD1 . ASP A 1 173 ? 3.250   4.457   14.510  1.00 43.67  ? 537 ASP A OD1 1 
ATOM   1206 O OD2 . ASP A 1 173 ? 1.813   3.887   16.085  1.00 47.33  ? 537 ASP A OD2 1 
ATOM   1207 N N   . HIS A 1 174 ? 5.594   2.031   13.592  1.00 28.01  ? 538 HIS A N   1 
ATOM   1208 C CA  . HIS A 1 174 ? 5.457   0.884   12.681  1.00 27.75  ? 538 HIS A CA  1 
ATOM   1209 C C   . HIS A 1 174 ? 4.038   0.366   12.465  1.00 26.99  ? 538 HIS A C   1 
ATOM   1210 O O   . HIS A 1 174 ? 3.854   -0.755  11.977  1.00 29.88  ? 538 HIS A O   1 
ATOM   1211 C CB  . HIS A 1 174 ? 6.347   -0.277  13.145  1.00 28.55  ? 538 HIS A CB  1 
ATOM   1212 C CG  . HIS A 1 174 ? 7.742   0.143   13.478  1.00 32.03  ? 538 HIS A CG  1 
ATOM   1213 N ND1 . HIS A 1 174 ? 8.606   0.661   12.536  1.00 32.03  ? 538 HIS A ND1 1 
ATOM   1214 C CD2 . HIS A 1 174 ? 8.395   0.214   14.664  1.00 30.95  ? 538 HIS A CD2 1 
ATOM   1215 C CE1 . HIS A 1 174 ? 9.724   1.038   13.127  1.00 39.35  ? 538 HIS A CE1 1 
ATOM   1216 N NE2 . HIS A 1 174 ? 9.622   0.779   14.421  1.00 32.80  ? 538 HIS A NE2 1 
ATOM   1217 N N   . THR A 1 175 ? 3.036   1.159   12.830  1.00 25.85  ? 539 THR A N   1 
ATOM   1218 C CA  . THR A 1 175 ? 1.652   0.748   12.605  1.00 25.51  ? 539 THR A CA  1 
ATOM   1219 C C   . THR A 1 175 ? 1.338   0.994   11.111  1.00 23.15  ? 539 THR A C   1 
ATOM   1220 O O   . THR A 1 175 ? 2.024   1.778   10.452  1.00 23.02  ? 539 THR A O   1 
ATOM   1221 C CB  . THR A 1 175 ? 0.675   1.544   13.508  1.00 27.33  ? 539 THR A CB  1 
ATOM   1222 O OG1 . THR A 1 175 ? 0.840   2.954   13.288  1.00 32.37  ? 539 THR A OG1 1 
ATOM   1223 C CG2 . THR A 1 175 ? 0.926   1.217   14.985  1.00 25.52  ? 539 THR A CG2 1 
ATOM   1224 N N   . LYS A 1 176 ? 0.342   0.298   10.571  1.00 21.70  ? 540 LYS A N   1 
ATOM   1225 C CA  . LYS A 1 176 ? -0.010  0.454   9.167   1.00 19.02  ? 540 LYS A CA  1 
ATOM   1226 C C   . LYS A 1 176 ? -1.513  0.509   8.946   1.00 20.19  ? 540 LYS A C   1 
ATOM   1227 O O   . LYS A 1 176 ? -2.300  -0.052  9.717   1.00 22.55  ? 540 LYS A O   1 
ATOM   1228 C CB  . LYS A 1 176 ? 0.553   -0.703  8.327   1.00 15.82  ? 540 LYS A CB  1 
ATOM   1229 C CG  . LYS A 1 176 ? 2.026   -0.855  8.374   1.00 24.67  ? 540 LYS A CG  1 
ATOM   1230 C CD  . LYS A 1 176 ? 2.472   -2.109  7.625   1.00 28.88  ? 540 LYS A CD  1 
ATOM   1231 C CE  . LYS A 1 176 ? 3.948   -2.481  7.956   1.00 34.04  ? 540 LYS A CE  1 
ATOM   1232 N NZ  . LYS A 1 176 ? 4.106   -3.003  9.356   1.00 25.96  ? 540 LYS A NZ  1 
ATOM   1233 N N   . LEU A 1 177 ? -1.912  1.198   7.883   1.00 21.82  ? 541 LEU A N   1 
ATOM   1234 C CA  . LEU A 1 177 ? -3.315  1.287   7.502   1.00 21.32  ? 541 LEU A CA  1 
ATOM   1235 C C   . LEU A 1 177 ? -3.333  0.883   6.060   1.00 22.04  ? 541 LEU A C   1 
ATOM   1236 O O   . LEU A 1 177 ? -2.604  1.450   5.264   1.00 24.84  ? 541 LEU A O   1 
ATOM   1237 C CB  . LEU A 1 177 ? -3.847  2.720   7.590   1.00 21.09  ? 541 LEU A CB  1 
ATOM   1238 C CG  . LEU A 1 177 ? -4.443  3.165   8.919   1.00 24.58  ? 541 LEU A CG  1 
ATOM   1239 C CD1 . LEU A 1 177 ? -4.859  4.613   8.799   1.00 31.67  ? 541 LEU A CD1 1 
ATOM   1240 C CD2 . LEU A 1 177 ? -5.628  2.262   9.282   1.00 20.05  ? 541 LEU A CD2 1 
ATOM   1241 N N   . ILE A 1 178 ? -4.129  -0.111  5.714   1.00 24.72  ? 542 ILE A N   1 
ATOM   1242 C CA  . ILE A 1 178 ? -4.245  -0.472  4.317   1.00 23.73  ? 542 ILE A CA  1 
ATOM   1243 C C   . ILE A 1 178 ? -5.704  -0.145  4.027   1.00 26.07  ? 542 ILE A C   1 
ATOM   1244 O O   . ILE A 1 178 ? -6.597  -0.570  4.762   1.00 29.81  ? 542 ILE A O   1 
ATOM   1245 C CB  . ILE A 1 178 ? -3.943  -1.949  4.088   1.00 20.51  ? 542 ILE A CB  1 
ATOM   1246 C CG1 . ILE A 1 178 ? -2.509  -2.252  4.586   1.00 20.52  ? 542 ILE A CG1 1 
ATOM   1247 C CG2 . ILE A 1 178 ? -4.121  -2.262  2.626   1.00 17.77  ? 542 ILE A CG2 1 
ATOM   1248 C CD1 . ILE A 1 178 ? -2.180  -3.715  4.724   1.00 6.82   ? 542 ILE A CD1 1 
ATOM   1249 N N   . LEU A 1 179 ? -5.967  0.623   2.984   1.00 25.82  ? 543 LEU A N   1 
ATOM   1250 C CA  . LEU A 1 179 ? -7.348  0.968   2.726   1.00 26.09  ? 543 LEU A CA  1 
ATOM   1251 C C   . LEU A 1 179 ? -7.862  0.483   1.398   1.00 29.52  ? 543 LEU A C   1 
ATOM   1252 O O   . LEU A 1 179 ? -7.278  0.775   0.357   1.00 33.06  ? 543 LEU A O   1 
ATOM   1253 C CB  . LEU A 1 179 ? -7.518  2.479   2.789   1.00 24.81  ? 543 LEU A CB  1 
ATOM   1254 C CG  . LEU A 1 179 ? -7.599  3.050   4.198   1.00 20.80  ? 543 LEU A CG  1 
ATOM   1255 C CD1 . LEU A 1 179 ? -7.238  4.511   4.156   1.00 14.72  ? 543 LEU A CD1 1 
ATOM   1256 C CD2 . LEU A 1 179 ? -9.001  2.829   4.768   1.00 24.17  ? 543 LEU A CD2 1 
ATOM   1257 N N   . CYS A 1 180 ? -8.958  -0.265  1.421   1.00 31.57  ? 544 CYS A N   1 
ATOM   1258 C CA  . CYS A 1 180 ? -9.549  -0.720  0.167   1.00 32.66  ? 544 CYS A CA  1 
ATOM   1259 C C   . CYS A 1 180 ? -10.911 -0.022  -0.001  1.00 33.33  ? 544 CYS A C   1 
ATOM   1260 O O   . CYS A 1 180 ? -11.797 -0.159  0.847   1.00 37.40  ? 544 CYS A O   1 
ATOM   1261 C CB  . CYS A 1 180 ? -9.725  -2.226  0.170   1.00 30.91  ? 544 CYS A CB  1 
ATOM   1262 S SG  . CYS A 1 180 ? -10.580 -2.784  -1.334  1.00 35.26  ? 544 CYS A SG  1 
ATOM   1263 N N   . PRO A 1 181 ? -11.084 0.755   -1.089  1.00 30.89  ? 545 PRO A N   1 
ATOM   1264 C CA  . PRO A 1 181 ? -12.330 1.477   -1.350  1.00 28.18  ? 545 PRO A CA  1 
ATOM   1265 C C   . PRO A 1 181 ? -13.385 0.561   -1.924  1.00 27.52  ? 545 PRO A C   1 
ATOM   1266 O O   . PRO A 1 181 ? -14.556 0.914   -1.972  1.00 28.46  ? 545 PRO A O   1 
ATOM   1267 C CB  . PRO A 1 181 ? -11.895 2.527   -2.356  1.00 26.88  ? 545 PRO A CB  1 
ATOM   1268 C CG  . PRO A 1 181 ? -10.975 1.724   -3.227  1.00 25.09  ? 545 PRO A CG  1 
ATOM   1269 C CD  . PRO A 1 181 ? -10.139 0.956   -2.204  1.00 28.72  ? 545 PRO A CD  1 
ATOM   1270 N N   . LEU A 1 182 ? -12.949 -0.623  -2.350  1.00 27.23  ? 546 LEU A N   1 
ATOM   1271 C CA  . LEU A 1 182 ? -13.809 -1.639  -2.962  1.00 24.60  ? 546 LEU A CA  1 
ATOM   1272 C C   . LEU A 1 182 ? -14.679 -2.345  -1.948  1.00 23.22  ? 546 LEU A C   1 
ATOM   1273 O O   . LEU A 1 182 ? -15.738 -2.841  -2.284  1.00 25.47  ? 546 LEU A O   1 
ATOM   1274 C CB  . LEU A 1 182 ? -12.963 -2.682  -3.680  1.00 25.29  ? 546 LEU A CB  1 
ATOM   1275 C CG  . LEU A 1 182 ? -12.484 -2.260  -5.074  1.00 22.61  ? 546 LEU A CG  1 
ATOM   1276 C CD1 . LEU A 1 182 ? -11.898 -3.457  -5.794  1.00 22.00  ? 546 LEU A CD1 1 
ATOM   1277 C CD2 . LEU A 1 182 ? -13.668 -1.703  -5.871  1.00 28.92  ? 546 LEU A CD2 1 
ATOM   1278 N N   . MET A 1 183 ? -14.225 -2.396  -0.702  1.00 25.18  ? 547 MET A N   1 
ATOM   1279 C CA  . MET A 1 183 ? -14.991 -3.011  0.371   1.00 25.27  ? 547 MET A CA  1 
ATOM   1280 C C   . MET A 1 183 ? -15.181 -2.055  1.538   1.00 23.56  ? 547 MET A C   1 
ATOM   1281 O O   . MET A 1 183 ? -15.612 -2.456  2.589   1.00 28.34  ? 547 MET A O   1 
ATOM   1282 C CB  . MET A 1 183 ? -14.334 -4.302  0.852   1.00 25.02  ? 547 MET A CB  1 
ATOM   1283 C CG  . MET A 1 183 ? -12.898 -4.504  0.416   1.00 26.50  ? 547 MET A CG  1 
ATOM   1284 S SD  . MET A 1 183 ? -12.647 -6.145  -0.298  1.00 32.45  ? 547 MET A SD  1 
ATOM   1285 C CE  . MET A 1 183 ? -14.277 -6.434  -1.141  1.00 27.40  ? 547 MET A CE  1 
ATOM   1286 N N   . ALA A 1 184 ? -14.890 -0.778  1.316   1.00 21.97  ? 548 ALA A N   1 
ATOM   1287 C CA  . ALA A 1 184 ? -15.052 0.250   2.320   1.00 18.10  ? 548 ALA A CA  1 
ATOM   1288 C C   . ALA A 1 184 ? -14.486 -0.359  3.564   1.00 17.34  ? 548 ALA A C   1 
ATOM   1289 O O   . ALA A 1 184 ? -15.142 -0.345  4.623   1.00 14.34  ? 548 ALA A O   1 
ATOM   1290 C CB  . ALA A 1 184 ? -16.524 0.548   2.520   1.00 17.98  ? 548 ALA A CB  1 
ATOM   1291 N N   . ALA A 1 185 ? -13.287 -0.924  3.436   1.00 17.15  ? 549 ALA A N   1 
ATOM   1292 C CA  . ALA A 1 185 ? -12.652 -1.579  4.567   1.00 16.32  ? 549 ALA A CA  1 
ATOM   1293 C C   . ALA A 1 185 ? -11.312 -0.972  4.905   1.00 18.78  ? 549 ALA A C   1 
ATOM   1294 O O   . ALA A 1 185 ? -10.572 -0.523  4.017   1.00 23.07  ? 549 ALA A O   1 
ATOM   1295 C CB  . ALA A 1 185 ? -12.471 -3.043  4.274   1.00 16.66  ? 549 ALA A CB  1 
ATOM   1296 N N   . VAL A 1 186 ? -11.016 -0.931  6.197   1.00 18.34  ? 550 VAL A N   1 
ATOM   1297 C CA  . VAL A 1 186 ? -9.738  -0.437  6.631   1.00 14.85  ? 550 VAL A CA  1 
ATOM   1298 C C   . VAL A 1 186 ? -9.055  -1.556  7.404   1.00 17.25  ? 550 VAL A C   1 
ATOM   1299 O O   . VAL A 1 186 ? -9.637  -2.179  8.308   1.00 18.69  ? 550 VAL A O   1 
ATOM   1300 C CB  . VAL A 1 186 ? -9.841  0.823   7.537   1.00 12.98  ? 550 VAL A CB  1 
ATOM   1301 C CG1 . VAL A 1 186 ? -10.727 0.560   8.763   1.00 11.76  ? 550 VAL A CG1 1 
ATOM   1302 C CG2 . VAL A 1 186 ? -8.437  1.197   8.005   1.00 10.15  ? 550 VAL A CG2 1 
ATOM   1303 N N   . THR A 1 187 ? -7.819  -1.816  7.032   1.00 17.83  ? 551 THR A N   1 
ATOM   1304 C CA  . THR A 1 187 ? -7.069  -2.837  7.704   1.00 18.13  ? 551 THR A CA  1 
ATOM   1305 C C   . THR A 1 187 ? -6.021  -2.125  8.524   1.00 17.27  ? 551 THR A C   1 
ATOM   1306 O O   . THR A 1 187 ? -5.297  -1.286  8.022   1.00 19.75  ? 551 THR A O   1 
ATOM   1307 C CB  . THR A 1 187 ? -6.430  -3.771  6.683   1.00 18.57  ? 551 THR A CB  1 
ATOM   1308 O OG1 . THR A 1 187 ? -7.464  -4.557  6.063   1.00 19.36  ? 551 THR A OG1 1 
ATOM   1309 C CG2 . THR A 1 187 ? -5.403  -4.678  7.346   1.00 17.87  ? 551 THR A CG2 1 
ATOM   1310 N N   . TYR A 1 188 ? -5.927  -2.483  9.791   1.00 21.24  ? 552 TYR A N   1 
ATOM   1311 C CA  . TYR A 1 188 ? -4.961  -1.851  10.676  1.00 24.63  ? 552 TYR A CA  1 
ATOM   1312 C C   . TYR A 1 188 ? -3.974  -2.802  11.383  1.00 25.17  ? 552 TYR A C   1 
ATOM   1313 O O   . TYR A 1 188 ? -4.366  -3.548  12.283  1.00 26.32  ? 552 TYR A O   1 
ATOM   1314 C CB  . TYR A 1 188 ? -5.735  -1.046  11.714  1.00 28.12  ? 552 TYR A CB  1 
ATOM   1315 C CG  . TYR A 1 188 ? -4.862  -0.297  12.677  1.00 29.60  ? 552 TYR A CG  1 
ATOM   1316 C CD1 . TYR A 1 188 ? -4.039  0.738   12.236  1.00 33.63  ? 552 TYR A CD1 1 
ATOM   1317 C CD2 . TYR A 1 188 ? -4.853  -0.616  14.030  1.00 30.93  ? 552 TYR A CD2 1 
ATOM   1318 C CE1 . TYR A 1 188 ? -3.228  1.437   13.118  1.00 33.44  ? 552 TYR A CE1 1 
ATOM   1319 C CE2 . TYR A 1 188 ? -4.048  0.078   14.921  1.00 33.31  ? 552 TYR A CE2 1 
ATOM   1320 C CZ  . TYR A 1 188 ? -3.241  1.105   14.457  1.00 30.28  ? 552 TYR A CZ  1 
ATOM   1321 O OH  . TYR A 1 188 ? -2.457  1.805   15.339  1.00 35.23  ? 552 TYR A OH  1 
ATOM   1322 N N   . ILE A 1 189 ? -2.710  -2.763  10.955  1.00 24.82  ? 553 ILE A N   1 
ATOM   1323 C CA  . ILE A 1 189 ? -1.622  -3.570  11.531  1.00 26.96  ? 553 ILE A CA  1 
ATOM   1324 C C   . ILE A 1 189 ? -0.988  -2.682  12.613  1.00 30.82  ? 553 ILE A C   1 
ATOM   1325 O O   . ILE A 1 189 ? -0.355  -1.676  12.305  1.00 33.53  ? 553 ILE A O   1 
ATOM   1326 C CB  . ILE A 1 189 ? -0.555  -3.899  10.473  1.00 24.33  ? 553 ILE A CB  1 
ATOM   1327 C CG1 . ILE A 1 189 ? -1.220  -4.359  9.178   1.00 23.15  ? 553 ILE A CG1 1 
ATOM   1328 C CG2 . ILE A 1 189 ? 0.380   -4.982  10.999  1.00 21.28  ? 553 ILE A CG2 1 
ATOM   1329 C CD1 . ILE A 1 189 ? -0.247  -4.694  8.064   1.00 31.56  ? 553 ILE A CD1 1 
ATOM   1330 N N   . ASP A 1 190 ? -1.148  -3.040  13.880  1.00 34.06  ? 554 ASP A N   1 
ATOM   1331 C CA  . ASP A 1 190 ? -0.649  -2.162  14.933  1.00 37.64  ? 554 ASP A CA  1 
ATOM   1332 C C   . ASP A 1 190 ? 0.744   -2.387  15.532  1.00 40.02  ? 554 ASP A C   1 
ATOM   1333 O O   . ASP A 1 190 ? 1.537   -3.221  15.064  1.00 41.06  ? 554 ASP A O   1 
ATOM   1334 C CB  . ASP A 1 190 ? -1.688  -2.086  16.063  1.00 37.89  ? 554 ASP A CB  1 
ATOM   1335 C CG  . ASP A 1 190 ? -1.777  -3.365  16.867  1.00 40.52  ? 554 ASP A CG  1 
ATOM   1336 O OD1 . ASP A 1 190 ? -0.719  -3.977  17.130  1.00 46.44  ? 554 ASP A OD1 1 
ATOM   1337 O OD2 . ASP A 1 190 ? -2.904  -3.760  17.257  1.00 43.86  ? 554 ASP A OD2 1 
ATOM   1338 N N   . GLU A 1 191 ? 1.006   -1.612  16.582  1.00 41.43  ? 555 GLU A N   1 
ATOM   1339 C CA  . GLU A 1 191 ? 2.257   -1.612  17.321  1.00 43.56  ? 555 GLU A CA  1 
ATOM   1340 C C   . GLU A 1 191 ? 2.783   -2.981  17.715  1.00 44.61  ? 555 GLU A C   1 
ATOM   1341 O O   . GLU A 1 191 ? 3.944   -3.296  17.455  1.00 46.07  ? 555 GLU A O   1 
ATOM   1342 C CB  . GLU A 1 191 ? 2.112   -0.737  18.566  1.00 44.79  ? 555 GLU A CB  1 
ATOM   1343 C CG  . GLU A 1 191 ? 0.669   -0.588  19.074  1.00 47.95  ? 555 GLU A CG  1 
ATOM   1344 C CD  . GLU A 1 191 ? -0.151  0.405   18.241  1.00 51.87  ? 555 GLU A CD  1 
ATOM   1345 O OE1 . GLU A 1 191 ? 0.230   1.595   18.189  1.00 59.86  ? 555 GLU A OE1 1 
ATOM   1346 O OE2 . GLU A 1 191 ? -1.170  0.003   17.635  1.00 45.09  ? 555 GLU A OE2 1 
ATOM   1347 N N   . LYS A 1 192 ? 1.943   -3.789  18.361  1.00 45.44  ? 556 LYS A N   1 
ATOM   1348 C CA  . LYS A 1 192 ? 2.355   -5.132  18.772  1.00 46.22  ? 556 LYS A CA  1 
ATOM   1349 C C   . LYS A 1 192 ? 2.527   -6.016  17.544  1.00 46.49  ? 556 LYS A C   1 
ATOM   1350 O O   . LYS A 1 192 ? 3.110   -7.096  17.632  1.00 46.59  ? 556 LYS A O   1 
ATOM   1351 C CB  . LYS A 1 192 ? 1.323   -5.778  19.708  1.00 45.90  ? 556 LYS A CB  1 
ATOM   1352 C CG  . LYS A 1 192 ? 0.068   -4.954  19.958  1.00 48.62  ? 556 LYS A CG  1 
ATOM   1353 C CD  . LYS A 1 192 ? -1.073  -5.808  20.494  1.00 54.59  ? 556 LYS A CD  1 
ATOM   1354 C CE  . LYS A 1 192 ? -1.983  -4.984  21.353  1.00 57.46  ? 556 LYS A CE  1 
ATOM   1355 N NZ  . LYS A 1 192 ? -1.246  -4.713  22.607  1.00 59.52  ? 556 LYS A NZ  1 
ATOM   1356 N N   . ARG A 1 193 ? 2.008   -5.534  16.412  1.00 46.61  ? 557 ARG A N   1 
ATOM   1357 C CA  . ARG A 1 193 ? 2.049   -6.216  15.108  1.00 46.40  ? 557 ARG A CA  1 
ATOM   1358 C C   . ARG A 1 193 ? 0.833   -7.107  14.854  1.00 44.30  ? 557 ARG A C   1 
ATOM   1359 O O   . ARG A 1 193 ? 0.892   -8.070  14.104  1.00 43.70  ? 557 ARG A O   1 
ATOM   1360 C CB  . ARG A 1 193 ? 3.359   -7.006  14.926  1.00 47.81  ? 557 ARG A CB  1 
ATOM   1361 C CG  . ARG A 1 193 ? 4.557   -6.113  14.564  1.00 51.83  ? 557 ARG A CG  1 
ATOM   1362 C CD  . ARG A 1 193 ? 5.833   -6.431  15.359  1.00 60.65  ? 557 ARG A CD  1 
ATOM   1363 N NE  . ARG A 1 193 ? 6.498   -7.679  14.959  1.00 67.06  ? 557 ARG A NE  1 
ATOM   1364 C CZ  . ARG A 1 193 ? 7.772   -7.978  15.228  1.00 69.45  ? 557 ARG A CZ  1 
ATOM   1365 N NH1 . ARG A 1 193 ? 8.540   -7.119  15.895  1.00 71.60  ? 557 ARG A NH1 1 
ATOM   1366 N NH2 . ARG A 1 193 ? 8.282   -9.138  14.832  1.00 69.96  ? 557 ARG A NH2 1 
ATOM   1367 N N   . ASP A 1 194 ? -0.276  -6.751  15.488  1.00 43.10  ? 558 ASP A N   1 
ATOM   1368 C CA  . ASP A 1 194 ? -1.524  -7.475  15.306  1.00 42.26  ? 558 ASP A CA  1 
ATOM   1369 C C   . ASP A 1 194 ? -2.261  -6.996  14.037  1.00 38.91  ? 558 ASP A C   1 
ATOM   1370 O O   . ASP A 1 194 ? -2.223  -5.815  13.697  1.00 38.68  ? 558 ASP A O   1 
ATOM   1371 C CB  . ASP A 1 194 ? -2.429  -7.323  16.550  1.00 43.65  ? 558 ASP A CB  1 
ATOM   1372 C CG  . ASP A 1 194 ? -2.510  -8.606  17.398  1.00 50.71  ? 558 ASP A CG  1 
ATOM   1373 O OD1 . ASP A 1 194 ? -3.510  -8.738  18.151  1.00 57.92  ? 558 ASP A OD1 1 
ATOM   1374 O OD2 . ASP A 1 194 ? -1.601  -9.475  17.327  1.00 48.14  ? 558 ASP A OD2 1 
ATOM   1375 N N   . PHE A 1 195 ? -2.896  -7.938  13.338  1.00 35.88  ? 559 PHE A N   1 
ATOM   1376 C CA  . PHE A 1 195 ? -3.648  -7.662  12.113  1.00 36.18  ? 559 PHE A CA  1 
ATOM   1377 C C   . PHE A 1 195 ? -5.145  -7.503  12.418  1.00 33.27  ? 559 PHE A C   1 
ATOM   1378 O O   . PHE A 1 195 ? -5.770  -8.416  12.962  1.00 33.20  ? 559 PHE A O   1 
ATOM   1379 C CB  . PHE A 1 195 ? -3.451  -8.814  11.104  1.00 39.49  ? 559 PHE A CB  1 
ATOM   1380 C CG  . PHE A 1 195 ? -4.066  -10.144 11.545  1.00 49.52  ? 559 PHE A CG  1 
ATOM   1381 C CD1 . PHE A 1 195 ? -4.929  -10.851 10.695  1.00 56.93  ? 559 PHE A CD1 1 
ATOM   1382 C CD2 . PHE A 1 195 ? -3.817  -10.677 12.823  1.00 53.37  ? 559 PHE A CD2 1 
ATOM   1383 C CE1 . PHE A 1 195 ? -5.533  -12.061 11.115  1.00 55.96  ? 559 PHE A CE1 1 
ATOM   1384 C CE2 . PHE A 1 195 ? -4.424  -11.889 13.241  1.00 52.18  ? 559 PHE A CE2 1 
ATOM   1385 C CZ  . PHE A 1 195 ? -5.278  -12.571 12.388  1.00 49.69  ? 559 PHE A CZ  1 
ATOM   1386 N N   . ARG A 1 196 ? -5.731  -6.359  12.071  1.00 29.58  ? 560 ARG A N   1 
ATOM   1387 C CA  . ARG A 1 196 ? -7.155  -6.163  12.325  1.00 28.36  ? 560 ARG A CA  1 
ATOM   1388 C C   . ARG A 1 196 ? -7.836  -5.411  11.187  1.00 25.59  ? 560 ARG A C   1 
ATOM   1389 O O   . ARG A 1 196 ? -7.419  -4.316  10.828  1.00 24.34  ? 560 ARG A O   1 
ATOM   1390 C CB  . ARG A 1 196 ? -7.346  -5.427  13.654  1.00 27.44  ? 560 ARG A CB  1 
ATOM   1391 C CG  . ARG A 1 196 ? -8.347  -6.088  14.595  1.00 29.88  ? 560 ARG A CG  1 
ATOM   1392 C CD  . ARG A 1 196 ? -7.905  -7.489  15.006  1.00 29.59  ? 560 ARG A CD  1 
ATOM   1393 N NE  . ARG A 1 196 ? -8.098  -7.712  16.439  1.00 34.63  ? 560 ARG A NE  1 
ATOM   1394 C CZ  . ARG A 1 196 ? -7.524  -8.691  17.139  1.00 43.67  ? 560 ARG A CZ  1 
ATOM   1395 N NH1 . ARG A 1 196 ? -6.708  -9.563  16.548  1.00 41.56  ? 560 ARG A NH1 1 
ATOM   1396 N NH2 . ARG A 1 196 ? -7.754  -8.795  18.444  1.00 44.61  ? 560 ARG A NH2 1 
ATOM   1397 N N   . THR A 1 197 ? -8.885  -6.010  10.633  1.00 24.17  ? 561 THR A N   1 
ATOM   1398 C CA  . THR A 1 197 ? -9.627  -5.407  9.527   1.00 24.98  ? 561 THR A CA  1 
ATOM   1399 C C   . THR A 1 197 ? -11.014 -4.919  9.948   1.00 22.62  ? 561 THR A C   1 
ATOM   1400 O O   . THR A 1 197 ? -11.803 -5.680  10.514  1.00 22.92  ? 561 THR A O   1 
ATOM   1401 C CB  . THR A 1 197 ? -9.819  -6.407  8.369   1.00 25.17  ? 561 THR A CB  1 
ATOM   1402 O OG1 . THR A 1 197 ? -8.554  -6.686  7.754   1.00 26.18  ? 561 THR A OG1 1 
ATOM   1403 C CG2 . THR A 1 197 ? -10.812 -5.853  7.345   1.00 22.48  ? 561 THR A CG2 1 
ATOM   1404 N N   . TYR A 1 198 ? -11.311 -3.655  9.667   1.00 21.04  ? 562 TYR A N   1 
ATOM   1405 C CA  . TYR A 1 198 ? -12.609 -3.103  10.025  1.00 20.62  ? 562 TYR A CA  1 
ATOM   1406 C C   . TYR A 1 198 ? -13.359 -2.600  8.819   1.00 20.11  ? 562 TYR A C   1 
ATOM   1407 O O   . TYR A 1 198 ? -12.765 -2.074  7.863   1.00 19.50  ? 562 TYR A O   1 
ATOM   1408 C CB  . TYR A 1 198 ? -12.472 -1.950  11.018  1.00 20.91  ? 562 TYR A CB  1 
ATOM   1409 C CG  . TYR A 1 198 ? -11.584 -2.269  12.172  1.00 21.15  ? 562 TYR A CG  1 
ATOM   1410 C CD1 . TYR A 1 198 ? -10.245 -1.877  12.171  1.00 18.85  ? 562 TYR A CD1 1 
ATOM   1411 C CD2 . TYR A 1 198 ? -12.055 -3.020  13.240  1.00 17.57  ? 562 TYR A CD2 1 
ATOM   1412 C CE1 . TYR A 1 198 ? -9.394  -2.221  13.202  1.00 21.70  ? 562 TYR A CE1 1 
ATOM   1413 C CE2 . TYR A 1 198 ? -11.205 -3.388  14.284  1.00 22.59  ? 562 TYR A CE2 1 
ATOM   1414 C CZ  . TYR A 1 198 ? -9.875  -2.982  14.253  1.00 20.14  ? 562 TYR A CZ  1 
ATOM   1415 O OH  . TYR A 1 198 ? -9.045  -3.363  15.275  1.00 22.39  ? 562 TYR A OH  1 
ATOM   1416 N N   . ARG A 1 199 ? -14.672 -2.770  8.866   1.00 19.01  ? 563 ARG A N   1 
ATOM   1417 C CA  . ARG A 1 199 ? -15.526 -2.300  7.798   1.00 17.32  ? 563 ARG A CA  1 
ATOM   1418 C C   . ARG A 1 199 ? -15.684 -0.854  8.221   1.00 17.95  ? 563 ARG A C   1 
ATOM   1419 O O   . ARG A 1 199 ? -16.253 -0.569  9.281   1.00 16.63  ? 563 ARG A O   1 
ATOM   1420 C CB  . ARG A 1 199 ? -16.866 -3.020  7.848   1.00 17.83  ? 563 ARG A CB  1 
ATOM   1421 C CG  . ARG A 1 199 ? -17.485 -3.281  6.493   1.00 26.44  ? 563 ARG A CG  1 
ATOM   1422 C CD  . ARG A 1 199 ? -18.733 -4.146  6.612   1.00 32.15  ? 563 ARG A CD  1 
ATOM   1423 N NE  . ARG A 1 199 ? -18.929 -4.958  5.419   1.00 53.19  ? 563 ARG A NE  1 
ATOM   1424 C CZ  . ARG A 1 199 ? -19.025 -4.472  4.183   1.00 62.44  ? 563 ARG A CZ  1 
ATOM   1425 N NH1 . ARG A 1 199 ? -18.951 -3.161  3.966   1.00 64.37  ? 563 ARG A NH1 1 
ATOM   1426 N NH2 . ARG A 1 199 ? -19.178 -5.304  3.155   1.00 63.58  ? 563 ARG A NH2 1 
ATOM   1427 N N   . LEU A 1 200 ? -15.144 0.053   7.414   1.00 19.77  ? 564 LEU A N   1 
ATOM   1428 C CA  . LEU A 1 200 ? -15.210 1.491   7.691   1.00 18.65  ? 564 LEU A CA  1 
ATOM   1429 C C   . LEU A 1 200 ? -16.545 1.955   8.217   1.00 18.33  ? 564 LEU A C   1 
ATOM   1430 O O   . LEU A 1 200 ? -16.599 2.710   9.169   1.00 24.71  ? 564 LEU A O   1 
ATOM   1431 C CB  . LEU A 1 200 ? -14.868 2.306   6.432   1.00 18.33  ? 564 LEU A CB  1 
ATOM   1432 C CG  . LEU A 1 200 ? -13.378 2.459   6.104   1.00 22.22  ? 564 LEU A CG  1 
ATOM   1433 C CD1 . LEU A 1 200 ? -13.144 3.458   4.956   1.00 20.10  ? 564 LEU A CD1 1 
ATOM   1434 C CD2 . LEU A 1 200 ? -12.706 2.946   7.378   1.00 23.07  ? 564 LEU A CD2 1 
ATOM   1435 N N   . SER A 1 201 ? -17.634 1.513   7.616   1.00 18.30  ? 565 SER A N   1 
ATOM   1436 C CA  . SER A 1 201 ? -18.929 1.976   8.091   1.00 17.35  ? 565 SER A CA  1 
ATOM   1437 C C   . SER A 1 201 ? -19.429 1.295   9.368   1.00 16.11  ? 565 SER A C   1 
ATOM   1438 O O   . SER A 1 201 ? -20.138 1.934   10.157  1.00 16.38  ? 565 SER A O   1 
ATOM   1439 C CB  . SER A 1 201 ? -19.973 1.853   6.976   1.00 18.85  ? 565 SER A CB  1 
ATOM   1440 O OG  . SER A 1 201 ? -20.654 0.625   7.062   1.00 24.15  ? 565 SER A OG  1 
ATOM   1441 N N   . LEU A 1 202 ? -19.124 0.007   9.567   1.00 16.14  ? 566 LEU A N   1 
ATOM   1442 C CA  . LEU A 1 202 ? -19.578 -0.625  10.811  1.00 16.60  ? 566 LEU A CA  1 
ATOM   1443 C C   . LEU A 1 202 ? -18.823 0.163   11.851  1.00 17.45  ? 566 LEU A C   1 
ATOM   1444 O O   . LEU A 1 202 ? -19.323 0.503   12.911  1.00 16.43  ? 566 LEU A O   1 
ATOM   1445 C CB  . LEU A 1 202 ? -19.154 -2.098  10.936  1.00 17.56  ? 566 LEU A CB  1 
ATOM   1446 C CG  . LEU A 1 202 ? -19.636 -3.206  10.004  1.00 17.42  ? 566 LEU A CG  1 
ATOM   1447 C CD1 . LEU A 1 202 ? -18.914 -4.499  10.349  1.00 5.69   ? 566 LEU A CD1 1 
ATOM   1448 C CD2 . LEU A 1 202 ? -21.150 -3.368  10.101  1.00 17.69  ? 566 LEU A CD2 1 
ATOM   1449 N N   . LEU A 1 203 ? -17.578 0.432   11.495  1.00 18.91  ? 567 LEU A N   1 
ATOM   1450 C CA  . LEU A 1 203 ? -16.676 1.178   12.324  1.00 17.15  ? 567 LEU A CA  1 
ATOM   1451 C C   . LEU A 1 203 ? -17.341 2.513   12.587  1.00 19.41  ? 567 LEU A C   1 
ATOM   1452 O O   . LEU A 1 203 ? -17.127 3.115   13.619  1.00 21.78  ? 567 LEU A O   1 
ATOM   1453 C CB  . LEU A 1 203 ? -15.359 1.409   11.618  1.00 15.05  ? 567 LEU A CB  1 
ATOM   1454 C CG  . LEU A 1 203 ? -14.103 1.092   12.410  1.00 14.91  ? 567 LEU A CG  1 
ATOM   1455 C CD1 . LEU A 1 203 ? -13.064 2.040   11.892  1.00 18.76  ? 567 LEU A CD1 1 
ATOM   1456 C CD2 . LEU A 1 203 ? -14.299 1.285   13.905  1.00 19.59  ? 567 LEU A CD2 1 
ATOM   1457 N N   . GLU A 1 204 ? -18.182 2.951   11.661  1.00 20.66  ? 568 GLU A N   1 
ATOM   1458 C CA  . GLU A 1 204 ? -18.919 4.192   11.806  1.00 20.74  ? 568 GLU A CA  1 
ATOM   1459 C C   . GLU A 1 204 ? -20.186 3.977   12.623  1.00 21.53  ? 568 GLU A C   1 
ATOM   1460 O O   . GLU A 1 204 ? -20.913 4.935   12.821  1.00 24.40  ? 568 GLU A O   1 
ATOM   1461 C CB  . GLU A 1 204 ? -19.288 4.756   10.442  1.00 20.95  ? 568 GLU A CB  1 
ATOM   1462 C CG  . GLU A 1 204 ? -19.668 6.212   10.474  1.00 24.88  ? 568 GLU A CG  1 
ATOM   1463 C CD  . GLU A 1 204 ? -20.489 6.611   9.262   1.00 38.09  ? 568 GLU A CD  1 
ATOM   1464 O OE1 . GLU A 1 204 ? -20.107 6.214   8.126   1.00 44.12  ? 568 GLU A OE1 1 
ATOM   1465 O OE2 . GLU A 1 204 ? -21.518 7.324   9.438   1.00 40.57  ? 568 GLU A OE2 1 
ATOM   1466 N N   . GLU A 1 205 ? -20.453 2.749   13.089  1.00 21.89  ? 569 GLU A N   1 
ATOM   1467 C CA  . GLU A 1 205 ? -21.638 2.459   13.920  1.00 22.86  ? 569 GLU A CA  1 
ATOM   1468 C C   . GLU A 1 205 ? -21.167 2.307   15.352  1.00 22.51  ? 569 GLU A C   1 
ATOM   1469 O O   . GLU A 1 205 ? -21.781 2.816   16.290  1.00 22.56  ? 569 GLU A O   1 
ATOM   1470 C CB  . GLU A 1 205 ? -22.309 1.139   13.514  1.00 24.54  ? 569 GLU A CB  1 
ATOM   1471 C CG  . GLU A 1 205 ? -23.807 1.242   13.151  1.00 32.88  ? 569 GLU A CG  1 
ATOM   1472 C CD  . GLU A 1 205 ? -24.026 1.126   11.643  1.00 48.36  ? 569 GLU A CD  1 
ATOM   1473 O OE1 . GLU A 1 205 ? -24.137 -0.033  11.140  1.00 50.67  ? 569 GLU A OE1 1 
ATOM   1474 O OE2 . GLU A 1 205 ? -24.061 2.192   10.960  1.00 50.45  ? 569 GLU A OE2 1 
ATOM   1475 N N   . TYR A 1 206 ? -20.049 1.594   15.498  1.00 22.93  ? 570 TYR A N   1 
ATOM   1476 C CA  . TYR A 1 206 ? -19.438 1.285   16.799  1.00 19.80  ? 570 TYR A CA  1 
ATOM   1477 C C   . TYR A 1 206 ? -18.285 2.172   17.240  1.00 17.67  ? 570 TYR A C   1 
ATOM   1478 O O   . TYR A 1 206 ? -17.958 2.210   18.420  1.00 19.65  ? 570 TYR A O   1 
ATOM   1479 C CB  . TYR A 1 206 ? -18.988 -0.166  16.773  1.00 20.20  ? 570 TYR A CB  1 
ATOM   1480 C CG  . TYR A 1 206 ? -20.093 -1.074  16.309  1.00 19.96  ? 570 TYR A CG  1 
ATOM   1481 C CD1 . TYR A 1 206 ? -20.101 -1.607  15.014  1.00 16.23  ? 570 TYR A CD1 1 
ATOM   1482 C CD2 . TYR A 1 206 ? -21.196 -1.309  17.129  1.00 22.07  ? 570 TYR A CD2 1 
ATOM   1483 C CE1 . TYR A 1 206 ? -21.192 -2.343  14.551  1.00 20.43  ? 570 TYR A CE1 1 
ATOM   1484 C CE2 . TYR A 1 206 ? -22.289 -2.033  16.681  1.00 24.29  ? 570 TYR A CE2 1 
ATOM   1485 C CZ  . TYR A 1 206 ? -22.291 -2.547  15.399  1.00 25.31  ? 570 TYR A CZ  1 
ATOM   1486 O OH  . TYR A 1 206 ? -23.415 -3.248  14.997  1.00 29.11  ? 570 TYR A OH  1 
ATOM   1487 N N   . GLY A 1 207 ? -17.677 2.873   16.285  1.00 16.03  ? 571 GLY A N   1 
ATOM   1488 C CA  . GLY A 1 207 ? -16.574 3.772   16.584  1.00 17.58  ? 571 GLY A CA  1 
ATOM   1489 C C   . GLY A 1 207 ? -15.286 3.002   16.810  1.00 19.27  ? 571 GLY A C   1 
ATOM   1490 O O   . GLY A 1 207 ? -15.262 1.780   16.670  1.00 20.32  ? 571 GLY A O   1 
ATOM   1491 N N   . CYS A 1 208 ? -14.210 3.713   17.125  1.00 19.61  ? 572 CYS A N   1 
ATOM   1492 C CA  . CYS A 1 208 ? -12.936 3.083   17.386  1.00 20.38  ? 572 CYS A CA  1 
ATOM   1493 C C   . CYS A 1 208 ? -12.165 3.976   18.324  1.00 22.67  ? 572 CYS A C   1 
ATOM   1494 O O   . CYS A 1 208 ? -12.536 5.127   18.557  1.00 24.55  ? 572 CYS A O   1 
ATOM   1495 C CB  . CYS A 1 208 ? -12.144 2.879   16.099  1.00 20.71  ? 572 CYS A CB  1 
ATOM   1496 S SG  . CYS A 1 208 ? -11.837 4.390   15.162  1.00 23.86  ? 572 CYS A SG  1 
ATOM   1497 N N   . CYS A 1 209 ? -11.089 3.431   18.869  1.00 24.53  ? 573 CYS A N   1 
ATOM   1498 C CA  . CYS A 1 209 ? -10.253 4.157   19.805  1.00 26.74  ? 573 CYS A CA  1 
ATOM   1499 C C   . CYS A 1 209 ? -9.603  5.348   19.133  1.00 25.80  ? 573 CYS A C   1 
ATOM   1500 O O   . CYS A 1 209 ? -9.574  5.444   17.909  1.00 24.19  ? 573 CYS A O   1 
ATOM   1501 C CB  . CYS A 1 209 ? -9.155  3.234   20.311  1.00 27.82  ? 573 CYS A CB  1 
ATOM   1502 S SG  . CYS A 1 209 ? -8.165  2.518   18.966  1.00 34.61  ? 573 CYS A SG  1 
ATOM   1503 N N   . LYS A 1 210 ? -9.097  6.273   19.937  1.00 27.90  ? 574 LYS A N   1 
ATOM   1504 C CA  . LYS A 1 210 ? -8.369  7.399   19.374  1.00 32.48  ? 574 LYS A CA  1 
ATOM   1505 C C   . LYS A 1 210 ? -7.222  6.558   18.816  1.00 31.35  ? 574 LYS A C   1 
ATOM   1506 O O   . LYS A 1 210 ? -7.217  5.355   19.070  1.00 34.36  ? 574 LYS A O   1 
ATOM   1507 C CB  . LYS A 1 210 ? -7.899  8.324   20.503  1.00 31.60  ? 574 LYS A CB  1 
ATOM   1508 C CG  . LYS A 1 210 ? -7.727  9.780   20.084  1.00 37.43  ? 574 LYS A CG  1 
ATOM   1509 C CD  . LYS A 1 210 ? -7.279  10.691  21.237  1.00 38.99  ? 574 LYS A CD  1 
ATOM   1510 C CE  . LYS A 1 210 ? -5.789  10.513  21.595  1.00 44.48  ? 574 LYS A CE  1 
ATOM   1511 N NZ  . LYS A 1 210 ? -5.469  9.183   22.237  1.00 48.00  ? 574 LYS A NZ  1 
ATOM   1512 N N   . GLU A 1 211 ? -6.275  7.117   18.066  1.00 29.06  ? 575 GLU A N   1 
ATOM   1513 C CA  . GLU A 1 211 ? -5.175  6.278   17.529  1.00 29.58  ? 575 GLU A CA  1 
ATOM   1514 C C   . GLU A 1 211 ? -5.548  5.793   16.120  1.00 28.11  ? 575 GLU A C   1 
ATOM   1515 O O   . GLU A 1 211 ? -4.900  6.151   15.121  1.00 29.77  ? 575 GLU A O   1 
ATOM   1516 C CB  . GLU A 1 211 ? -4.911  5.036   18.421  1.00 28.64  ? 575 GLU A CB  1 
ATOM   1517 C CG  . GLU A 1 211 ? -4.314  5.309   19.825  1.00 36.41  ? 575 GLU A CG  1 
ATOM   1518 C CD  . GLU A 1 211 ? -5.292  5.086   21.014  1.00 41.58  ? 575 GLU A CD  1 
ATOM   1519 O OE1 . GLU A 1 211 ? -6.090  4.115   20.991  1.00 36.14  ? 575 GLU A OE1 1 
ATOM   1520 O OE2 . GLU A 1 211 ? -5.235  5.879   21.989  1.00 43.74  ? 575 GLU A OE2 1 
ATOM   1521 N N   . LEU A 1 212 ? -6.591  4.966   16.049  1.00 24.04  ? 576 LEU A N   1 
ATOM   1522 C CA  . LEU A 1 212 ? -7.067  4.484   14.767  1.00 19.62  ? 576 LEU A CA  1 
ATOM   1523 C C   . LEU A 1 212 ? -7.915  5.625   14.213  1.00 18.63  ? 576 LEU A C   1 
ATOM   1524 O O   . LEU A 1 212 ? -7.822  5.957   13.037  1.00 22.21  ? 576 LEU A O   1 
ATOM   1525 C CB  . LEU A 1 212 ? -7.891  3.203   14.926  1.00 17.42  ? 576 LEU A CB  1 
ATOM   1526 C CG  . LEU A 1 212 ? -8.595  2.601   13.706  1.00 8.14   ? 576 LEU A CG  1 
ATOM   1527 C CD1 . LEU A 1 212 ? -7.662  2.562   12.530  1.00 15.55  ? 576 LEU A CD1 1 
ATOM   1528 C CD2 . LEU A 1 212 ? -9.097  1.210   14.029  1.00 21.97  ? 576 LEU A CD2 1 
ATOM   1529 N N   . ALA A 1 213 ? -8.710  6.261   15.065  1.00 19.34  ? 577 ALA A N   1 
ATOM   1530 C CA  . ALA A 1 213 ? -9.529  7.390   14.614  1.00 21.01  ? 577 ALA A CA  1 
ATOM   1531 C C   . ALA A 1 213 ? -8.681  8.517   14.039  1.00 19.26  ? 577 ALA A C   1 
ATOM   1532 O O   . ALA A 1 213 ? -9.114  9.194   13.118  1.00 23.99  ? 577 ALA A O   1 
ATOM   1533 C CB  . ALA A 1 213 ? -10.392 7.936   15.751  1.00 21.23  ? 577 ALA A CB  1 
ATOM   1534 N N   . SER A 1 214 ? -7.479  8.719   14.572  1.00 19.18  ? 578 SER A N   1 
ATOM   1535 C CA  . SER A 1 214 ? -6.589  9.779   14.065  1.00 20.89  ? 578 SER A CA  1 
ATOM   1536 C C   . SER A 1 214 ? -5.829  9.365   12.795  1.00 19.99  ? 578 SER A C   1 
ATOM   1537 O O   . SER A 1 214 ? -5.399  10.224  12.003  1.00 20.63  ? 578 SER A O   1 
ATOM   1538 C CB  . SER A 1 214 ? -5.574  10.198  15.127  1.00 18.15  ? 578 SER A CB  1 
ATOM   1539 O OG  . SER A 1 214 ? -4.647  9.153   15.342  1.00 24.74  ? 578 SER A OG  1 
ATOM   1540 N N   . ARG A 1 215 ? -5.664  8.054   12.611  1.00 19.29  ? 579 ARG A N   1 
ATOM   1541 C CA  . ARG A 1 215 ? -4.988  7.508   11.446  1.00 19.86  ? 579 ARG A CA  1 
ATOM   1542 C C   . ARG A 1 215 ? -5.887  7.623   10.250  1.00 18.54  ? 579 ARG A C   1 
ATOM   1543 O O   . ARG A 1 215 ? -5.442  7.767   9.112   1.00 18.40  ? 579 ARG A O   1 
ATOM   1544 C CB  . ARG A 1 215 ? -4.688  6.049   11.682  1.00 21.95  ? 579 ARG A CB  1 
ATOM   1545 C CG  . ARG A 1 215 ? -3.292  5.783   12.196  1.00 26.47  ? 579 ARG A CG  1 
ATOM   1546 C CD  . ARG A 1 215 ? -3.267  4.576   13.101  1.00 34.32  ? 579 ARG A CD  1 
ATOM   1547 N NE  . ARG A 1 215 ? -1.972  4.432   13.764  1.00 35.62  ? 579 ARG A NE  1 
ATOM   1548 C CZ  . ARG A 1 215 ? -1.328  5.434   14.354  1.00 39.96  ? 579 ARG A CZ  1 
ATOM   1549 N NH1 . ARG A 1 215 ? -1.859  6.655   14.350  1.00 38.20  ? 579 ARG A NH1 1 
ATOM   1550 N NH2 . ARG A 1 215 ? -0.172  5.213   14.973  1.00 35.93  ? 579 ARG A NH2 1 
ATOM   1551 N N   . LEU A 1 216 ? -7.181  7.542   10.515  1.00 19.69  ? 580 LEU A N   1 
ATOM   1552 C CA  . LEU A 1 216 ? -8.157  7.650   9.449   1.00 18.45  ? 580 LEU A CA  1 
ATOM   1553 C C   . LEU A 1 216 ? -8.244  9.095   9.025   1.00 17.79  ? 580 LEU A C   1 
ATOM   1554 O O   . LEU A 1 216 ? -8.499  9.382   7.867   1.00 17.27  ? 580 LEU A O   1 
ATOM   1555 C CB  . LEU A 1 216 ? -9.491  7.111   9.925   1.00 19.77  ? 580 LEU A CB  1 
ATOM   1556 C CG  . LEU A 1 216 ? -9.448  5.573   10.154  1.00 18.94  ? 580 LEU A CG  1 
ATOM   1557 C CD1 . LEU A 1 216 ? -10.814 5.130   10.678  1.00 24.04  ? 580 LEU A CD1 1 
ATOM   1558 C CD2 . LEU A 1 216 ? -9.096  4.817   8.866   1.00 10.60  ? 580 LEU A CD2 1 
ATOM   1559 N N   . ARG A 1 217 ? -8.000  10.013  9.960   1.00 17.75  ? 581 ARG A N   1 
ATOM   1560 C CA  . ARG A 1 217 ? -7.969  11.460  9.640   1.00 18.82  ? 581 ARG A CA  1 
ATOM   1561 C C   . ARG A 1 217 ? -6.753  11.756  8.785   1.00 19.19  ? 581 ARG A C   1 
ATOM   1562 O O   . ARG A 1 217 ? -6.830  12.446  7.774   1.00 19.61  ? 581 ARG A O   1 
ATOM   1563 C CB  . ARG A 1 217 ? -7.813  12.263  10.892  1.00 16.91  ? 581 ARG A CB  1 
ATOM   1564 C CG  . ARG A 1 217 ? -9.121  12.766  11.478  1.00 17.93  ? 581 ARG A CG  1 
ATOM   1565 C CD  . ARG A 1 217 ? -8.813  13.486  12.746  1.00 17.26  ? 581 ARG A CD  1 
ATOM   1566 N NE  . ARG A 1 217 ? -9.141  12.677  13.920  1.00 20.52  ? 581 ARG A NE  1 
ATOM   1567 C CZ  . ARG A 1 217 ? -8.360  12.578  14.992  1.00 18.32  ? 581 ARG A CZ  1 
ATOM   1568 N NH1 . ARG A 1 217 ? -7.199  13.228  15.029  1.00 22.19  ? 581 ARG A NH1 1 
ATOM   1569 N NH2 . ARG A 1 217 ? -8.747  11.850  16.029  1.00 22.33  ? 581 ARG A NH2 1 
ATOM   1570 N N   . TYR A 1 218 ? -5.619  11.225  9.224   1.00 19.56  ? 582 TYR A N   1 
ATOM   1571 C CA  . TYR A 1 218 ? -4.367  11.370  8.496   1.00 19.30  ? 582 TYR A CA  1 
ATOM   1572 C C   . TYR A 1 218 ? -4.553  10.788  7.096   1.00 20.67  ? 582 TYR A C   1 
ATOM   1573 O O   . TYR A 1 218 ? -4.225  11.428  6.087   1.00 20.51  ? 582 TYR A O   1 
ATOM   1574 C CB  . TYR A 1 218 ? -3.244  10.597  9.196   1.00 16.66  ? 582 TYR A CB  1 
ATOM   1575 C CG  . TYR A 1 218 ? -1.874  10.925  8.665   1.00 15.31  ? 582 TYR A CG  1 
ATOM   1576 C CD1 . TYR A 1 218 ? -1.218  12.094  9.072   1.00 19.43  ? 582 TYR A CD1 1 
ATOM   1577 C CD2 . TYR A 1 218 ? -1.266  10.138  7.687   1.00 12.37  ? 582 TYR A CD2 1 
ATOM   1578 C CE1 . TYR A 1 218 ? 0.008   12.481  8.522   1.00 15.49  ? 582 TYR A CE1 1 
ATOM   1579 C CE2 . TYR A 1 218 ? -0.023  10.528  7.120   1.00 13.35  ? 582 TYR A CE2 1 
ATOM   1580 C CZ  . TYR A 1 218 ? 0.594   11.706  7.554   1.00 15.63  ? 582 TYR A CZ  1 
ATOM   1581 O OH  . TYR A 1 218 ? 1.799   12.093  7.026   1.00 17.86  ? 582 TYR A OH  1 
ATOM   1582 N N   . ALA A 1 219 ? -5.075  9.561   7.048   1.00 18.35  ? 583 ALA A N   1 
ATOM   1583 C CA  . ALA A 1 219 ? -5.302  8.892   5.777   1.00 17.12  ? 583 ALA A CA  1 
ATOM   1584 C C   . ALA A 1 219 ? -6.188  9.777   4.912   1.00 15.93  ? 583 ALA A C   1 
ATOM   1585 O O   . ALA A 1 219 ? -5.967  9.914   3.724   1.00 18.17  ? 583 ALA A O   1 
ATOM   1586 C CB  . ALA A 1 219 ? -5.971  7.532   6.015   1.00 16.24  ? 583 ALA A CB  1 
ATOM   1587 N N   . ARG A 1 220 ? -7.210  10.353  5.521   1.00 18.42  ? 584 ARG A N   1 
ATOM   1588 C CA  . ARG A 1 220 ? -8.118  11.228  4.812   1.00 20.28  ? 584 ARG A CA  1 
ATOM   1589 C C   . ARG A 1 220 ? -7.278  12.317  4.127   1.00 22.63  ? 584 ARG A C   1 
ATOM   1590 O O   . ARG A 1 220 ? -7.395  12.525  2.911   1.00 25.00  ? 584 ARG A O   1 
ATOM   1591 C CB  . ARG A 1 220 ? -9.106  11.812  5.808   1.00 19.28  ? 584 ARG A CB  1 
ATOM   1592 C CG  . ARG A 1 220 ? -10.150 12.683  5.204   1.00 20.39  ? 584 ARG A CG  1 
ATOM   1593 C CD  . ARG A 1 220 ? -9.711  14.146  5.217   1.00 29.42  ? 584 ARG A CD  1 
ATOM   1594 N NE  . ARG A 1 220 ? -10.686 14.956  4.504   1.00 30.47  ? 584 ARG A NE  1 
ATOM   1595 C CZ  . ARG A 1 220 ? -11.989 14.949  4.760   1.00 29.12  ? 584 ARG A CZ  1 
ATOM   1596 N NH1 . ARG A 1 220 ? -12.481 14.184  5.716   1.00 34.28  ? 584 ARG A NH1 1 
ATOM   1597 N NH2 . ARG A 1 220 ? -12.805 15.694  4.038   1.00 36.04  ? 584 ARG A NH2 1 
ATOM   1598 N N   . THR A 1 221 ? -6.427  12.998  4.894   1.00 23.70  ? 585 THR A N   1 
ATOM   1599 C CA  . THR A 1 221 ? -5.572  14.015  4.315   1.00 22.31  ? 585 THR A CA  1 
ATOM   1600 C C   . THR A 1 221 ? -4.746  13.391  3.212   1.00 23.03  ? 585 THR A C   1 
ATOM   1601 O O   . THR A 1 221 ? -4.631  13.976  2.136   1.00 25.28  ? 585 THR A O   1 
ATOM   1602 C CB  . THR A 1 221 ? -4.579  14.604  5.328   1.00 22.83  ? 585 THR A CB  1 
ATOM   1603 O OG1 . THR A 1 221 ? -5.292  15.269  6.383   1.00 20.32  ? 585 THR A OG1 1 
ATOM   1604 C CG2 . THR A 1 221 ? -3.625  15.578  4.626   1.00 24.30  ? 585 THR A CG2 1 
ATOM   1605 N N   . MET A 1 222 ? -4.160  12.218  3.459   1.00 23.21  ? 586 MET A N   1 
ATOM   1606 C CA  . MET A 1 222 ? -3.327  11.565  2.427   1.00 24.82  ? 586 MET A CA  1 
ATOM   1607 C C   . MET A 1 222 ? -4.087  11.250  1.147   1.00 24.97  ? 586 MET A C   1 
ATOM   1608 O O   . MET A 1 222 ? -3.537  11.357  0.059   1.00 26.00  ? 586 MET A O   1 
ATOM   1609 C CB  . MET A 1 222 ? -2.721  10.264  2.957   1.00 26.92  ? 586 MET A CB  1 
ATOM   1610 C CG  . MET A 1 222 ? -1.694  10.456  4.062   1.00 27.40  ? 586 MET A CG  1 
ATOM   1611 S SD  . MET A 1 222 ? -0.516  11.744  3.614   1.00 36.19  ? 586 MET A SD  1 
ATOM   1612 C CE  . MET A 1 222 ? -1.112  13.172  4.604   1.00 36.21  ? 586 MET A CE  1 
ATOM   1613 N N   . VAL A 1 223 ? -5.349  10.857  1.278   1.00 24.36  ? 587 VAL A N   1 
ATOM   1614 C CA  . VAL A 1 223 ? -6.127  10.545  0.089   1.00 24.84  ? 587 VAL A CA  1 
ATOM   1615 C C   . VAL A 1 223 ? -6.426  11.835  -0.678  1.00 27.12  ? 587 VAL A C   1 
ATOM   1616 O O   . VAL A 1 223 ? -6.312  11.870  -1.910  1.00 27.73  ? 587 VAL A O   1 
ATOM   1617 C CB  . VAL A 1 223 ? -7.459  9.826   0.431   1.00 24.29  ? 587 VAL A CB  1 
ATOM   1618 C CG1 . VAL A 1 223 ? -8.273  9.597   -0.816  1.00 17.46  ? 587 VAL A CG1 1 
ATOM   1619 C CG2 . VAL A 1 223 ? -7.181  8.492   1.134   1.00 23.70  ? 587 VAL A CG2 1 
ATOM   1620 N N   . ASP A 1 224 ? -6.799  12.901  0.033   1.00 28.74  ? 588 ASP A N   1 
ATOM   1621 C CA  . ASP A 1 224 ? -7.072  14.191  -0.630  1.00 34.27  ? 588 ASP A CA  1 
ATOM   1622 C C   . ASP A 1 224 ? -5.928  14.415  -1.609  1.00 35.16  ? 588 ASP A C   1 
ATOM   1623 O O   . ASP A 1 224 ? -6.105  14.486  -2.820  1.00 37.14  ? 588 ASP A O   1 
ATOM   1624 C CB  . ASP A 1 224 ? -7.079  15.367  0.374   1.00 34.64  ? 588 ASP A CB  1 
ATOM   1625 C CG  . ASP A 1 224 ? -8.409  15.526  1.109   1.00 40.60  ? 588 ASP A CG  1 
ATOM   1626 O OD1 . ASP A 1 224 ? -9.456  15.079  0.587   1.00 48.58  ? 588 ASP A OD1 1 
ATOM   1627 O OD2 . ASP A 1 224 ? -8.412  16.120  2.212   1.00 48.01  ? 588 ASP A OD2 1 
ATOM   1628 N N   . LYS A 1 225 ? -4.743  14.499  -1.034  1.00 35.85  ? 589 LYS A N   1 
ATOM   1629 C CA  . LYS A 1 225 ? -3.501  14.702  -1.747  1.00 34.24  ? 589 LYS A CA  1 
ATOM   1630 C C   . LYS A 1 225 ? -3.304  13.762  -2.948  1.00 33.60  ? 589 LYS A C   1 
ATOM   1631 O O   . LYS A 1 225 ? -2.865  14.202  -4.011  1.00 32.62  ? 589 LYS A O   1 
ATOM   1632 C CB  . LYS A 1 225 ? -2.387  14.560  -0.719  1.00 33.67  ? 589 LYS A CB  1 
ATOM   1633 C CG  . LYS A 1 225 ? -1.024  14.241  -1.228  1.00 34.58  ? 589 LYS A CG  1 
ATOM   1634 C CD  . LYS A 1 225 ? -0.067  14.218  -0.050  1.00 39.92  ? 589 LYS A CD  1 
ATOM   1635 C CE  . LYS A 1 225 ? -0.131  15.541  0.717   1.00 44.52  ? 589 LYS A CE  1 
ATOM   1636 N NZ  . LYS A 1 225 ? 1.115   15.828  1.483   1.00 41.82  ? 589 LYS A NZ  1 
ATOM   1637 N N   . LEU A 1 226 ? -3.618  12.478  -2.789  1.00 32.38  ? 590 LEU A N   1 
ATOM   1638 C CA  . LEU A 1 226 ? -3.458  11.560  -3.906  1.00 31.53  ? 590 LEU A CA  1 
ATOM   1639 C C   . LEU A 1 226 ? -4.324  12.019  -5.060  1.00 35.07  ? 590 LEU A C   1 
ATOM   1640 O O   . LEU A 1 226 ? -4.075  11.683  -6.214  1.00 35.47  ? 590 LEU A O   1 
ATOM   1641 C CB  . LEU A 1 226 ? -3.849  10.130  -3.524  1.00 28.63  ? 590 LEU A CB  1 
ATOM   1642 C CG  . LEU A 1 226 ? -2.827  9.339   -2.713  1.00 24.02  ? 590 LEU A CG  1 
ATOM   1643 C CD1 . LEU A 1 226 ? -3.367  7.968   -2.400  1.00 16.67  ? 590 LEU A CD1 1 
ATOM   1644 C CD2 . LEU A 1 226 ? -1.508  9.262   -3.465  1.00 18.19  ? 590 LEU A CD2 1 
ATOM   1645 N N   . LEU A 1 227 ? -5.354  12.786  -4.740  1.00 39.96  ? 591 LEU A N   1 
ATOM   1646 C CA  . LEU A 1 227 ? -6.273  13.282  -5.748  1.00 46.02  ? 591 LEU A CA  1 
ATOM   1647 C C   . LEU A 1 227 ? -5.872  14.681  -6.166  1.00 51.50  ? 591 LEU A C   1 
ATOM   1648 O O   . LEU A 1 227 ? -6.110  15.081  -7.290  1.00 54.24  ? 591 LEU A O   1 
ATOM   1649 C CB  . LEU A 1 227 ? -7.686  13.296  -5.189  1.00 44.77  ? 591 LEU A CB  1 
ATOM   1650 C CG  . LEU A 1 227 ? -8.318  11.917  -5.013  1.00 47.22  ? 591 LEU A CG  1 
ATOM   1651 C CD1 . LEU A 1 227 ? -9.524  11.980  -4.109  1.00 44.92  ? 591 LEU A CD1 1 
ATOM   1652 C CD2 . LEU A 1 227 ? -8.683  11.360  -6.381  1.00 49.78  ? 591 LEU A CD2 1 
ATOM   1653 N N   . SER A 1 228 ? -5.228  15.398  -5.245  1.00 57.92  ? 592 SER A N   1 
ATOM   1654 C CA  . SER A 1 228 ? -4.754  16.765  -5.476  1.00 62.15  ? 592 SER A CA  1 
ATOM   1655 C C   . SER A 1 228 ? -3.571  16.737  -6.460  1.00 65.41  ? 592 SER A C   1 
ATOM   1656 O O   . SER A 1 228 ? -3.764  16.905  -7.673  1.00 65.19  ? 592 SER A O   1 
ATOM   1657 C CB  . SER A 1 228 ? -4.351  17.458  -4.142  1.00 61.96  ? 592 SER A CB  1 
ATOM   1658 O OG  . SER A 1 228 ? -2.955  17.349  -3.882  1.00 63.52  ? 592 SER A OG  1 
ATOM   1659 N N   . SER A 1 229 ? -2.367  16.467  -5.955  1.00 69.80  ? 593 SER A N   1 
ATOM   1660 C CA  . SER A 1 229 ? -1.168  16.417  -6.786  1.00 73.94  ? 593 SER A CA  1 
ATOM   1661 C C   . SER A 1 229 ? -1.302  15.451  -7.957  1.00 77.41  ? 593 SER A C   1 
ATOM   1662 O O   . SER A 1 229 ? -0.797  15.730  -9.049  1.00 78.23  ? 593 SER A O   1 
ATOM   1663 C CB  . SER A 1 229 ? 0.051   16.035  -5.932  1.00 73.89  ? 593 SER A CB  1 
ATOM   1664 O OG  . SER A 1 229 ? -0.120  14.774  -5.317  1.00 72.37  ? 593 SER A OG  1 
ATOM   1665 N N   . ARG A 1 230 ? -2.001  14.336  -7.719  1.00 81.12  ? 594 ARG A N   1 
ATOM   1666 C CA  . ARG A 1 230 ? -2.225  13.266  -8.709  1.00 83.73  ? 594 ARG A CA  1 
ATOM   1667 C C   . ARG A 1 230 ? -1.905  13.611  -10.170 1.00 84.03  ? 594 ARG A C   1 
ATOM   1668 O O   . ARG A 1 230 ? -2.253  14.727  -10.616 1.00 84.68  ? 594 ARG A O   1 
ATOM   1669 C CB  . ARG A 1 230 ? -3.678  12.774  -8.619  1.00 84.49  ? 594 ARG A CB  1 
ATOM   1670 C CG  . ARG A 1 230 ? -3.984  11.483  -9.388  1.00 88.42  ? 594 ARG A CG  1 
ATOM   1671 C CD  . ARG A 1 230 ? -3.388  10.228  -8.743  1.00 95.88  ? 594 ARG A CD  1 
ATOM   1672 N NE  . ARG A 1 230 ? -1.940  10.105  -8.920  1.00 103.77 ? 594 ARG A NE  1 
ATOM   1673 C CZ  . ARG A 1 230 ? -1.043  10.497  -8.017  1.00 107.74 ? 594 ARG A CZ  1 
ATOM   1674 N NH1 . ARG A 1 230 ? 0.260   10.354  -8.245  1.00 108.62 ? 594 ARG A NH1 1 
ATOM   1675 N NH2 . ARG A 1 230 ? -1.454  11.039  -6.877  1.00 110.78 ? 594 ARG A NH2 1 
ATOM   1676 N N   . LEU B 2 1   ? 17.243  8.277   3.702   1.00 66.96  ? 1   LEU E N   1 
ATOM   1677 C CA  . LEU B 2 1   ? 16.737  7.441   4.823   1.00 68.69  ? 1   LEU E CA  1 
ATOM   1678 C C   . LEU B 2 1   ? 15.587  6.501   4.463   1.00 67.68  ? 1   LEU E C   1 
ATOM   1679 O O   . LEU B 2 1   ? 14.798  6.763   3.546   1.00 68.84  ? 1   LEU E O   1 
ATOM   1680 C CB  . LEU B 2 1   ? 16.258  8.313   6.009   1.00 69.10  ? 1   LEU E CB  1 
ATOM   1681 C CG  . LEU B 2 1   ? 15.176  7.716   6.920   1.00 71.97  ? 1   LEU E CG  1 
ATOM   1682 C CD1 . LEU B 2 1   ? 15.785  7.258   8.239   1.00 75.39  ? 1   LEU E CD1 1 
ATOM   1683 C CD2 . LEU B 2 1   ? 14.067  8.729   7.180   1.00 74.38  ? 1   LEU E CD2 1 
ATOM   1684 N N   . LEU B 2 2   ? 15.525  5.407   5.225   1.00 63.16  ? 2   LEU E N   1 
ATOM   1685 C CA  . LEU B 2 2   ? 14.464  4.404   5.194   1.00 57.22  ? 2   LEU E CA  1 
ATOM   1686 C C   . LEU B 2 2   ? 14.143  3.361   4.102   1.00 54.69  ? 2   LEU E C   1 
ATOM   1687 O O   . LEU B 2 2   ? 14.403  3.509   2.907   1.00 48.47  ? 2   LEU E O   1 
ATOM   1688 C CB  . LEU B 2 2   ? 13.157  5.122   5.629   1.00 54.84  ? 2   LEU E CB  1 
ATOM   1689 C CG  . LEU B 2 2   ? 13.186  5.527   7.112   1.00 47.82  ? 2   LEU E CG  1 
ATOM   1690 C CD1 . LEU B 2 2   ? 11.847  5.940   7.671   1.00 38.33  ? 2   LEU E CD1 1 
ATOM   1691 C CD2 . LEU B 2 2   ? 13.745  4.337   7.874   1.00 49.72  ? 2   LEU E CD2 1 
ATOM   1692 N N   . CYS B 2 3   ? 13.551  2.285   4.625   1.00 54.44  ? 3   CYS E N   1 
ATOM   1693 C CA  . CYS B 2 3   ? 13.069  1.085   3.942   1.00 56.92  ? 3   CYS E CA  1 
ATOM   1694 C C   . CYS B 2 3   ? 12.161  0.382   5.018   1.00 58.24  ? 3   CYS E C   1 
ATOM   1695 O O   . CYS B 2 3   ? 12.249  0.696   6.208   1.00 57.50  ? 3   CYS E O   1 
ATOM   1696 C CB  . CYS B 2 3   ? 14.243  0.192   3.515   1.00 57.14  ? 3   CYS E CB  1 
ATOM   1697 S SG  . CYS B 2 3   ? 15.184  -0.695  4.799   1.00 51.28  ? 3   CYS E SG  1 
ATOM   1698 N N   . SER B 2 4   ? 11.317  -0.552  4.574   1.00 61.18  ? 4   SER E N   1 
ATOM   1699 C CA  . SER B 2 4   ? 10.298  -1.293  5.342   1.00 63.24  ? 4   SER E CA  1 
ATOM   1700 C C   . SER B 2 4   ? 10.376  -1.849  6.769   1.00 69.65  ? 4   SER E C   1 
ATOM   1701 O O   . SER B 2 4   ? 9.323   -2.102  7.361   1.00 72.56  ? 4   SER E O   1 
ATOM   1702 C CB  . SER B 2 4   ? 9.761   -2.429  4.458   1.00 62.17  ? 4   SER E CB  1 
ATOM   1703 O OG  . SER B 2 4   ? 10.829  -3.241  4.018   1.00 55.43  ? 4   SER E OG  1 
ATOM   1704 N N   . THR B 2 5   ? 11.568  -2.092  7.310   1.00 76.95  ? 5   THR E N   1 
ATOM   1705 C CA  . THR B 2 5   ? 11.689  -2.647  8.661   1.00 82.86  ? 5   THR E CA  1 
ATOM   1706 C C   . THR B 2 5   ? 11.828  -4.169  8.660   1.00 87.40  ? 5   THR E C   1 
ATOM   1707 O O   . THR B 2 5   ? 12.179  -4.772  9.683   1.00 88.92  ? 5   THR E O   1 
ATOM   1708 C CB  . THR B 2 5   ? 10.411  -2.336  9.547   1.00 82.35  ? 5   THR E CB  1 
ATOM   1709 O OG1 . THR B 2 5   ? 10.476  -1.010  10.092  1.00 78.94  ? 5   THR E OG1 1 
ATOM   1710 C CG2 . THR B 2 5   ? 10.233  -3.371  10.665  1.00 81.14  ? 5   THR E CG2 1 
ATOM   1711 N N   . PRO B 2 6   ? 11.565  -4.821  7.528   1.00 90.00  ? 6   PRO E N   1 
ATOM   1712 C CA  . PRO B 2 6   ? 11.743  -6.245  7.792   1.00 92.59  ? 6   PRO E CA  1 
ATOM   1713 C C   . PRO B 2 6   ? 13.076  -6.927  8.180   1.00 95.60  ? 6   PRO E C   1 
ATOM   1714 O O   . PRO B 2 6   ? 14.169  -6.675  7.661   1.00 94.53  ? 6   PRO E O   1 
ATOM   1715 C CB  . PRO B 2 6   ? 10.999  -6.874  6.619   1.00 91.85  ? 6   PRO E CB  1 
ATOM   1716 C CG  . PRO B 2 6   ? 9.760   -5.952  6.594   1.00 91.24  ? 6   PRO E CG  1 
ATOM   1717 C CD  . PRO B 2 6   ? 10.463  -4.618  6.572   1.00 90.40  ? 6   PRO E CD  1 
ATOM   1718 N N   . ASN B 2 7   ? 12.870  -7.784  9.179   1.00 98.57  ? 7   ASN E N   1 
ATOM   1719 C CA  . ASN B 2 7   ? 13.788  -8.654  9.918   1.00 99.02  ? 7   ASN E CA  1 
ATOM   1720 C C   . ASN B 2 7   ? 14.082  -7.995  11.230  1.00 99.96  ? 7   ASN E C   1 
ATOM   1721 O O   . ASN B 2 7   ? 13.889  -6.767  11.320  1.00 100.54 ? 7   ASN E O   1 
ATOM   1722 C CB  . ASN B 2 7   ? 15.133  -8.927  9.259   1.00 98.18  ? 7   ASN E CB  1 
ATOM   1723 C CG  . ASN B 2 7   ? 15.646  -10.333 9.594   1.00 96.91  ? 7   ASN E CG  1 
ATOM   1724 O OD1 . ASN B 2 7   ? 15.265  -10.900 10.622  1.00 99.59  ? 7   ASN E OD1 1 
ATOM   1725 N ND2 . ASN B 2 7   ? 16.488  -10.898 8.742   1.00 88.78  ? 7   ASN E ND2 1 
HETATM 1726 O O   . HOH C 3 .   ? 24.151  -0.256  -5.105  1.00 44.61  ? 1   HOH A O   1 
HETATM 1727 O O   . HOH C 3 .   ? -3.354  5.836   -10.751 1.00 42.33  ? 2   HOH A O   1 
HETATM 1728 O O   . HOH C 3 .   ? -1.564  7.710   -7.775  1.00 59.59  ? 3   HOH A O   1 
HETATM 1729 O O   . HOH C 3 .   ? 23.915  -4.499  -3.680  1.00 54.97  ? 4   HOH A O   1 
HETATM 1730 O O   . HOH C 3 .   ? -2.733  -16.069 -9.913  1.00 56.67  ? 5   HOH A O   1 
HETATM 1731 O O   . HOH C 3 .   ? 18.447  11.917  -7.802  1.00 54.89  ? 7   HOH A O   1 
HETATM 1732 O O   . HOH C 3 .   ? 1.031   -14.688 -10.237 1.00 58.71  ? 8   HOH A O   1 
HETATM 1733 O O   . HOH C 3 .   ? -11.354 1.472   -8.257  1.00 43.33  ? 9   HOH A O   1 
HETATM 1734 O O   . HOH C 3 .   ? -3.955  -12.468 2.491   1.00 45.87  ? 10  HOH A O   1 
HETATM 1735 O O   . HOH D 3 .   ? 17.312  4.466   6.385   1.00 49.67  ? 10  HOH E O   1 
# 
loop_
_pdbx_poly_seq_scheme.asym_id 
_pdbx_poly_seq_scheme.entity_id 
_pdbx_poly_seq_scheme.seq_id 
_pdbx_poly_seq_scheme.mon_id 
_pdbx_poly_seq_scheme.ndb_seq_num 
_pdbx_poly_seq_scheme.pdb_seq_num 
_pdbx_poly_seq_scheme.auth_seq_num 
_pdbx_poly_seq_scheme.pdb_mon_id 
_pdbx_poly_seq_scheme.auth_mon_id 
_pdbx_poly_seq_scheme.pdb_strand_id 
_pdbx_poly_seq_scheme.pdb_ins_code 
_pdbx_poly_seq_scheme.hetero 
A 1 1   GLU 1   365 ?   ?   ?   A . n 
A 1 2   THR 2   366 ?   ?   ?   A . n 
A 1 3   GLY 3   367 ?   ?   ?   A . n 
A 1 4   GLU 4   368 ?   ?   ?   A . n 
A 1 5   VAL 5   369 ?   ?   ?   A . n 
A 1 6   VAL 6   370 ?   ?   ?   A . n 
A 1 7   ASP 7   371 ?   ?   ?   A . n 
A 1 8   CYS 8   372 ?   ?   ?   A . n 
A 1 9   HIS 9   373 373 HIS HIS A . n 
A 1 10  LEU 10  374 374 LEU LEU A . n 
A 1 11  SER 11  375 375 SER SER A . n 
A 1 12  ASP 12  376 376 ASP ASP A . n 
A 1 13  MET 13  377 377 MET MET A . n 
A 1 14  LEU 14  378 378 LEU LEU A . n 
A 1 15  GLN 15  379 379 GLN GLN A . n 
A 1 16  GLN 16  380 380 GLN GLN A . n 
A 1 17  LEU 17  381 381 LEU LEU A . n 
A 1 18  HIS 18  382 382 HIS HIS A . n 
A 1 19  SER 19  383 383 SER SER A . n 
A 1 20  VAL 20  384 384 VAL VAL A . n 
A 1 21  ASN 21  385 385 ASN ASN A . n 
A 1 22  ALA 22  386 386 ALA ALA A . n 
A 1 23  SER 23  387 387 SER SER A . n 
A 1 24  LYS 24  388 388 LYS LYS A . n 
A 1 25  PRO 25  389 389 PRO PRO A . n 
A 1 26  SER 26  390 390 SER SER A . n 
A 1 27  GLU 27  391 391 GLU GLU A . n 
A 1 28  ARG 28  392 392 ARG ARG A . n 
A 1 29  GLY 29  393 393 GLY GLY A . n 
A 1 30  LEU 30  394 394 LEU LEU A . n 
A 1 31  VAL 31  395 395 VAL VAL A . n 
A 1 32  ARG 32  396 396 ARG ARG A . n 
A 1 33  GLN 33  397 397 GLN GLN A . n 
A 1 34  GLU 34  398 398 GLU GLU A . n 
A 1 35  GLU 35  399 399 GLU GLU A . n 
A 1 36  ALA 36  400 400 ALA ALA A . n 
A 1 37  GLU 37  401 401 GLU GLU A . n 
A 1 38  ASP 38  402 402 ASP ASP A . n 
A 1 39  PRO 39  403 403 PRO PRO A . n 
A 1 40  ALA 40  404 404 ALA ALA A . n 
A 1 41  CYS 41  405 405 CYS CYS A . n 
A 1 42  ILE 42  406 406 ILE ILE A . n 
A 1 43  PRO 43  407 407 PRO PRO A . n 
A 1 44  ILE 44  408 408 ILE ILE A . n 
A 1 45  PHE 45  409 409 PHE PHE A . n 
A 1 46  TRP 46  410 410 TRP TRP A . n 
A 1 47  VAL 47  411 411 VAL VAL A . n 
A 1 48  SER 48  412 412 SER SER A . n 
A 1 49  LYS 49  413 413 LYS LYS A . n 
A 1 50  TRP 50  414 414 TRP TRP A . n 
A 1 51  VAL 51  415 415 VAL VAL A . n 
A 1 52  ASP 52  416 416 ASP ASP A . n 
A 1 53  TYR 53  417 417 TYR TYR A . n 
A 1 54  SER 54  418 418 SER SER A . n 
A 1 55  ASP 55  419 419 ASP ASP A . n 
A 1 56  LYS 56  420 420 LYS LYS A . n 
A 1 57  TYR 57  421 421 TYR TYR A . n 
A 1 58  GLY 58  422 422 GLY GLY A . n 
A 1 59  LEU 59  423 423 LEU LEU A . n 
A 1 60  GLY 60  424 424 GLY GLY A . n 
A 1 61  TYR 61  425 425 TYR TYR A . n 
A 1 62  GLN 62  426 426 GLN GLN A . n 
A 1 63  LEU 63  427 427 LEU LEU A . n 
A 1 64  CYS 64  428 428 CYS CYS A . n 
A 1 65  ASP 65  429 429 ASP ASP A . n 
A 1 66  ASN 66  430 430 ASN ASN A . n 
A 1 67  SER 67  431 431 SER SER A . n 
A 1 68  VAL 68  432 432 VAL VAL A . n 
A 1 69  GLY 69  433 433 GLY GLY A . n 
A 1 70  VAL 70  434 434 VAL VAL A . n 
A 1 71  LEU 71  435 435 LEU LEU A . n 
A 1 72  PHE 72  436 436 PHE PHE A . n 
A 1 73  ASN 73  437 437 ASN ASN A . n 
A 1 74  ASP 74  438 438 ASP ASP A . n 
A 1 75  SER 75  439 439 SER SER A . n 
A 1 76  THR 76  440 440 THR THR A . n 
A 1 77  ARG 77  441 441 ARG ARG A . n 
A 1 78  LEU 78  442 442 LEU LEU A . n 
A 1 79  ILE 79  443 443 ILE ILE A . n 
A 1 80  LEU 80  444 444 LEU LEU A . n 
A 1 81  TYR 81  445 445 TYR TYR A . n 
A 1 82  ASN 82  446 446 ASN ASN A . n 
A 1 83  ASP 83  447 447 ASP ASP A . n 
A 1 84  GLY 84  448 448 GLY GLY A . n 
A 1 85  ASP 85  449 449 ASP ASP A . n 
A 1 86  SER 86  450 450 SER SER A . n 
A 1 87  LEU 87  451 451 LEU LEU A . n 
A 1 88  GLN 88  452 452 GLN GLN A . n 
A 1 89  TYR 89  453 453 TYR TYR A . n 
A 1 90  ILE 90  454 454 ILE ILE A . n 
A 1 91  GLU 91  455 455 GLU GLU A . n 
A 1 92  ARG 92  456 456 ARG ARG A . n 
A 1 93  ASP 93  457 457 ASP ASP A . n 
A 1 94  GLY 94  458 458 GLY GLY A . n 
A 1 95  THR 95  459 459 THR THR A . n 
A 1 96  GLU 96  460 460 GLU GLU A . n 
A 1 97  SER 97  461 461 SER SER A . n 
A 1 98  TYR 98  462 462 TYR TYR A . n 
A 1 99  LEU 99  463 463 LEU LEU A . n 
A 1 100 THR 100 464 464 THR THR A . n 
A 1 101 VAL 101 465 465 VAL VAL A . n 
A 1 102 SER 102 466 466 SER SER A . n 
A 1 103 SER 103 467 467 SER SER A . n 
A 1 104 HIS 104 468 468 HIS HIS A . n 
A 1 105 PRO 105 469 469 PRO PRO A . n 
A 1 106 ASN 106 470 470 ASN ASN A . n 
A 1 107 SER 107 471 471 SER SER A . n 
A 1 108 LEU 108 472 472 LEU LEU A . n 
A 1 109 MET 109 473 473 MET MET A . n 
A 1 110 LYS 110 474 474 LYS LYS A . n 
A 1 111 LYS 111 475 475 LYS LYS A . n 
A 1 112 ILE 112 476 476 ILE ILE A . n 
A 1 113 THR 113 477 477 THR THR A . n 
A 1 114 LEU 114 478 478 LEU LEU A . n 
A 1 115 LEU 115 479 479 LEU LEU A . n 
A 1 116 LYS 116 480 480 LYS LYS A . n 
A 1 117 TYR 117 481 481 TYR TYR A . n 
A 1 118 PHE 118 482 482 PHE PHE A . n 
A 1 119 ARG 119 483 483 ARG ARG A . n 
A 1 120 ASN 120 484 484 ASN ASN A . n 
A 1 121 TYR 121 485 485 TYR TYR A . n 
A 1 122 MET 122 486 486 MET MET A . n 
A 1 123 SER 123 487 487 SER SER A . n 
A 1 124 GLU 124 488 488 GLU GLU A . n 
A 1 125 HIS 125 489 ?   ?   ?   A . n 
A 1 126 LEU 126 490 ?   ?   ?   A . n 
A 1 127 LEU 127 491 ?   ?   ?   A . n 
A 1 128 LYS 128 492 ?   ?   ?   A . n 
A 1 129 ALA 129 493 ?   ?   ?   A . n 
A 1 130 GLY 130 494 ?   ?   ?   A . n 
A 1 131 ALA 131 495 ?   ?   ?   A . n 
A 1 132 ASN 132 496 ?   ?   ?   A . n 
A 1 133 ILE 133 497 ?   ?   ?   A . n 
A 1 134 THR 134 498 ?   ?   ?   A . n 
A 1 135 PRO 135 499 ?   ?   ?   A . n 
A 1 136 ARG 136 500 ?   ?   ?   A . n 
A 1 137 GLU 137 501 ?   ?   ?   A . n 
A 1 138 GLY 138 502 ?   ?   ?   A . n 
A 1 139 ASP 139 503 ?   ?   ?   A . n 
A 1 140 GLU 140 504 ?   ?   ?   A . n 
A 1 141 LEU 141 505 ?   ?   ?   A . n 
A 1 142 ALA 142 506 ?   ?   ?   A . n 
A 1 143 ARG 143 507 507 ARG ARG A . n 
A 1 144 LEU 144 508 508 LEU LEU A . n 
A 1 145 PRO 145 509 509 PRO PRO A . n 
A 1 146 TYR 146 510 510 TYR TYR A . n 
A 1 147 LEU 147 511 511 LEU LEU A . n 
A 1 148 ARG 148 512 512 ARG ARG A . n 
A 1 149 THR 149 513 513 THR THR A . n 
A 1 150 TRP 150 514 514 TRP TRP A . n 
A 1 151 PHE 151 515 515 PHE PHE A . n 
A 1 152 ARG 152 516 516 ARG ARG A . n 
A 1 153 THR 153 517 517 THR THR A . n 
A 1 154 ARG 154 518 518 ARG ARG A . n 
A 1 155 SER 155 519 519 SER SER A . n 
A 1 156 ALA 156 520 520 ALA ALA A . n 
A 1 157 ILE 157 521 521 ILE ILE A . n 
A 1 158 ILE 158 522 522 ILE ILE A . n 
A 1 159 LEU 159 523 523 LEU LEU A . n 
A 1 160 HIS 160 524 524 HIS HIS A . n 
A 1 161 LEU 161 525 525 LEU LEU A . n 
A 1 162 SER 162 526 526 SER SER A . n 
A 1 163 ASN 163 527 527 ASN ASN A . n 
A 1 164 GLY 164 528 528 GLY GLY A . n 
A 1 165 SER 165 529 529 SER SER A . n 
A 1 166 VAL 166 530 530 VAL VAL A . n 
A 1 167 GLN 167 531 531 GLN GLN A . n 
A 1 168 ILE 168 532 532 ILE ILE A . n 
A 1 169 ASN 169 533 533 ASN ASN A . n 
A 1 170 PHE 170 534 534 PHE PHE A . n 
A 1 171 PHE 171 535 535 PHE PHE A . n 
A 1 172 GLN 172 536 536 GLN GLN A . n 
A 1 173 ASP 173 537 537 ASP ASP A . n 
A 1 174 HIS 174 538 538 HIS HIS A . n 
A 1 175 THR 175 539 539 THR THR A . n 
A 1 176 LYS 176 540 540 LYS LYS A . n 
A 1 177 LEU 177 541 541 LEU LEU A . n 
A 1 178 ILE 178 542 542 ILE ILE A . n 
A 1 179 LEU 179 543 543 LEU LEU A . n 
A 1 180 CYS 180 544 544 CYS CYS A . n 
A 1 181 PRO 181 545 545 PRO PRO A . n 
A 1 182 LEU 182 546 546 LEU LEU A . n 
A 1 183 MET 183 547 547 MET MET A . n 
A 1 184 ALA 184 548 548 ALA ALA A . n 
A 1 185 ALA 185 549 549 ALA ALA A . n 
A 1 186 VAL 186 550 550 VAL VAL A . n 
A 1 187 THR 187 551 551 THR THR A . n 
A 1 188 TYR 188 552 552 TYR TYR A . n 
A 1 189 ILE 189 553 553 ILE ILE A . n 
A 1 190 ASP 190 554 554 ASP ASP A . n 
A 1 191 GLU 191 555 555 GLU GLU A . n 
A 1 192 LYS 192 556 556 LYS LYS A . n 
A 1 193 ARG 193 557 557 ARG ARG A . n 
A 1 194 ASP 194 558 558 ASP ASP A . n 
A 1 195 PHE 195 559 559 PHE PHE A . n 
A 1 196 ARG 196 560 560 ARG ARG A . n 
A 1 197 THR 197 561 561 THR THR A . n 
A 1 198 TYR 198 562 562 TYR TYR A . n 
A 1 199 ARG 199 563 563 ARG ARG A . n 
A 1 200 LEU 200 564 564 LEU LEU A . n 
A 1 201 SER 201 565 565 SER SER A . n 
A 1 202 LEU 202 566 566 LEU LEU A . n 
A 1 203 LEU 203 567 567 LEU LEU A . n 
A 1 204 GLU 204 568 568 GLU GLU A . n 
A 1 205 GLU 205 569 569 GLU GLU A . n 
A 1 206 TYR 206 570 570 TYR TYR A . n 
A 1 207 GLY 207 571 571 GLY GLY A . n 
A 1 208 CYS 208 572 572 CYS CYS A . n 
A 1 209 CYS 209 573 573 CYS CYS A . n 
A 1 210 LYS 210 574 574 LYS LYS A . n 
A 1 211 GLU 211 575 575 GLU GLU A . n 
A 1 212 LEU 212 576 576 LEU LEU A . n 
A 1 213 ALA 213 577 577 ALA ALA A . n 
A 1 214 SER 214 578 578 SER SER A . n 
A 1 215 ARG 215 579 579 ARG ARG A . n 
A 1 216 LEU 216 580 580 LEU LEU A . n 
A 1 217 ARG 217 581 581 ARG ARG A . n 
A 1 218 TYR 218 582 582 TYR TYR A . n 
A 1 219 ALA 219 583 583 ALA ALA A . n 
A 1 220 ARG 220 584 584 ARG ARG A . n 
A 1 221 THR 221 585 585 THR THR A . n 
A 1 222 MET 222 586 586 MET MET A . n 
A 1 223 VAL 223 587 587 VAL VAL A . n 
A 1 224 ASP 224 588 588 ASP ASP A . n 
A 1 225 LYS 225 589 589 LYS LYS A . n 
A 1 226 LEU 226 590 590 LEU LEU A . n 
A 1 227 LEU 227 591 591 LEU LEU A . n 
A 1 228 SER 228 592 592 SER SER A . n 
A 1 229 SER 229 593 593 SER SER A . n 
A 1 230 ARG 230 594 594 ARG ARG A . n 
A 1 231 SER 231 595 ?   ?   ?   A . n 
A 1 232 ALA 232 596 ?   ?   ?   A . n 
A 1 233 SER 233 597 ?   ?   ?   A . n 
A 1 234 ASN 234 598 ?   ?   ?   A . n 
A 1 235 ARG 235 599 ?   ?   ?   A . n 
A 1 236 LEU 236 600 ?   ?   ?   A . n 
A 1 237 LYS 237 601 ?   ?   ?   A . n 
A 1 238 ALA 238 602 ?   ?   ?   A . n 
A 1 239 SER 239 603 ?   ?   ?   A . n 
B 2 1   LEU 1   1   1   LEU LEU E . n 
B 2 2   LEU 2   2   2   LEU LEU E . n 
B 2 3   CYS 3   3   3   CYS CYS E . n 
B 2 4   SER 4   4   4   SER SER E . n 
B 2 5   THR 5   5   5   THR THR E . n 
B 2 6   PRO 6   6   6   PRO PRO E . n 
B 2 7   ASN 7   7   7   ASN ASN E . n 
B 2 8   GLY 8   8   ?   ?   ?   E . n 
B 2 9   LEU 9   9   ?   ?   ?   E . n 
# 
loop_
_pdbx_nonpoly_scheme.asym_id 
_pdbx_nonpoly_scheme.entity_id 
_pdbx_nonpoly_scheme.mon_id 
_pdbx_nonpoly_scheme.ndb_seq_num 
_pdbx_nonpoly_scheme.pdb_seq_num 
_pdbx_nonpoly_scheme.auth_seq_num 
_pdbx_nonpoly_scheme.pdb_mon_id 
_pdbx_nonpoly_scheme.auth_mon_id 
_pdbx_nonpoly_scheme.pdb_strand_id 
_pdbx_nonpoly_scheme.pdb_ins_code 
C 3 HOH 1 1  1  HOH WAT A . 
C 3 HOH 2 2  2  HOH WAT A . 
C 3 HOH 3 3  3  HOH WAT A . 
C 3 HOH 4 4  4  HOH WAT A . 
C 3 HOH 5 5  5  HOH WAT A . 
C 3 HOH 6 7  7  HOH WAT A . 
C 3 HOH 7 8  8  HOH WAT A . 
C 3 HOH 8 9  9  HOH WAT A . 
C 3 HOH 9 10 10 HOH WAT A . 
D 3 HOH 1 10 6  HOH WAT E . 
# 
_pdbx_struct_assembly.id                   1 
_pdbx_struct_assembly.details              author_defined_assembly 
_pdbx_struct_assembly.method_details       ? 
_pdbx_struct_assembly.oligomeric_details   dimeric 
_pdbx_struct_assembly.oligomeric_count     2 
# 
_pdbx_struct_assembly_gen.assembly_id       1 
_pdbx_struct_assembly_gen.oper_expression   1 
_pdbx_struct_assembly_gen.asym_id_list      A,B,C,D 
# 
_pdbx_struct_oper_list.id                   1 
_pdbx_struct_oper_list.type                 'identity operation' 
_pdbx_struct_oper_list.name                 1_555 
_pdbx_struct_oper_list.symmetry_operation   x,y,z 
_pdbx_struct_oper_list.matrix[1][1]         1.0000000000 
_pdbx_struct_oper_list.matrix[1][2]         0.0000000000 
_pdbx_struct_oper_list.matrix[1][3]         0.0000000000 
_pdbx_struct_oper_list.vector[1]            0.0000000000 
_pdbx_struct_oper_list.matrix[2][1]         0.0000000000 
_pdbx_struct_oper_list.matrix[2][2]         1.0000000000 
_pdbx_struct_oper_list.matrix[2][3]         0.0000000000 
_pdbx_struct_oper_list.vector[2]            0.0000000000 
_pdbx_struct_oper_list.matrix[3][1]         0.0000000000 
_pdbx_struct_oper_list.matrix[3][2]         0.0000000000 
_pdbx_struct_oper_list.matrix[3][3]         1.0000000000 
_pdbx_struct_oper_list.vector[3]            0.0000000000 
# 
loop_
_pdbx_audit_revision_history.ordinal 
_pdbx_audit_revision_history.data_content_type 
_pdbx_audit_revision_history.major_revision 
_pdbx_audit_revision_history.minor_revision 
_pdbx_audit_revision_history.revision_date 
1 'Structure model' 1 0 2007-02-13 
2 'Structure model' 1 1 2007-10-29 
3 'Structure model' 1 2 2011-07-13 
4 'Structure model' 1 3 2023-08-30 
# 
_pdbx_audit_revision_details.ordinal             1 
_pdbx_audit_revision_details.revision_ordinal    1 
_pdbx_audit_revision_details.data_content_type   'Structure model' 
_pdbx_audit_revision_details.provider            repository 
_pdbx_audit_revision_details.type                'Initial release' 
_pdbx_audit_revision_details.description         ? 
_pdbx_audit_revision_details.details             ? 
# 
loop_
_pdbx_audit_revision_group.ordinal 
_pdbx_audit_revision_group.revision_ordinal 
_pdbx_audit_revision_group.data_content_type 
_pdbx_audit_revision_group.group 
1 2 'Structure model' 'Version format compliance' 
2 3 'Structure model' 'Version format compliance' 
3 4 'Structure model' 'Data collection'           
4 4 'Structure model' 'Database references'       
5 4 'Structure model' 'Refinement description'    
# 
loop_
_pdbx_audit_revision_category.ordinal 
_pdbx_audit_revision_category.revision_ordinal 
_pdbx_audit_revision_category.data_content_type 
_pdbx_audit_revision_category.category 
1 4 'Structure model' chem_comp_atom                
2 4 'Structure model' chem_comp_bond                
3 4 'Structure model' database_2                    
4 4 'Structure model' pdbx_initial_refinement_model 
# 
loop_
_pdbx_audit_revision_item.ordinal 
_pdbx_audit_revision_item.revision_ordinal 
_pdbx_audit_revision_item.data_content_type 
_pdbx_audit_revision_item.item 
1 4 'Structure model' '_database_2.pdbx_DOI'                
2 4 'Structure model' '_database_2.pdbx_database_accession' 
# 
loop_
_software.name 
_software.classification 
_software.version 
_software.citation_id 
_software.pdbx_ordinal 
REFMAC refinement       5.0       ? 1 
MOSFLM 'data reduction' .         ? 2 
CCP4   'data scaling'   '(SCALA)' ? 3 
# 
loop_
_pdbx_validate_rmsd_angle.id 
_pdbx_validate_rmsd_angle.PDB_model_num 
_pdbx_validate_rmsd_angle.auth_atom_id_1 
_pdbx_validate_rmsd_angle.auth_asym_id_1 
_pdbx_validate_rmsd_angle.auth_comp_id_1 
_pdbx_validate_rmsd_angle.auth_seq_id_1 
_pdbx_validate_rmsd_angle.PDB_ins_code_1 
_pdbx_validate_rmsd_angle.label_alt_id_1 
_pdbx_validate_rmsd_angle.auth_atom_id_2 
_pdbx_validate_rmsd_angle.auth_asym_id_2 
_pdbx_validate_rmsd_angle.auth_comp_id_2 
_pdbx_validate_rmsd_angle.auth_seq_id_2 
_pdbx_validate_rmsd_angle.PDB_ins_code_2 
_pdbx_validate_rmsd_angle.label_alt_id_2 
_pdbx_validate_rmsd_angle.auth_atom_id_3 
_pdbx_validate_rmsd_angle.auth_asym_id_3 
_pdbx_validate_rmsd_angle.auth_comp_id_3 
_pdbx_validate_rmsd_angle.auth_seq_id_3 
_pdbx_validate_rmsd_angle.PDB_ins_code_3 
_pdbx_validate_rmsd_angle.label_alt_id_3 
_pdbx_validate_rmsd_angle.angle_value 
_pdbx_validate_rmsd_angle.angle_target_value 
_pdbx_validate_rmsd_angle.angle_deviation 
_pdbx_validate_rmsd_angle.angle_standard_deviation 
_pdbx_validate_rmsd_angle.linker_flag 
1 1 C A LEU 508 ? ? N  A PRO 509 ? ? CA A PRO 509 ? ? 128.45 119.30 9.15   1.50 Y 
2 1 N A THR 517 ? ? CA A THR 517 ? ? C  A THR 517 ? ? 93.30  111.00 -17.70 2.70 N 
3 1 N E LEU 2   ? ? CA E LEU 2   ? ? C  E LEU 2   ? ? 129.07 111.00 18.07  2.70 N 
4 1 N E SER 4   ? ? CA E SER 4   ? ? C  E SER 4   ? ? 129.15 111.00 18.15  2.70 N 
5 1 C E THR 5   ? ? N  E PRO 6   ? ? CA E PRO 6   ? ? 107.41 119.30 -11.89 1.50 Y 
# 
loop_
_pdbx_validate_torsion.id 
_pdbx_validate_torsion.PDB_model_num 
_pdbx_validate_torsion.auth_comp_id 
_pdbx_validate_torsion.auth_asym_id 
_pdbx_validate_torsion.auth_seq_id 
_pdbx_validate_torsion.PDB_ins_code 
_pdbx_validate_torsion.label_alt_id 
_pdbx_validate_torsion.phi 
_pdbx_validate_torsion.psi 
1  1 ARG A 396 ? ? -105.67 69.03   
2  1 ASP A 402 ? ? -165.05 95.11   
3  1 LYS A 420 ? ? -106.68 -65.63  
4  1 ARG A 456 ? ? -48.06  -17.65  
5  1 LEU A 463 ? ? -109.57 -151.17 
6  1 PRO A 469 ? ? -26.73  87.52   
7  1 ASN A 470 ? ? -9.04   -90.01  
8  1 THR A 513 ? ? 176.72  176.53  
9  1 PHE A 515 ? ? 165.56  141.91  
10 1 HIS A 538 ? ? 56.73   16.06   
11 1 ARG A 557 ? ? 91.03   26.75   
12 1 GLU A 575 ? ? 93.46   -65.41  
13 1 SER A 592 ? ? -70.52  -82.62  
14 1 LEU E 2   ? ? 70.63   152.22  
15 1 SER E 4   ? ? -38.89  -22.54  
16 1 THR E 5   ? ? 94.68   -12.93  
# 
loop_
_pdbx_unobs_or_zero_occ_residues.id 
_pdbx_unobs_or_zero_occ_residues.PDB_model_num 
_pdbx_unobs_or_zero_occ_residues.polymer_flag 
_pdbx_unobs_or_zero_occ_residues.occupancy_flag 
_pdbx_unobs_or_zero_occ_residues.auth_asym_id 
_pdbx_unobs_or_zero_occ_residues.auth_comp_id 
_pdbx_unobs_or_zero_occ_residues.auth_seq_id 
_pdbx_unobs_or_zero_occ_residues.PDB_ins_code 
_pdbx_unobs_or_zero_occ_residues.label_asym_id 
_pdbx_unobs_or_zero_occ_residues.label_comp_id 
_pdbx_unobs_or_zero_occ_residues.label_seq_id 
1  1 Y 1 A GLU 365 ? A GLU 1   
2  1 Y 1 A THR 366 ? A THR 2   
3  1 Y 1 A GLY 367 ? A GLY 3   
4  1 Y 1 A GLU 368 ? A GLU 4   
5  1 Y 1 A VAL 369 ? A VAL 5   
6  1 Y 1 A VAL 370 ? A VAL 6   
7  1 Y 1 A ASP 371 ? A ASP 7   
8  1 Y 1 A CYS 372 ? A CYS 8   
9  1 Y 1 A HIS 489 ? A HIS 125 
10 1 Y 1 A LEU 490 ? A LEU 126 
11 1 Y 1 A LEU 491 ? A LEU 127 
12 1 Y 1 A LYS 492 ? A LYS 128 
13 1 Y 1 A ALA 493 ? A ALA 129 
14 1 Y 1 A GLY 494 ? A GLY 130 
15 1 Y 1 A ALA 495 ? A ALA 131 
16 1 Y 1 A ASN 496 ? A ASN 132 
17 1 Y 1 A ILE 497 ? A ILE 133 
18 1 Y 1 A THR 498 ? A THR 134 
19 1 Y 1 A PRO 499 ? A PRO 135 
20 1 Y 1 A ARG 500 ? A ARG 136 
21 1 Y 1 A GLU 501 ? A GLU 137 
22 1 Y 1 A GLY 502 ? A GLY 138 
23 1 Y 1 A ASP 503 ? A ASP 139 
24 1 Y 1 A GLU 504 ? A GLU 140 
25 1 Y 1 A LEU 505 ? A LEU 141 
26 1 Y 1 A ALA 506 ? A ALA 142 
27 1 Y 1 A SER 595 ? A SER 231 
28 1 Y 1 A ALA 596 ? A ALA 232 
29 1 Y 1 A SER 597 ? A SER 233 
30 1 Y 1 A ASN 598 ? A ASN 234 
31 1 Y 1 A ARG 599 ? A ARG 235 
32 1 Y 1 A LEU 600 ? A LEU 236 
33 1 Y 1 A LYS 601 ? A LYS 237 
34 1 Y 1 A ALA 602 ? A ALA 238 
35 1 Y 1 A SER 603 ? A SER 239 
36 1 Y 1 E GLY 8   ? B GLY 8   
37 1 Y 1 E LEU 9   ? B LEU 9   
# 
loop_
_chem_comp_atom.comp_id 
_chem_comp_atom.atom_id 
_chem_comp_atom.type_symbol 
_chem_comp_atom.pdbx_aromatic_flag 
_chem_comp_atom.pdbx_stereo_config 
_chem_comp_atom.pdbx_ordinal 
ALA N    N N N 1   
ALA CA   C N S 2   
ALA C    C N N 3   
ALA O    O N N 4   
ALA CB   C N N 5   
ALA OXT  O N N 6   
ALA H    H N N 7   
ALA H2   H N N 8   
ALA HA   H N N 9   
ALA HB1  H N N 10  
ALA HB2  H N N 11  
ALA HB3  H N N 12  
ALA HXT  H N N 13  
ARG N    N N N 14  
ARG CA   C N S 15  
ARG C    C N N 16  
ARG O    O N N 17  
ARG CB   C N N 18  
ARG CG   C N N 19  
ARG CD   C N N 20  
ARG NE   N N N 21  
ARG CZ   C N N 22  
ARG NH1  N N N 23  
ARG NH2  N N N 24  
ARG OXT  O N N 25  
ARG H    H N N 26  
ARG H2   H N N 27  
ARG HA   H N N 28  
ARG HB2  H N N 29  
ARG HB3  H N N 30  
ARG HG2  H N N 31  
ARG HG3  H N N 32  
ARG HD2  H N N 33  
ARG HD3  H N N 34  
ARG HE   H N N 35  
ARG HH11 H N N 36  
ARG HH12 H N N 37  
ARG HH21 H N N 38  
ARG HH22 H N N 39  
ARG HXT  H N N 40  
ASN N    N N N 41  
ASN CA   C N S 42  
ASN C    C N N 43  
ASN O    O N N 44  
ASN CB   C N N 45  
ASN CG   C N N 46  
ASN OD1  O N N 47  
ASN ND2  N N N 48  
ASN OXT  O N N 49  
ASN H    H N N 50  
ASN H2   H N N 51  
ASN HA   H N N 52  
ASN HB2  H N N 53  
ASN HB3  H N N 54  
ASN HD21 H N N 55  
ASN HD22 H N N 56  
ASN HXT  H N N 57  
ASP N    N N N 58  
ASP CA   C N S 59  
ASP C    C N N 60  
ASP O    O N N 61  
ASP CB   C N N 62  
ASP CG   C N N 63  
ASP OD1  O N N 64  
ASP OD2  O N N 65  
ASP OXT  O N N 66  
ASP H    H N N 67  
ASP H2   H N N 68  
ASP HA   H N N 69  
ASP HB2  H N N 70  
ASP HB3  H N N 71  
ASP HD2  H N N 72  
ASP HXT  H N N 73  
CYS N    N N N 74  
CYS CA   C N R 75  
CYS C    C N N 76  
CYS O    O N N 77  
CYS CB   C N N 78  
CYS SG   S N N 79  
CYS OXT  O N N 80  
CYS H    H N N 81  
CYS H2   H N N 82  
CYS HA   H N N 83  
CYS HB2  H N N 84  
CYS HB3  H N N 85  
CYS HG   H N N 86  
CYS HXT  H N N 87  
GLN N    N N N 88  
GLN CA   C N S 89  
GLN C    C N N 90  
GLN O    O N N 91  
GLN CB   C N N 92  
GLN CG   C N N 93  
GLN CD   C N N 94  
GLN OE1  O N N 95  
GLN NE2  N N N 96  
GLN OXT  O N N 97  
GLN H    H N N 98  
GLN H2   H N N 99  
GLN HA   H N N 100 
GLN HB2  H N N 101 
GLN HB3  H N N 102 
GLN HG2  H N N 103 
GLN HG3  H N N 104 
GLN HE21 H N N 105 
GLN HE22 H N N 106 
GLN HXT  H N N 107 
GLU N    N N N 108 
GLU CA   C N S 109 
GLU C    C N N 110 
GLU O    O N N 111 
GLU CB   C N N 112 
GLU CG   C N N 113 
GLU CD   C N N 114 
GLU OE1  O N N 115 
GLU OE2  O N N 116 
GLU OXT  O N N 117 
GLU H    H N N 118 
GLU H2   H N N 119 
GLU HA   H N N 120 
GLU HB2  H N N 121 
GLU HB3  H N N 122 
GLU HG2  H N N 123 
GLU HG3  H N N 124 
GLU HE2  H N N 125 
GLU HXT  H N N 126 
GLY N    N N N 127 
GLY CA   C N N 128 
GLY C    C N N 129 
GLY O    O N N 130 
GLY OXT  O N N 131 
GLY H    H N N 132 
GLY H2   H N N 133 
GLY HA2  H N N 134 
GLY HA3  H N N 135 
GLY HXT  H N N 136 
HIS N    N N N 137 
HIS CA   C N S 138 
HIS C    C N N 139 
HIS O    O N N 140 
HIS CB   C N N 141 
HIS CG   C Y N 142 
HIS ND1  N Y N 143 
HIS CD2  C Y N 144 
HIS CE1  C Y N 145 
HIS NE2  N Y N 146 
HIS OXT  O N N 147 
HIS H    H N N 148 
HIS H2   H N N 149 
HIS HA   H N N 150 
HIS HB2  H N N 151 
HIS HB3  H N N 152 
HIS HD1  H N N 153 
HIS HD2  H N N 154 
HIS HE1  H N N 155 
HIS HE2  H N N 156 
HIS HXT  H N N 157 
HOH O    O N N 158 
HOH H1   H N N 159 
HOH H2   H N N 160 
ILE N    N N N 161 
ILE CA   C N S 162 
ILE C    C N N 163 
ILE O    O N N 164 
ILE CB   C N S 165 
ILE CG1  C N N 166 
ILE CG2  C N N 167 
ILE CD1  C N N 168 
ILE OXT  O N N 169 
ILE H    H N N 170 
ILE H2   H N N 171 
ILE HA   H N N 172 
ILE HB   H N N 173 
ILE HG12 H N N 174 
ILE HG13 H N N 175 
ILE HG21 H N N 176 
ILE HG22 H N N 177 
ILE HG23 H N N 178 
ILE HD11 H N N 179 
ILE HD12 H N N 180 
ILE HD13 H N N 181 
ILE HXT  H N N 182 
LEU N    N N N 183 
LEU CA   C N S 184 
LEU C    C N N 185 
LEU O    O N N 186 
LEU CB   C N N 187 
LEU CG   C N N 188 
LEU CD1  C N N 189 
LEU CD2  C N N 190 
LEU OXT  O N N 191 
LEU H    H N N 192 
LEU H2   H N N 193 
LEU HA   H N N 194 
LEU HB2  H N N 195 
LEU HB3  H N N 196 
LEU HG   H N N 197 
LEU HD11 H N N 198 
LEU HD12 H N N 199 
LEU HD13 H N N 200 
LEU HD21 H N N 201 
LEU HD22 H N N 202 
LEU HD23 H N N 203 
LEU HXT  H N N 204 
LYS N    N N N 205 
LYS CA   C N S 206 
LYS C    C N N 207 
LYS O    O N N 208 
LYS CB   C N N 209 
LYS CG   C N N 210 
LYS CD   C N N 211 
LYS CE   C N N 212 
LYS NZ   N N N 213 
LYS OXT  O N N 214 
LYS H    H N N 215 
LYS H2   H N N 216 
LYS HA   H N N 217 
LYS HB2  H N N 218 
LYS HB3  H N N 219 
LYS HG2  H N N 220 
LYS HG3  H N N 221 
LYS HD2  H N N 222 
LYS HD3  H N N 223 
LYS HE2  H N N 224 
LYS HE3  H N N 225 
LYS HZ1  H N N 226 
LYS HZ2  H N N 227 
LYS HZ3  H N N 228 
LYS HXT  H N N 229 
MET N    N N N 230 
MET CA   C N S 231 
MET C    C N N 232 
MET O    O N N 233 
MET CB   C N N 234 
MET CG   C N N 235 
MET SD   S N N 236 
MET CE   C N N 237 
MET OXT  O N N 238 
MET H    H N N 239 
MET H2   H N N 240 
MET HA   H N N 241 
MET HB2  H N N 242 
MET HB3  H N N 243 
MET HG2  H N N 244 
MET HG3  H N N 245 
MET HE1  H N N 246 
MET HE2  H N N 247 
MET HE3  H N N 248 
MET HXT  H N N 249 
PHE N    N N N 250 
PHE CA   C N S 251 
PHE C    C N N 252 
PHE O    O N N 253 
PHE CB   C N N 254 
PHE CG   C Y N 255 
PHE CD1  C Y N 256 
PHE CD2  C Y N 257 
PHE CE1  C Y N 258 
PHE CE2  C Y N 259 
PHE CZ   C Y N 260 
PHE OXT  O N N 261 
PHE H    H N N 262 
PHE H2   H N N 263 
PHE HA   H N N 264 
PHE HB2  H N N 265 
PHE HB3  H N N 266 
PHE HD1  H N N 267 
PHE HD2  H N N 268 
PHE HE1  H N N 269 
PHE HE2  H N N 270 
PHE HZ   H N N 271 
PHE HXT  H N N 272 
PRO N    N N N 273 
PRO CA   C N S 274 
PRO C    C N N 275 
PRO O    O N N 276 
PRO CB   C N N 277 
PRO CG   C N N 278 
PRO CD   C N N 279 
PRO OXT  O N N 280 
PRO H    H N N 281 
PRO HA   H N N 282 
PRO HB2  H N N 283 
PRO HB3  H N N 284 
PRO HG2  H N N 285 
PRO HG3  H N N 286 
PRO HD2  H N N 287 
PRO HD3  H N N 288 
PRO HXT  H N N 289 
SER N    N N N 290 
SER CA   C N S 291 
SER C    C N N 292 
SER O    O N N 293 
SER CB   C N N 294 
SER OG   O N N 295 
SER OXT  O N N 296 
SER H    H N N 297 
SER H2   H N N 298 
SER HA   H N N 299 
SER HB2  H N N 300 
SER HB3  H N N 301 
SER HG   H N N 302 
SER HXT  H N N 303 
THR N    N N N 304 
THR CA   C N S 305 
THR C    C N N 306 
THR O    O N N 307 
THR CB   C N R 308 
THR OG1  O N N 309 
THR CG2  C N N 310 
THR OXT  O N N 311 
THR H    H N N 312 
THR H2   H N N 313 
THR HA   H N N 314 
THR HB   H N N 315 
THR HG1  H N N 316 
THR HG21 H N N 317 
THR HG22 H N N 318 
THR HG23 H N N 319 
THR HXT  H N N 320 
TRP N    N N N 321 
TRP CA   C N S 322 
TRP C    C N N 323 
TRP O    O N N 324 
TRP CB   C N N 325 
TRP CG   C Y N 326 
TRP CD1  C Y N 327 
TRP CD2  C Y N 328 
TRP NE1  N Y N 329 
TRP CE2  C Y N 330 
TRP CE3  C Y N 331 
TRP CZ2  C Y N 332 
TRP CZ3  C Y N 333 
TRP CH2  C Y N 334 
TRP OXT  O N N 335 
TRP H    H N N 336 
TRP H2   H N N 337 
TRP HA   H N N 338 
TRP HB2  H N N 339 
TRP HB3  H N N 340 
TRP HD1  H N N 341 
TRP HE1  H N N 342 
TRP HE3  H N N 343 
TRP HZ2  H N N 344 
TRP HZ3  H N N 345 
TRP HH2  H N N 346 
TRP HXT  H N N 347 
TYR N    N N N 348 
TYR CA   C N S 349 
TYR C    C N N 350 
TYR O    O N N 351 
TYR CB   C N N 352 
TYR CG   C Y N 353 
TYR CD1  C Y N 354 
TYR CD2  C Y N 355 
TYR CE1  C Y N 356 
TYR CE2  C Y N 357 
TYR CZ   C Y N 358 
TYR OH   O N N 359 
TYR OXT  O N N 360 
TYR H    H N N 361 
TYR H2   H N N 362 
TYR HA   H N N 363 
TYR HB2  H N N 364 
TYR HB3  H N N 365 
TYR HD1  H N N 366 
TYR HD2  H N N 367 
TYR HE1  H N N 368 
TYR HE2  H N N 369 
TYR HH   H N N 370 
TYR HXT  H N N 371 
VAL N    N N N 372 
VAL CA   C N S 373 
VAL C    C N N 374 
VAL O    O N N 375 
VAL CB   C N N 376 
VAL CG1  C N N 377 
VAL CG2  C N N 378 
VAL OXT  O N N 379 
VAL H    H N N 380 
VAL H2   H N N 381 
VAL HA   H N N 382 
VAL HB   H N N 383 
VAL HG11 H N N 384 
VAL HG12 H N N 385 
VAL HG13 H N N 386 
VAL HG21 H N N 387 
VAL HG22 H N N 388 
VAL HG23 H N N 389 
VAL HXT  H N N 390 
# 
loop_
_chem_comp_bond.comp_id 
_chem_comp_bond.atom_id_1 
_chem_comp_bond.atom_id_2 
_chem_comp_bond.value_order 
_chem_comp_bond.pdbx_aromatic_flag 
_chem_comp_bond.pdbx_stereo_config 
_chem_comp_bond.pdbx_ordinal 
ALA N   CA   sing N N 1   
ALA N   H    sing N N 2   
ALA N   H2   sing N N 3   
ALA CA  C    sing N N 4   
ALA CA  CB   sing N N 5   
ALA CA  HA   sing N N 6   
ALA C   O    doub N N 7   
ALA C   OXT  sing N N 8   
ALA CB  HB1  sing N N 9   
ALA CB  HB2  sing N N 10  
ALA CB  HB3  sing N N 11  
ALA OXT HXT  sing N N 12  
ARG N   CA   sing N N 13  
ARG N   H    sing N N 14  
ARG N   H2   sing N N 15  
ARG CA  C    sing N N 16  
ARG CA  CB   sing N N 17  
ARG CA  HA   sing N N 18  
ARG C   O    doub N N 19  
ARG C   OXT  sing N N 20  
ARG CB  CG   sing N N 21  
ARG CB  HB2  sing N N 22  
ARG CB  HB3  sing N N 23  
ARG CG  CD   sing N N 24  
ARG CG  HG2  sing N N 25  
ARG CG  HG3  sing N N 26  
ARG CD  NE   sing N N 27  
ARG CD  HD2  sing N N 28  
ARG CD  HD3  sing N N 29  
ARG NE  CZ   sing N N 30  
ARG NE  HE   sing N N 31  
ARG CZ  NH1  sing N N 32  
ARG CZ  NH2  doub N N 33  
ARG NH1 HH11 sing N N 34  
ARG NH1 HH12 sing N N 35  
ARG NH2 HH21 sing N N 36  
ARG NH2 HH22 sing N N 37  
ARG OXT HXT  sing N N 38  
ASN N   CA   sing N N 39  
ASN N   H    sing N N 40  
ASN N   H2   sing N N 41  
ASN CA  C    sing N N 42  
ASN CA  CB   sing N N 43  
ASN CA  HA   sing N N 44  
ASN C   O    doub N N 45  
ASN C   OXT  sing N N 46  
ASN CB  CG   sing N N 47  
ASN CB  HB2  sing N N 48  
ASN CB  HB3  sing N N 49  
ASN CG  OD1  doub N N 50  
ASN CG  ND2  sing N N 51  
ASN ND2 HD21 sing N N 52  
ASN ND2 HD22 sing N N 53  
ASN OXT HXT  sing N N 54  
ASP N   CA   sing N N 55  
ASP N   H    sing N N 56  
ASP N   H2   sing N N 57  
ASP CA  C    sing N N 58  
ASP CA  CB   sing N N 59  
ASP CA  HA   sing N N 60  
ASP C   O    doub N N 61  
ASP C   OXT  sing N N 62  
ASP CB  CG   sing N N 63  
ASP CB  HB2  sing N N 64  
ASP CB  HB3  sing N N 65  
ASP CG  OD1  doub N N 66  
ASP CG  OD2  sing N N 67  
ASP OD2 HD2  sing N N 68  
ASP OXT HXT  sing N N 69  
CYS N   CA   sing N N 70  
CYS N   H    sing N N 71  
CYS N   H2   sing N N 72  
CYS CA  C    sing N N 73  
CYS CA  CB   sing N N 74  
CYS CA  HA   sing N N 75  
CYS C   O    doub N N 76  
CYS C   OXT  sing N N 77  
CYS CB  SG   sing N N 78  
CYS CB  HB2  sing N N 79  
CYS CB  HB3  sing N N 80  
CYS SG  HG   sing N N 81  
CYS OXT HXT  sing N N 82  
GLN N   CA   sing N N 83  
GLN N   H    sing N N 84  
GLN N   H2   sing N N 85  
GLN CA  C    sing N N 86  
GLN CA  CB   sing N N 87  
GLN CA  HA   sing N N 88  
GLN C   O    doub N N 89  
GLN C   OXT  sing N N 90  
GLN CB  CG   sing N N 91  
GLN CB  HB2  sing N N 92  
GLN CB  HB3  sing N N 93  
GLN CG  CD   sing N N 94  
GLN CG  HG2  sing N N 95  
GLN CG  HG3  sing N N 96  
GLN CD  OE1  doub N N 97  
GLN CD  NE2  sing N N 98  
GLN NE2 HE21 sing N N 99  
GLN NE2 HE22 sing N N 100 
GLN OXT HXT  sing N N 101 
GLU N   CA   sing N N 102 
GLU N   H    sing N N 103 
GLU N   H2   sing N N 104 
GLU CA  C    sing N N 105 
GLU CA  CB   sing N N 106 
GLU CA  HA   sing N N 107 
GLU C   O    doub N N 108 
GLU C   OXT  sing N N 109 
GLU CB  CG   sing N N 110 
GLU CB  HB2  sing N N 111 
GLU CB  HB3  sing N N 112 
GLU CG  CD   sing N N 113 
GLU CG  HG2  sing N N 114 
GLU CG  HG3  sing N N 115 
GLU CD  OE1  doub N N 116 
GLU CD  OE2  sing N N 117 
GLU OE2 HE2  sing N N 118 
GLU OXT HXT  sing N N 119 
GLY N   CA   sing N N 120 
GLY N   H    sing N N 121 
GLY N   H2   sing N N 122 
GLY CA  C    sing N N 123 
GLY CA  HA2  sing N N 124 
GLY CA  HA3  sing N N 125 
GLY C   O    doub N N 126 
GLY C   OXT  sing N N 127 
GLY OXT HXT  sing N N 128 
HIS N   CA   sing N N 129 
HIS N   H    sing N N 130 
HIS N   H2   sing N N 131 
HIS CA  C    sing N N 132 
HIS CA  CB   sing N N 133 
HIS CA  HA   sing N N 134 
HIS C   O    doub N N 135 
HIS C   OXT  sing N N 136 
HIS CB  CG   sing N N 137 
HIS CB  HB2  sing N N 138 
HIS CB  HB3  sing N N 139 
HIS CG  ND1  sing Y N 140 
HIS CG  CD2  doub Y N 141 
HIS ND1 CE1  doub Y N 142 
HIS ND1 HD1  sing N N 143 
HIS CD2 NE2  sing Y N 144 
HIS CD2 HD2  sing N N 145 
HIS CE1 NE2  sing Y N 146 
HIS CE1 HE1  sing N N 147 
HIS NE2 HE2  sing N N 148 
HIS OXT HXT  sing N N 149 
HOH O   H1   sing N N 150 
HOH O   H2   sing N N 151 
ILE N   CA   sing N N 152 
ILE N   H    sing N N 153 
ILE N   H2   sing N N 154 
ILE CA  C    sing N N 155 
ILE CA  CB   sing N N 156 
ILE CA  HA   sing N N 157 
ILE C   O    doub N N 158 
ILE C   OXT  sing N N 159 
ILE CB  CG1  sing N N 160 
ILE CB  CG2  sing N N 161 
ILE CB  HB   sing N N 162 
ILE CG1 CD1  sing N N 163 
ILE CG1 HG12 sing N N 164 
ILE CG1 HG13 sing N N 165 
ILE CG2 HG21 sing N N 166 
ILE CG2 HG22 sing N N 167 
ILE CG2 HG23 sing N N 168 
ILE CD1 HD11 sing N N 169 
ILE CD1 HD12 sing N N 170 
ILE CD1 HD13 sing N N 171 
ILE OXT HXT  sing N N 172 
LEU N   CA   sing N N 173 
LEU N   H    sing N N 174 
LEU N   H2   sing N N 175 
LEU CA  C    sing N N 176 
LEU CA  CB   sing N N 177 
LEU CA  HA   sing N N 178 
LEU C   O    doub N N 179 
LEU C   OXT  sing N N 180 
LEU CB  CG   sing N N 181 
LEU CB  HB2  sing N N 182 
LEU CB  HB3  sing N N 183 
LEU CG  CD1  sing N N 184 
LEU CG  CD2  sing N N 185 
LEU CG  HG   sing N N 186 
LEU CD1 HD11 sing N N 187 
LEU CD1 HD12 sing N N 188 
LEU CD1 HD13 sing N N 189 
LEU CD2 HD21 sing N N 190 
LEU CD2 HD22 sing N N 191 
LEU CD2 HD23 sing N N 192 
LEU OXT HXT  sing N N 193 
LYS N   CA   sing N N 194 
LYS N   H    sing N N 195 
LYS N   H2   sing N N 196 
LYS CA  C    sing N N 197 
LYS CA  CB   sing N N 198 
LYS CA  HA   sing N N 199 
LYS C   O    doub N N 200 
LYS C   OXT  sing N N 201 
LYS CB  CG   sing N N 202 
LYS CB  HB2  sing N N 203 
LYS CB  HB3  sing N N 204 
LYS CG  CD   sing N N 205 
LYS CG  HG2  sing N N 206 
LYS CG  HG3  sing N N 207 
LYS CD  CE   sing N N 208 
LYS CD  HD2  sing N N 209 
LYS CD  HD3  sing N N 210 
LYS CE  NZ   sing N N 211 
LYS CE  HE2  sing N N 212 
LYS CE  HE3  sing N N 213 
LYS NZ  HZ1  sing N N 214 
LYS NZ  HZ2  sing N N 215 
LYS NZ  HZ3  sing N N 216 
LYS OXT HXT  sing N N 217 
MET N   CA   sing N N 218 
MET N   H    sing N N 219 
MET N   H2   sing N N 220 
MET CA  C    sing N N 221 
MET CA  CB   sing N N 222 
MET CA  HA   sing N N 223 
MET C   O    doub N N 224 
MET C   OXT  sing N N 225 
MET CB  CG   sing N N 226 
MET CB  HB2  sing N N 227 
MET CB  HB3  sing N N 228 
MET CG  SD   sing N N 229 
MET CG  HG2  sing N N 230 
MET CG  HG3  sing N N 231 
MET SD  CE   sing N N 232 
MET CE  HE1  sing N N 233 
MET CE  HE2  sing N N 234 
MET CE  HE3  sing N N 235 
MET OXT HXT  sing N N 236 
PHE N   CA   sing N N 237 
PHE N   H    sing N N 238 
PHE N   H2   sing N N 239 
PHE CA  C    sing N N 240 
PHE CA  CB   sing N N 241 
PHE CA  HA   sing N N 242 
PHE C   O    doub N N 243 
PHE C   OXT  sing N N 244 
PHE CB  CG   sing N N 245 
PHE CB  HB2  sing N N 246 
PHE CB  HB3  sing N N 247 
PHE CG  CD1  doub Y N 248 
PHE CG  CD2  sing Y N 249 
PHE CD1 CE1  sing Y N 250 
PHE CD1 HD1  sing N N 251 
PHE CD2 CE2  doub Y N 252 
PHE CD2 HD2  sing N N 253 
PHE CE1 CZ   doub Y N 254 
PHE CE1 HE1  sing N N 255 
PHE CE2 CZ   sing Y N 256 
PHE CE2 HE2  sing N N 257 
PHE CZ  HZ   sing N N 258 
PHE OXT HXT  sing N N 259 
PRO N   CA   sing N N 260 
PRO N   CD   sing N N 261 
PRO N   H    sing N N 262 
PRO CA  C    sing N N 263 
PRO CA  CB   sing N N 264 
PRO CA  HA   sing N N 265 
PRO C   O    doub N N 266 
PRO C   OXT  sing N N 267 
PRO CB  CG   sing N N 268 
PRO CB  HB2  sing N N 269 
PRO CB  HB3  sing N N 270 
PRO CG  CD   sing N N 271 
PRO CG  HG2  sing N N 272 
PRO CG  HG3  sing N N 273 
PRO CD  HD2  sing N N 274 
PRO CD  HD3  sing N N 275 
PRO OXT HXT  sing N N 276 
SER N   CA   sing N N 277 
SER N   H    sing N N 278 
SER N   H2   sing N N 279 
SER CA  C    sing N N 280 
SER CA  CB   sing N N 281 
SER CA  HA   sing N N 282 
SER C   O    doub N N 283 
SER C   OXT  sing N N 284 
SER CB  OG   sing N N 285 
SER CB  HB2  sing N N 286 
SER CB  HB3  sing N N 287 
SER OG  HG   sing N N 288 
SER OXT HXT  sing N N 289 
THR N   CA   sing N N 290 
THR N   H    sing N N 291 
THR N   H2   sing N N 292 
THR CA  C    sing N N 293 
THR CA  CB   sing N N 294 
THR CA  HA   sing N N 295 
THR C   O    doub N N 296 
THR C   OXT  sing N N 297 
THR CB  OG1  sing N N 298 
THR CB  CG2  sing N N 299 
THR CB  HB   sing N N 300 
THR OG1 HG1  sing N N 301 
THR CG2 HG21 sing N N 302 
THR CG2 HG22 sing N N 303 
THR CG2 HG23 sing N N 304 
THR OXT HXT  sing N N 305 
TRP N   CA   sing N N 306 
TRP N   H    sing N N 307 
TRP N   H2   sing N N 308 
TRP CA  C    sing N N 309 
TRP CA  CB   sing N N 310 
TRP CA  HA   sing N N 311 
TRP C   O    doub N N 312 
TRP C   OXT  sing N N 313 
TRP CB  CG   sing N N 314 
TRP CB  HB2  sing N N 315 
TRP CB  HB3  sing N N 316 
TRP CG  CD1  doub Y N 317 
TRP CG  CD2  sing Y N 318 
TRP CD1 NE1  sing Y N 319 
TRP CD1 HD1  sing N N 320 
TRP CD2 CE2  doub Y N 321 
TRP CD2 CE3  sing Y N 322 
TRP NE1 CE2  sing Y N 323 
TRP NE1 HE1  sing N N 324 
TRP CE2 CZ2  sing Y N 325 
TRP CE3 CZ3  doub Y N 326 
TRP CE3 HE3  sing N N 327 
TRP CZ2 CH2  doub Y N 328 
TRP CZ2 HZ2  sing N N 329 
TRP CZ3 CH2  sing Y N 330 
TRP CZ3 HZ3  sing N N 331 
TRP CH2 HH2  sing N N 332 
TRP OXT HXT  sing N N 333 
TYR N   CA   sing N N 334 
TYR N   H    sing N N 335 
TYR N   H2   sing N N 336 
TYR CA  C    sing N N 337 
TYR CA  CB   sing N N 338 
TYR CA  HA   sing N N 339 
TYR C   O    doub N N 340 
TYR C   OXT  sing N N 341 
TYR CB  CG   sing N N 342 
TYR CB  HB2  sing N N 343 
TYR CB  HB3  sing N N 344 
TYR CG  CD1  doub Y N 345 
TYR CG  CD2  sing Y N 346 
TYR CD1 CE1  sing Y N 347 
TYR CD1 HD1  sing N N 348 
TYR CD2 CE2  doub Y N 349 
TYR CD2 HD2  sing N N 350 
TYR CE1 CZ   doub Y N 351 
TYR CE1 HE1  sing N N 352 
TYR CE2 CZ   sing Y N 353 
TYR CE2 HE2  sing N N 354 
TYR CZ  OH   sing N N 355 
TYR OH  HH   sing N N 356 
TYR OXT HXT  sing N N 357 
VAL N   CA   sing N N 358 
VAL N   H    sing N N 359 
VAL N   H2   sing N N 360 
VAL CA  C    sing N N 361 
VAL CA  CB   sing N N 362 
VAL CA  HA   sing N N 363 
VAL C   O    doub N N 364 
VAL C   OXT  sing N N 365 
VAL CB  CG1  sing N N 366 
VAL CB  CG2  sing N N 367 
VAL CB  HB   sing N N 368 
VAL CG1 HG11 sing N N 369 
VAL CG1 HG12 sing N N 370 
VAL CG1 HG13 sing N N 371 
VAL CG2 HG21 sing N N 372 
VAL CG2 HG22 sing N N 373 
VAL CG2 HG23 sing N N 374 
VAL OXT HXT  sing N N 375 
# 
_pdbx_entity_nonpoly.entity_id   3 
_pdbx_entity_nonpoly.name        water 
_pdbx_entity_nonpoly.comp_id     HOH 
# 
_pdbx_initial_refinement_model.id               1 
_pdbx_initial_refinement_model.entity_id_list   ? 
_pdbx_initial_refinement_model.type             'experimental model' 
_pdbx_initial_refinement_model.source_name      PDB 
_pdbx_initial_refinement_model.accession_code   1UMW 
_pdbx_initial_refinement_model.details          'PDB ENTRY 1UMW' 
# 
